data_7QO1
#
_entry.id   7QO1
#
loop_
_entity.id
_entity.type
_entity.pdbx_description
1 polymer 'DNA ligase 1'
2 polymer 'Proliferating cell nuclear antigen'
3 polymer Oligo19ddC
4 polymer Oligo13P
5 polymer Oligo32
6 polymer 'Flap endonuclease 1'
7 non-polymer 'ADENOSINE MONOPHOSPHATE'
#
loop_
_entity_poly.entity_id
_entity_poly.type
_entity_poly.pdbx_seq_one_letter_code
_entity_poly.pdbx_strand_id
1 'polypeptide(L)'
;CKESLTEAEVATEKEGEDGDQPTTPPKPLKTSKAETPTESVSEPEVATKQELQEEEEQTKPPRRAPKTLSSFFTPRKPAV
KKEVKEEEPGAPGKEGAAEGPLDPSGYNPAKNNYHPVEDACWKPGQKVPYLAVARTFEKIEEVSARLRMVETLSNLLRSV
VALSPPDLLPVLYLSLNHLGPPQQGLELGVGDGVLLKAVAQATGRQLESVRAEAAEKGDVGLVAENSRSTQRLMLPPPPL
TASGVFSKFRDIARLTGSASTAKKIDIIKGLFVACRHSEARFIARSLSGRLRLGLAEQSVLAALSQAVSLTPPGQEFPPA
MVDAGKGKTAEARKTWLEEQGMILKQTFCEVPDLDRIIPVLLEHGLERLPEHCKLSPGIPLKPMLAHPTRGISEVLKRFE
EAAFTCEYKYDGQRAQIHALEGGEVKIFSRNQEDNTGKYPDIISRIPKIKLPSVTSFILDTEAVAWDREKKQIQPFQVLT
TRKRKEVDASEIQVQVCLYAFDLIYLNGESLVREPLSRRRQLLRENFVETEGEFVFATSLDTKDIEQIAEFLEQSVKDSC
EGLMVKTLDVDATYEIAKRSHNWLKLKKDYLDGVGDTLDLVVIGAYLGRGKRAGRYGGFLLASYDEDSEELQAICKLGTG
FSDEELEEHHQSLKALVLPSPRPYVRIDGAVIPDHWLDPSAVWEVKCADLSLSPIYPAARGLVDSDKGISLRFPRFIRVR
EDKQPEQATTSAQVACLYRKQSQIQNQQGEDSGSDPEDTY
;
A
2 'polypeptide(L)'
;GPHMFEARLVQGSILKKVLEALKDLINEACWDISSSGVNLQSMDSSHVSLVQLTLRSEGFDTYRCDRNLAMGVNLTSMSK
ILKCAGNEDIITLRAEDNADTLALVFEAPNQEKVSDYEMKLMDLDVEQLGIPEQEYSCVVKMPSGEFARICRDLSHIGDA
VVISCAKDGVKFSASGELGNGNIKLSQTSNVDKEEEAVTIEMNEPVQLTFALRYLNFFTKATPLSSTVTLSMSADVPLVV
EYKIADMGHLKYYLAPKIEDEEGS
;
B,F,G
3 'polydeoxyribonucleotide' (DG)(DC)(DT)(DT)(DC)(DT)(DG)(DT)(DG)(DC)(DT)(DG)(DA)(DT)(DG)(DC)(DG)(DT)(DOC) H
4 'polydeoxyribonucleotide' (DG)(DT)(DC)(DG)(DG)(DA)(DC)(DT)(DG)(DA)(DA)(DC)(DC) I
5 'polydeoxyribonucleotide'
;(DG)(DG)(DT)(DT)(DC)(DA)(DG)(DT)(DC)(DC)(DG)(DA)(DC)(DG)(DA)(DC)(DG)(DC)(DA)(DT)
(DC)(DA)(DG)(DC)(DA)(DC)(DA)(DG)(DA)(DA)(DG)(DC)
;
J
6 'polypeptide(L)'
;MGIQGLAKLIADVAPSAIRENDIKSYFGRKVAIDASMSIYQFLIAVRQGGDVLQNEEGETTSHLMGMFYRTIRMMENGIK
PVYVFDGKPPQLKSGELAKRSERRAEAEKQLQQAQAAGAEQEVEKFTKRLVKVTKQHNDECKHLLSLMGIPYLDAPSEAE
ASCAALVKAGKVYAAATEDMACLTFGSPVLMRHLTASEAKKLPIQEFHLSRILQELGLNQEQFVDLCILLGSDYCESIRG
IGPKRAVDLIQKHKSIEEIVRRLDPNKYPVPENWLHKEAHQLFLEPEVLDPESVELKWSEPNEEELIKFMCGEKQFSEER
IRSGVKRLSKSRQGSTQGRLDDFFKVTGSLSSAKRKEPEPKGSTKKKAKTGAAGKFKRGK
;
Y
#
loop_
_chem_comp.id
_chem_comp.type
_chem_comp.name
_chem_comp.formula
AMP non-polymer 'ADENOSINE MONOPHOSPHATE' 'C10 H14 N5 O7 P'
DA DNA linking 2'-DEOXYADENOSINE-5'-MONOPHOSPHATE 'C10 H14 N5 O6 P'
DC DNA linking 2'-DEOXYCYTIDINE-5'-MONOPHOSPHATE 'C9 H14 N3 O7 P'
DG DNA linking 2'-DEOXYGUANOSINE-5'-MONOPHOSPHATE 'C10 H14 N5 O7 P'
DOC DNA linking 2',3'-DIDEOXYCYTIDINE-5'-MONOPHOSPHATE 'C9 H14 N3 O6 P'
DT DNA linking THYMIDINE-5'-MONOPHOSPHATE 'C10 H15 N2 O8 P'
#
# COMPACT_ATOMS: atom_id res chain seq x y z
N ASP A 103 35.26 -34.34 -0.03
CA ASP A 103 35.38 -33.13 0.82
C ASP A 103 35.57 -31.84 0.00
N PRO A 104 34.51 -31.08 -0.30
CA PRO A 104 34.66 -29.79 -0.98
C PRO A 104 35.16 -28.65 -0.07
N SER A 105 35.35 -28.85 1.24
CA SER A 105 35.73 -27.77 2.16
C SER A 105 37.11 -27.16 1.90
N GLY A 106 38.00 -27.93 1.26
CA GLY A 106 39.30 -27.47 0.76
C GLY A 106 39.42 -27.50 -0.76
N TYR A 107 38.29 -27.59 -1.48
CA TYR A 107 38.27 -27.73 -2.94
C TYR A 107 38.94 -26.54 -3.58
N ASN A 108 40.03 -26.78 -4.32
CA ASN A 108 40.94 -25.73 -4.78
C ASN A 108 41.13 -25.78 -6.30
N PRO A 109 40.35 -24.99 -7.06
CA PRO A 109 40.53 -24.84 -8.49
C PRO A 109 41.64 -23.83 -8.85
N ALA A 110 42.19 -23.12 -7.87
CA ALA A 110 43.37 -22.26 -8.06
C ALA A 110 44.69 -23.05 -8.18
N LYS A 111 44.71 -24.32 -7.77
CA LYS A 111 45.81 -25.26 -8.02
C LYS A 111 46.15 -25.30 -9.52
N ASN A 112 47.43 -25.22 -9.83
CA ASN A 112 47.93 -25.41 -11.19
C ASN A 112 47.53 -26.78 -11.77
N ASN A 113 47.40 -26.87 -13.10
CA ASN A 113 47.08 -28.11 -13.81
C ASN A 113 45.92 -28.89 -13.19
N TYR A 114 44.71 -28.36 -13.30
CA TYR A 114 43.50 -29.06 -12.87
C TYR A 114 43.21 -30.28 -13.76
N HIS A 115 42.94 -31.43 -13.14
CA HIS A 115 42.46 -32.61 -13.86
C HIS A 115 40.94 -32.70 -13.74
N PRO A 116 40.19 -32.81 -14.86
CA PRO A 116 38.73 -32.78 -14.85
C PRO A 116 38.05 -33.79 -13.94
N VAL A 117 38.63 -34.98 -13.75
CA VAL A 117 38.07 -36.01 -12.87
C VAL A 117 38.89 -36.18 -11.59
N GLU A 118 40.22 -36.12 -11.64
CA GLU A 118 41.03 -36.49 -10.48
C GLU A 118 41.02 -35.47 -9.35
N ASP A 119 40.75 -34.20 -9.64
CA ASP A 119 40.80 -33.15 -8.63
C ASP A 119 39.41 -32.65 -8.17
N ALA A 120 38.33 -33.21 -8.71
CA ALA A 120 36.95 -32.95 -8.28
C ALA A 120 36.64 -33.47 -6.86
N CYS A 121 35.47 -33.14 -6.32
CA CYS A 121 35.02 -33.58 -5.00
C CYS A 121 33.57 -34.11 -4.99
N TRP A 122 33.24 -34.91 -5.99
CA TRP A 122 32.08 -35.80 -6.01
C TRP A 122 32.37 -36.94 -6.99
N LYS A 123 31.62 -38.05 -6.91
CA LYS A 123 31.77 -39.14 -7.88
C LYS A 123 30.94 -38.84 -9.13
N PRO A 124 31.37 -39.29 -10.31
CA PRO A 124 30.60 -39.17 -11.55
C PRO A 124 29.22 -39.80 -11.46
N GLY A 125 28.31 -39.36 -12.32
CA GLY A 125 26.88 -39.65 -12.25
C GLY A 125 26.11 -38.84 -11.18
N GLN A 126 26.76 -38.40 -10.11
CA GLN A 126 26.11 -37.61 -9.06
C GLN A 126 25.78 -36.20 -9.53
N LYS A 127 24.70 -35.62 -9.02
CA LYS A 127 24.37 -34.20 -9.27
C LYS A 127 25.38 -33.30 -8.60
N VAL A 128 25.82 -32.26 -9.27
CA VAL A 128 26.96 -31.43 -8.87
C VAL A 128 26.67 -30.74 -7.54
N PRO A 129 27.56 -30.85 -6.53
CA PRO A 129 27.34 -30.25 -5.23
C PRO A 129 27.40 -28.72 -5.33
N TYR A 130 26.35 -28.02 -4.93
CA TYR A 130 26.36 -26.57 -4.99
C TYR A 130 27.47 -25.95 -4.15
N LEU A 131 27.92 -26.60 -3.08
CA LEU A 131 29.04 -26.14 -2.25
C LEU A 131 30.27 -25.84 -3.11
N ALA A 132 30.64 -26.70 -4.06
CA ALA A 132 31.78 -26.44 -4.92
C ALA A 132 31.57 -25.17 -5.77
N VAL A 133 30.38 -24.98 -6.36
CA VAL A 133 30.04 -23.76 -7.11
C VAL A 133 30.26 -22.54 -6.21
N ALA A 134 29.80 -22.57 -4.97
CA ALA A 134 30.07 -21.50 -4.03
C ALA A 134 31.57 -21.31 -3.75
N ARG A 135 32.35 -22.38 -3.55
CA ARG A 135 33.80 -22.26 -3.34
C ARG A 135 34.49 -21.60 -4.52
N THR A 136 34.07 -21.98 -5.73
CA THR A 136 34.63 -21.45 -6.97
C THR A 136 34.27 -19.98 -7.19
N PHE A 137 33.05 -19.56 -6.87
CA PHE A 137 32.67 -18.15 -6.89
C PHE A 137 33.50 -17.35 -5.89
N GLU A 138 33.75 -17.86 -4.69
CA GLU A 138 34.66 -17.23 -3.74
C GLU A 138 36.11 -17.16 -4.25
N LYS A 139 36.56 -18.12 -5.04
CA LYS A 139 37.89 -18.03 -5.64
C LYS A 139 37.93 -17.02 -6.79
N ILE A 140 36.87 -16.90 -7.58
CA ILE A 140 36.79 -15.90 -8.65
C ILE A 140 36.84 -14.49 -8.07
N GLU A 141 36.00 -14.17 -7.08
CA GLU A 141 35.96 -12.81 -6.53
C GLU A 141 37.28 -12.41 -5.85
N GLU A 142 38.00 -13.36 -5.26
CA GLU A 142 39.34 -13.13 -4.71
C GLU A 142 40.39 -12.73 -5.77
N VAL A 143 40.11 -12.93 -7.06
CA VAL A 143 41.01 -12.64 -8.18
C VAL A 143 40.53 -11.40 -8.93
N SER A 144 41.49 -10.56 -9.32
CA SER A 144 41.22 -9.34 -10.09
C SER A 144 41.42 -9.52 -11.61
N ALA A 145 42.40 -10.34 -12.02
CA ALA A 145 42.75 -10.55 -13.42
C ALA A 145 41.63 -11.22 -14.24
N ARG A 146 41.09 -10.55 -15.26
CA ARG A 146 39.96 -11.09 -16.04
C ARG A 146 40.27 -12.43 -16.71
N LEU A 147 41.40 -12.60 -17.40
CA LEU A 147 41.67 -13.87 -18.09
C LEU A 147 41.85 -15.03 -17.09
N ARG A 148 42.35 -14.76 -15.88
CA ARG A 148 42.40 -15.77 -14.79
C ARG A 148 41.02 -16.18 -14.27
N MET A 149 40.07 -15.25 -14.27
CA MET A 149 38.68 -15.58 -13.97
C MET A 149 38.05 -16.47 -15.05
N VAL A 150 38.21 -16.12 -16.33
CA VAL A 150 37.72 -16.98 -17.43
C VAL A 150 38.39 -18.35 -17.38
N GLU A 151 39.67 -18.41 -17.01
CA GLU A 151 40.37 -19.67 -16.75
C GLU A 151 39.66 -20.49 -15.65
N THR A 152 39.46 -19.94 -14.46
CA THR A 152 38.83 -20.68 -13.35
C THR A 152 37.41 -21.10 -13.67
N LEU A 153 36.64 -20.30 -14.37
CA LEU A 153 35.33 -20.76 -14.79
C LEU A 153 35.44 -21.85 -15.86
N SER A 154 36.43 -21.78 -16.76
CA SER A 154 36.60 -22.82 -17.78
C SER A 154 37.01 -24.15 -17.12
N ASN A 155 37.89 -24.09 -16.12
CA ASN A 155 38.25 -25.22 -15.27
C ASN A 155 36.99 -25.94 -14.76
N LEU A 156 36.07 -25.19 -14.16
CA LEU A 156 34.85 -25.77 -13.61
C LEU A 156 33.87 -26.24 -14.66
N LEU A 157 33.67 -25.51 -15.75
CA LEU A 157 32.83 -26.00 -16.85
C LEU A 157 33.37 -27.30 -17.42
N ARG A 158 34.70 -27.44 -17.50
CA ARG A 158 35.38 -28.66 -17.95
C ARG A 158 35.11 -29.80 -16.98
N SER A 159 35.24 -29.54 -15.69
CA SER A 159 34.90 -30.53 -14.67
C SER A 159 33.47 -31.02 -14.82
N VAL A 160 32.50 -30.12 -14.97
CA VAL A 160 31.10 -30.50 -15.13
C VAL A 160 30.87 -31.37 -16.36
N VAL A 161 31.37 -30.99 -17.53
CA VAL A 161 31.19 -31.81 -18.74
C VAL A 161 31.99 -33.10 -18.72
N ALA A 162 32.97 -33.24 -17.82
CA ALA A 162 33.68 -34.49 -17.59
C ALA A 162 32.93 -35.45 -16.67
N LEU A 163 32.41 -34.98 -15.52
CA LEU A 163 31.73 -35.84 -14.55
C LEU A 163 30.21 -35.95 -14.76
N SER A 164 29.52 -34.83 -14.91
CA SER A 164 28.06 -34.76 -14.91
C SER A 164 27.59 -33.87 -16.07
N PRO A 165 27.71 -34.31 -17.32
CA PRO A 165 27.31 -33.49 -18.46
C PRO A 165 25.90 -32.89 -18.37
N PRO A 166 24.87 -33.59 -17.84
CA PRO A 166 23.52 -33.02 -17.75
C PRO A 166 23.40 -31.81 -16.83
N ASP A 167 24.31 -31.68 -15.84
CA ASP A 167 24.39 -30.52 -14.94
C ASP A 167 25.06 -29.30 -15.57
N LEU A 168 25.40 -29.34 -16.86
CA LEU A 168 25.90 -28.17 -17.57
C LEU A 168 24.91 -27.00 -17.52
N LEU A 169 23.72 -27.17 -18.09
CA LEU A 169 22.79 -26.06 -18.33
C LEU A 169 22.47 -25.25 -17.07
N PRO A 170 22.22 -25.85 -15.90
CA PRO A 170 21.99 -25.08 -14.67
C PRO A 170 23.20 -24.30 -14.20
N VAL A 171 24.41 -24.86 -14.21
CA VAL A 171 25.56 -24.14 -13.63
C VAL A 171 25.97 -22.93 -14.48
N LEU A 172 25.66 -22.94 -15.78
CA LEU A 172 25.71 -21.71 -16.59
C LEU A 172 24.84 -20.64 -15.95
N TYR A 173 23.55 -20.86 -15.75
CA TYR A 173 22.69 -19.89 -15.08
C TYR A 173 23.06 -19.60 -13.63
N LEU A 174 23.65 -20.53 -12.89
CA LEU A 174 24.21 -20.18 -11.58
C LEU A 174 25.33 -19.14 -11.70
N SER A 175 26.02 -19.04 -12.83
CA SER A 175 27.03 -18.00 -13.09
C SER A 175 26.51 -16.83 -13.93
N LEU A 176 25.53 -17.07 -14.80
CA LEU A 176 24.92 -16.11 -15.72
C LEU A 176 23.72 -15.39 -15.11
N ASN A 177 23.26 -15.86 -13.95
CA ASN A 177 22.19 -15.35 -13.10
C ASN A 177 20.78 -15.35 -13.71
N HIS A 178 20.68 -15.39 -15.04
CA HIS A 178 19.45 -15.52 -15.80
C HIS A 178 18.73 -16.81 -15.53
N LEU A 179 17.41 -16.83 -15.71
CA LEU A 179 16.55 -17.95 -15.35
C LEU A 179 15.95 -18.71 -16.55
N GLY A 180 16.29 -18.32 -17.78
CA GLY A 180 15.78 -18.88 -19.03
C GLY A 180 15.98 -17.93 -20.21
N PRO A 181 15.50 -18.26 -21.42
CA PRO A 181 15.48 -17.33 -22.54
C PRO A 181 14.55 -16.15 -22.23
N PRO A 182 14.98 -14.90 -22.44
CA PRO A 182 14.13 -13.75 -22.13
C PRO A 182 12.82 -13.74 -22.92
N GLN A 183 12.77 -14.43 -24.05
CA GLN A 183 11.55 -14.57 -24.85
C GLN A 183 10.41 -15.28 -24.12
N GLN A 184 10.71 -16.10 -23.11
CA GLN A 184 9.66 -16.76 -22.30
C GLN A 184 9.02 -15.80 -21.29
N GLY A 185 9.76 -14.80 -20.80
CA GLY A 185 9.28 -13.86 -19.78
C GLY A 185 9.47 -14.27 -18.32
N LEU A 186 10.21 -15.36 -18.03
CA LEU A 186 10.50 -15.79 -16.66
C LEU A 186 11.36 -14.76 -15.91
N GLU A 187 10.98 -14.42 -14.67
CA GLU A 187 11.72 -13.55 -13.76
C GLU A 187 11.49 -13.93 -12.30
N LEU A 188 12.50 -13.73 -11.46
CA LEU A 188 12.46 -14.08 -10.04
C LEU A 188 11.40 -13.31 -9.25
N GLY A 189 11.24 -12.01 -9.52
CA GLY A 189 10.13 -11.23 -8.96
C GLY A 189 10.16 -11.13 -7.43
N VAL A 190 11.34 -11.01 -6.83
CA VAL A 190 11.51 -10.82 -5.38
C VAL A 190 12.24 -9.51 -5.11
N GLY A 191 11.75 -8.75 -4.13
CA GLY A 191 12.39 -7.52 -3.71
C GLY A 191 13.47 -7.72 -2.67
N ASP A 192 14.44 -6.79 -2.61
CA ASP A 192 15.53 -6.80 -1.63
C ASP A 192 15.04 -6.67 -0.18
N GLY A 193 13.92 -5.97 0.04
CA GLY A 193 13.26 -5.97 1.35
C GLY A 193 12.83 -7.38 1.78
N VAL A 194 12.21 -8.15 0.87
CA VAL A 194 11.77 -9.52 1.15
C VAL A 194 12.96 -10.37 1.59
N LEU A 195 14.09 -10.25 0.90
CA LEU A 195 15.33 -10.94 1.26
C LEU A 195 15.80 -10.53 2.66
N LEU A 196 15.71 -9.25 3.01
CA LEU A 196 16.22 -8.78 4.29
C LEU A 196 15.34 -9.24 5.46
N LYS A 197 14.02 -9.33 5.24
CA LYS A 197 13.10 -9.98 6.18
C LYS A 197 13.29 -11.49 6.25
N ALA A 198 13.55 -12.21 5.17
CA ALA A 198 13.87 -13.65 5.23
C ALA A 198 15.13 -13.87 6.07
N VAL A 199 16.21 -13.12 5.85
CA VAL A 199 17.41 -13.17 6.70
C VAL A 199 17.05 -12.96 8.16
N ALA A 200 16.22 -11.96 8.48
CA ALA A 200 15.82 -11.68 9.86
C ALA A 200 15.06 -12.86 10.50
N GLN A 201 14.20 -13.54 9.75
CA GLN A 201 13.52 -14.74 10.23
C GLN A 201 14.50 -15.92 10.41
N ALA A 202 15.28 -16.29 9.39
CA ALA A 202 16.21 -17.42 9.48
C ALA A 202 17.38 -17.23 10.44
N THR A 203 17.84 -16.00 10.70
CA THR A 203 18.86 -15.69 11.72
C THR A 203 18.25 -15.32 13.07
N GLY A 204 16.94 -15.11 13.14
CA GLY A 204 16.23 -14.73 14.37
C GLY A 204 16.51 -13.30 14.84
N ARG A 205 17.34 -12.53 14.13
CA ARG A 205 17.67 -11.15 14.49
C ARG A 205 16.56 -10.18 14.08
N GLN A 206 16.31 -9.15 14.88
CA GLN A 206 15.30 -8.13 14.56
C GLN A 206 15.70 -7.19 13.41
N LEU A 207 14.71 -6.72 12.64
CA LEU A 207 14.89 -6.06 11.35
C LEU A 207 15.73 -4.78 11.37
N GLU A 208 15.64 -3.98 12.44
CA GLU A 208 16.35 -2.69 12.51
C GLU A 208 17.86 -2.92 12.53
N SER A 209 18.31 -3.84 13.37
CA SER A 209 19.72 -4.18 13.48
C SER A 209 20.22 -4.75 12.16
N VAL A 210 19.51 -5.70 11.53
CA VAL A 210 20.00 -6.24 10.25
C VAL A 210 20.05 -5.17 9.17
N ARG A 211 19.04 -4.28 9.06
CA ARG A 211 19.06 -3.17 8.10
C ARG A 211 20.27 -2.29 8.34
N ALA A 212 20.55 -1.93 9.60
CA ALA A 212 21.69 -1.08 9.94
C ALA A 212 23.02 -1.75 9.61
N GLU A 213 23.14 -3.06 9.85
CA GLU A 213 24.34 -3.79 9.48
C GLU A 213 24.51 -3.85 7.95
N ALA A 214 23.44 -4.20 7.24
CA ALA A 214 23.45 -4.26 5.78
C ALA A 214 23.76 -2.90 5.15
N ALA A 215 23.27 -1.81 5.72
CA ALA A 215 23.62 -0.48 5.26
C ALA A 215 25.09 -0.16 5.54
N GLU A 216 25.66 -0.52 6.69
CA GLU A 216 27.07 -0.21 6.96
C GLU A 216 28.04 -1.08 6.16
N LYS A 217 27.64 -2.30 5.78
CA LYS A 217 28.46 -3.20 4.94
C LYS A 217 28.12 -3.17 3.45
N GLY A 218 26.96 -2.65 3.09
CA GLY A 218 26.44 -2.58 1.73
C GLY A 218 26.16 -3.92 1.03
N ASP A 219 26.08 -5.02 1.78
CA ASP A 219 26.06 -6.38 1.21
C ASP A 219 25.26 -7.36 2.08
N VAL A 220 24.11 -7.80 1.57
CA VAL A 220 23.28 -8.83 2.21
C VAL A 220 23.99 -10.18 2.35
N GLY A 221 24.91 -10.49 1.44
CA GLY A 221 25.64 -11.75 1.48
C GLY A 221 26.63 -11.80 2.63
N LEU A 222 27.29 -10.70 2.98
CA LEU A 222 28.22 -10.69 4.13
C LEU A 222 27.46 -10.93 5.44
N VAL A 223 26.34 -10.22 5.63
CA VAL A 223 25.53 -10.38 6.84
C VAL A 223 24.75 -11.70 6.89
N ALA A 224 24.60 -12.41 5.77
CA ALA A 224 24.04 -13.75 5.78
C ALA A 224 24.86 -14.73 6.62
N GLU A 225 26.16 -14.47 6.81
CA GLU A 225 27.06 -15.23 7.66
C GLU A 225 27.29 -14.57 9.03
N ASN A 226 28.27 -15.07 9.79
CA ASN A 226 28.70 -14.57 11.11
C ASN A 226 27.59 -14.53 12.19
N SER A 227 26.46 -15.19 11.92
CA SER A 227 25.23 -15.15 12.72
C SER A 227 24.47 -16.46 12.58
N ARG A 228 23.68 -16.82 13.59
CA ARG A 228 22.79 -17.98 13.59
C ARG A 228 21.54 -17.70 14.42
N SER A 229 20.44 -18.37 14.09
CA SER A 229 19.21 -18.33 14.91
C SER A 229 19.17 -19.36 16.02
N THR A 230 20.06 -20.36 16.01
CA THR A 230 20.00 -21.55 16.88
C THR A 230 18.69 -22.36 16.70
N GLN A 231 17.98 -22.19 15.60
CA GLN A 231 16.72 -22.87 15.30
C GLN A 231 16.89 -24.30 14.77
N ARG A 232 17.47 -25.16 15.62
CA ARG A 232 17.84 -26.52 15.27
C ARG A 232 16.62 -27.35 14.82
N LEU A 233 16.55 -27.70 13.55
CA LEU A 233 15.71 -28.78 13.05
C LEU A 233 16.09 -30.15 13.65
N MET A 234 15.20 -31.12 13.48
CA MET A 234 15.43 -32.53 13.84
C MET A 234 16.26 -33.30 12.80
N LEU A 235 16.15 -32.98 11.50
CA LEU A 235 16.98 -33.55 10.44
C LEU A 235 17.94 -32.48 9.87
N PRO A 236 19.26 -32.67 9.93
CA PRO A 236 20.21 -31.81 9.22
C PRO A 236 19.93 -31.88 7.71
N PRO A 237 19.78 -30.75 7.02
CA PRO A 237 19.24 -30.69 5.66
C PRO A 237 20.10 -31.42 4.62
N PRO A 238 19.52 -31.93 3.52
CA PRO A 238 20.30 -32.43 2.39
C PRO A 238 21.10 -31.31 1.69
N PRO A 239 22.41 -31.45 1.46
CA PRO A 239 23.19 -30.46 0.73
C PRO A 239 22.59 -30.16 -0.64
N LEU A 240 22.51 -28.88 -1.02
CA LEU A 240 21.86 -28.49 -2.26
C LEU A 240 22.73 -28.88 -3.46
N THR A 241 22.08 -29.27 -4.54
CA THR A 241 22.71 -29.45 -5.86
C THR A 241 22.59 -28.18 -6.68
N ALA A 242 23.42 -27.98 -7.69
CA ALA A 242 23.16 -26.87 -8.60
C ALA A 242 21.83 -27.04 -9.35
N SER A 243 21.43 -28.27 -9.66
CA SER A 243 20.10 -28.54 -10.23
C SER A 243 18.97 -28.15 -9.27
N GLY A 244 19.17 -28.35 -7.97
CA GLY A 244 18.19 -28.08 -6.91
C GLY A 244 18.09 -26.59 -6.64
N VAL A 245 19.23 -25.91 -6.53
CA VAL A 245 19.28 -24.46 -6.43
C VAL A 245 18.52 -23.83 -7.58
N PHE A 246 18.77 -24.24 -8.81
CA PHE A 246 18.06 -23.68 -9.96
C PHE A 246 16.56 -23.99 -9.93
N SER A 247 16.20 -25.22 -9.58
CA SER A 247 14.79 -25.61 -9.44
C SER A 247 14.07 -24.72 -8.42
N LYS A 248 14.67 -24.42 -7.26
CA LYS A 248 14.05 -23.56 -6.24
C LYS A 248 13.98 -22.09 -6.71
N PHE A 249 14.98 -21.57 -7.40
CA PHE A 249 14.91 -20.23 -7.99
C PHE A 249 13.84 -20.12 -9.08
N ARG A 250 13.68 -21.10 -9.96
CA ARG A 250 12.54 -21.06 -10.91
C ARG A 250 11.19 -21.28 -10.23
N ASP A 251 11.12 -21.99 -9.10
CA ASP A 251 9.91 -22.07 -8.29
C ASP A 251 9.55 -20.71 -7.66
N ILE A 252 10.51 -19.97 -7.11
CA ILE A 252 10.28 -18.59 -6.65
C ILE A 252 9.76 -17.72 -7.80
N ALA A 253 10.29 -17.86 -9.01
CA ALA A 253 9.80 -17.17 -10.20
C ALA A 253 8.34 -17.55 -10.55
N ARG A 254 7.99 -18.85 -10.43
CA ARG A 254 6.67 -19.38 -10.77
C ARG A 254 5.58 -19.05 -9.75
N LEU A 255 5.87 -19.18 -8.44
CA LEU A 255 4.88 -18.98 -7.37
C LEU A 255 4.49 -17.50 -7.23
N THR A 256 3.23 -17.19 -7.52
CA THR A 256 2.61 -15.85 -7.47
C THR A 256 1.16 -15.91 -6.95
N GLY A 257 0.43 -14.80 -7.01
CA GLY A 257 -0.93 -14.68 -6.51
C GLY A 257 -1.01 -14.12 -5.09
N SER A 258 -2.22 -14.12 -4.52
CA SER A 258 -2.46 -13.62 -3.17
C SER A 258 -1.64 -14.35 -2.11
N ALA A 259 -1.12 -13.62 -1.12
CA ALA A 259 -0.19 -14.09 -0.09
C ALA A 259 1.11 -14.73 -0.64
N SER A 260 1.47 -14.48 -1.90
CA SER A 260 2.69 -15.00 -2.52
C SER A 260 3.95 -14.66 -1.74
N THR A 261 4.06 -13.51 -1.08
CA THR A 261 5.26 -13.19 -0.29
C THR A 261 5.45 -14.12 0.91
N ALA A 262 4.40 -14.75 1.43
CA ALA A 262 4.59 -15.82 2.41
C ALA A 262 5.26 -17.04 1.77
N LYS A 263 4.76 -17.52 0.61
CA LYS A 263 5.31 -18.67 -0.10
C LYS A 263 6.77 -18.44 -0.48
N LYS A 264 7.08 -17.26 -1.00
CA LYS A 264 8.45 -16.85 -1.29
C LYS A 264 9.29 -16.83 -0.02
N ILE A 265 8.86 -16.18 1.06
CA ILE A 265 9.61 -16.21 2.33
C ILE A 265 9.89 -17.63 2.79
N ASP A 266 8.92 -18.53 2.74
CA ASP A 266 9.11 -19.91 3.17
C ASP A 266 10.20 -20.62 2.37
N ILE A 267 10.12 -20.59 1.04
CA ILE A 267 11.12 -21.26 0.22
C ILE A 267 12.51 -20.68 0.50
N ILE A 268 12.65 -19.36 0.52
CA ILE A 268 13.94 -18.73 0.77
C ILE A 268 14.49 -19.10 2.14
N LYS A 269 13.64 -19.19 3.17
CA LYS A 269 14.05 -19.67 4.49
C LYS A 269 14.67 -21.05 4.36
N GLY A 270 14.01 -21.94 3.65
CA GLY A 270 14.45 -23.33 3.47
C GLY A 270 15.81 -23.44 2.79
N LEU A 271 16.02 -22.66 1.73
CA LEU A 271 17.33 -22.64 1.09
C LEU A 271 18.39 -22.12 2.06
N PHE A 272 18.06 -21.09 2.83
CA PHE A 272 19.02 -20.42 3.68
C PHE A 272 19.49 -21.30 4.84
N VAL A 273 18.59 -22.02 5.51
CA VAL A 273 18.97 -22.90 6.63
C VAL A 273 19.75 -24.13 6.17
N ALA A 274 19.64 -24.50 4.90
CA ALA A 274 20.39 -25.59 4.29
C ALA A 274 21.84 -25.24 3.88
N CYS A 275 22.28 -23.99 4.03
CA CYS A 275 23.70 -23.66 3.85
C CYS A 275 24.59 -24.39 4.88
N ARG A 276 25.86 -24.62 4.51
CA ARG A 276 26.82 -25.40 5.32
C ARG A 276 28.03 -24.61 5.79
N HIS A 277 28.58 -23.73 4.94
CA HIS A 277 29.78 -22.95 5.26
C HIS A 277 29.73 -21.51 4.73
N SER A 278 29.62 -21.34 3.42
CA SER A 278 29.65 -20.02 2.76
C SER A 278 28.78 -19.92 1.50
N GLU A 279 27.87 -20.87 1.26
CA GLU A 279 26.98 -20.78 0.09
C GLU A 279 25.90 -19.71 0.27
N ALA A 280 25.60 -19.34 1.51
CA ALA A 280 24.54 -18.39 1.80
C ALA A 280 24.81 -17.04 1.17
N ARG A 281 26.03 -16.48 1.30
CA ARG A 281 26.33 -15.19 0.69
C ARG A 281 25.93 -15.20 -0.78
N PHE A 282 26.28 -16.23 -1.52
CA PHE A 282 26.01 -16.27 -2.94
C PHE A 282 24.55 -16.48 -3.24
N ILE A 283 23.80 -17.23 -2.43
CA ILE A 283 22.34 -17.25 -2.56
C ILE A 283 21.73 -15.86 -2.33
N ALA A 284 22.19 -15.12 -1.32
CA ALA A 284 21.67 -13.77 -1.06
C ALA A 284 21.86 -12.86 -2.27
N ARG A 285 23.04 -12.91 -2.89
CA ARG A 285 23.34 -12.18 -4.13
C ARG A 285 22.44 -12.66 -5.25
N SER A 286 22.29 -13.98 -5.38
CA SER A 286 21.59 -14.60 -6.50
C SER A 286 20.15 -14.13 -6.61
N LEU A 287 19.51 -13.90 -5.48
CA LEU A 287 18.09 -13.53 -5.44
C LEU A 287 17.85 -12.06 -5.80
N SER A 288 18.85 -11.19 -5.68
CA SER A 288 18.69 -9.76 -5.94
C SER A 288 18.76 -9.40 -7.44
N GLY A 289 19.18 -10.32 -8.30
CA GLY A 289 19.55 -10.03 -9.69
C GLY A 289 20.89 -9.30 -9.83
N ARG A 290 21.64 -9.23 -8.73
CA ARG A 290 22.91 -8.53 -8.58
C ARG A 290 23.95 -9.50 -8.05
N LEU A 291 24.23 -10.56 -8.83
CA LEU A 291 25.14 -11.64 -8.41
C LEU A 291 26.58 -11.17 -8.12
N ARG A 292 26.99 -10.03 -8.70
CA ARG A 292 28.31 -9.38 -8.54
C ARG A 292 29.47 -10.38 -8.65
N LEU A 293 29.43 -11.20 -9.70
CA LEU A 293 30.41 -12.26 -9.93
C LEU A 293 31.74 -11.70 -10.49
N GLY A 294 31.73 -10.50 -11.09
CA GLY A 294 32.91 -9.88 -11.73
C GLY A 294 33.13 -10.34 -13.17
N LEU A 295 32.13 -10.97 -13.78
CA LEU A 295 32.21 -11.70 -15.04
C LEU A 295 30.77 -11.85 -15.57
N ALA A 296 30.55 -11.81 -16.88
CA ALA A 296 29.23 -11.75 -17.51
C ALA A 296 29.10 -12.65 -18.75
N GLU A 297 28.04 -12.51 -19.53
CA GLU A 297 27.73 -13.38 -20.67
C GLU A 297 28.93 -13.70 -21.58
N GLN A 298 29.62 -12.68 -22.10
CA GLN A 298 30.71 -12.92 -23.04
C GLN A 298 31.81 -13.75 -22.37
N SER A 299 32.19 -13.41 -21.14
CA SER A 299 33.18 -14.17 -20.40
C SER A 299 32.75 -15.58 -19.99
N VAL A 300 31.47 -15.84 -19.70
CA VAL A 300 31.04 -17.23 -19.48
C VAL A 300 31.10 -17.99 -20.79
N LEU A 301 30.67 -17.39 -21.91
CA LEU A 301 30.80 -18.02 -23.24
C LEU A 301 32.26 -18.31 -23.58
N ALA A 302 33.20 -17.44 -23.19
CA ALA A 302 34.62 -17.72 -23.33
C ALA A 302 35.06 -18.90 -22.46
N ALA A 303 34.76 -18.90 -21.16
CA ALA A 303 35.15 -20.03 -20.32
C ALA A 303 34.52 -21.35 -20.76
N LEU A 304 33.27 -21.31 -21.24
CA LEU A 304 32.61 -22.43 -21.89
C LEU A 304 33.42 -22.89 -23.09
N SER A 305 33.71 -21.99 -24.03
CA SER A 305 34.44 -22.34 -25.26
C SER A 305 35.78 -23.01 -24.97
N GLN A 306 36.49 -22.52 -23.96
CA GLN A 306 37.75 -23.08 -23.54
C GLN A 306 37.53 -24.48 -22.96
N ALA A 307 36.50 -24.67 -22.15
CA ALA A 307 36.23 -25.96 -21.55
C ALA A 307 35.81 -27.00 -22.60
N VAL A 308 34.83 -26.67 -23.44
CA VAL A 308 34.32 -27.59 -24.47
C VAL A 308 35.34 -27.90 -25.56
N SER A 309 36.30 -26.99 -25.81
CA SER A 309 37.45 -27.30 -26.66
C SER A 309 38.47 -28.18 -25.95
N LEU A 310 38.80 -27.94 -24.67
CA LEU A 310 39.68 -28.85 -23.93
C LEU A 310 39.11 -30.27 -23.79
N THR A 311 37.81 -30.39 -23.57
CA THR A 311 37.15 -31.67 -23.29
C THR A 311 35.81 -31.76 -24.01
N PRO A 312 35.82 -32.14 -25.30
CA PRO A 312 34.60 -32.26 -26.09
C PRO A 312 33.61 -33.26 -25.48
N PRO A 313 32.31 -33.14 -25.77
CA PRO A 313 31.32 -34.15 -25.44
C PRO A 313 31.49 -35.43 -26.26
N GLY A 314 30.78 -36.49 -25.89
CA GLY A 314 30.78 -37.79 -26.59
C GLY A 314 31.89 -38.75 -26.20
N GLN A 315 32.79 -38.34 -25.31
CA GLN A 315 33.71 -39.25 -24.62
C GLN A 315 32.96 -40.04 -23.53
N GLU A 316 33.20 -41.34 -23.44
CA GLU A 316 32.74 -42.14 -22.31
C GLU A 316 33.67 -41.98 -21.11
N PHE A 317 33.18 -42.18 -19.89
CA PHE A 317 34.02 -42.11 -18.69
C PHE A 317 34.91 -43.36 -18.58
N PRO A 318 36.18 -43.26 -18.11
CA PRO A 318 36.88 -42.01 -17.84
C PRO A 318 37.26 -41.31 -19.16
N PRO A 319 37.24 -39.96 -19.21
CA PRO A 319 37.47 -39.20 -20.44
C PRO A 319 38.80 -39.58 -21.09
N ALA A 320 38.77 -39.96 -22.37
CA ALA A 320 39.96 -40.36 -23.09
C ALA A 320 40.88 -39.17 -23.44
N MET A 321 40.32 -37.96 -23.63
CA MET A 321 41.07 -36.75 -23.96
C MET A 321 40.64 -35.56 -23.10
N VAL A 322 41.64 -34.87 -22.54
CA VAL A 322 41.48 -33.83 -21.52
C VAL A 322 42.04 -32.46 -21.94
N ASP A 323 43.12 -32.47 -22.73
CA ASP A 323 43.83 -31.32 -23.23
C ASP A 323 43.94 -31.44 -24.75
N ALA A 324 42.90 -31.07 -25.46
CA ALA A 324 42.95 -31.09 -26.93
C ALA A 324 44.03 -30.18 -27.55
N GLY A 325 44.62 -29.29 -26.76
CA GLY A 325 45.75 -28.44 -27.17
C GLY A 325 47.14 -29.01 -26.87
N LYS A 326 47.25 -30.23 -26.32
CA LYS A 326 48.51 -30.87 -25.92
C LYS A 326 49.59 -30.83 -26.99
N GLY A 327 50.84 -30.61 -26.56
CA GLY A 327 52.03 -30.53 -27.42
C GLY A 327 52.18 -29.21 -28.19
N LYS A 328 51.10 -28.47 -28.42
CA LYS A 328 51.13 -27.12 -29.01
C LYS A 328 51.70 -26.11 -28.00
N THR A 329 52.37 -25.06 -28.47
CA THR A 329 52.80 -23.95 -27.60
C THR A 329 51.62 -23.10 -27.14
N ALA A 330 51.67 -22.50 -25.96
CA ALA A 330 50.57 -21.72 -25.40
C ALA A 330 50.02 -20.63 -26.34
N GLU A 331 50.85 -19.97 -27.14
CA GLU A 331 50.42 -18.96 -28.10
C GLU A 331 49.59 -19.57 -29.22
N ALA A 332 50.09 -20.60 -29.90
CA ALA A 332 49.33 -21.31 -30.92
C ALA A 332 48.13 -22.09 -30.33
N ARG A 333 48.20 -22.55 -29.07
CA ARG A 333 47.03 -22.97 -28.31
C ARG A 333 46.01 -21.84 -28.27
N LYS A 334 46.39 -20.66 -27.76
CA LYS A 334 45.53 -19.46 -27.73
C LYS A 334 44.95 -19.12 -29.09
N THR A 335 45.71 -19.18 -30.18
CA THR A 335 45.16 -18.95 -31.53
C THR A 335 44.08 -19.96 -31.93
N TRP A 336 44.24 -21.22 -31.55
CA TRP A 336 43.18 -22.21 -31.76
C TRP A 336 41.99 -21.98 -30.83
N LEU A 337 42.25 -21.61 -29.58
CA LEU A 337 41.20 -21.32 -28.63
C LEU A 337 40.33 -20.16 -29.11
N GLU A 338 40.95 -19.07 -29.55
CA GLU A 338 40.24 -17.86 -29.92
C GLU A 338 39.51 -17.98 -31.26
N GLU A 339 40.04 -18.69 -32.26
CA GLU A 339 39.25 -18.94 -33.48
C GLU A 339 38.05 -19.85 -33.21
N GLN A 340 38.19 -20.86 -32.35
CA GLN A 340 37.05 -21.64 -31.90
C GLN A 340 36.08 -20.78 -31.08
N GLY A 341 36.57 -19.91 -30.20
CA GLY A 341 35.73 -18.99 -29.44
C GLY A 341 34.89 -18.07 -30.32
N MET A 342 35.48 -17.55 -31.41
CA MET A 342 34.73 -16.79 -32.40
C MET A 342 33.65 -17.64 -33.09
N ILE A 343 33.90 -18.92 -33.37
CA ILE A 343 32.86 -19.82 -33.91
C ILE A 343 31.68 -19.88 -32.94
N LEU A 344 31.98 -20.09 -31.65
CA LEU A 344 30.94 -20.17 -30.63
C LEU A 344 30.15 -18.86 -30.54
N LYS A 345 30.84 -17.73 -30.41
CA LYS A 345 30.18 -16.42 -30.32
C LYS A 345 29.26 -16.15 -31.50
N GLN A 346 29.67 -16.42 -32.73
CA GLN A 346 28.78 -16.22 -33.88
C GLN A 346 27.59 -17.16 -33.83
N THR A 347 27.81 -18.41 -33.43
CA THR A 347 26.75 -19.39 -33.24
C THR A 347 25.73 -18.96 -32.18
N PHE A 348 26.19 -18.29 -31.11
CA PHE A 348 25.32 -17.71 -30.08
C PHE A 348 24.57 -16.46 -30.57
N CYS A 349 25.20 -15.66 -31.41
CA CYS A 349 24.64 -14.42 -31.93
C CYS A 349 23.49 -14.67 -32.93
N GLU A 350 23.61 -15.66 -33.82
CA GLU A 350 22.54 -15.99 -34.78
C GLU A 350 21.26 -16.51 -34.12
N VAL A 351 21.36 -17.08 -32.92
CA VAL A 351 20.23 -17.62 -32.14
C VAL A 351 20.50 -17.40 -30.64
N PRO A 352 19.76 -16.52 -29.95
CA PRO A 352 20.13 -16.09 -28.59
C PRO A 352 20.04 -17.12 -27.46
N ASP A 353 19.20 -18.15 -27.56
CA ASP A 353 18.80 -18.96 -26.41
C ASP A 353 19.64 -20.23 -26.26
N LEU A 354 20.19 -20.43 -25.06
CA LEU A 354 21.00 -21.62 -24.79
C LEU A 354 20.20 -22.93 -24.93
N ASP A 355 18.87 -22.90 -24.78
CA ASP A 355 18.01 -24.08 -24.99
C ASP A 355 18.02 -24.61 -26.43
N ARG A 356 18.40 -23.80 -27.42
CA ARG A 356 18.65 -24.29 -28.79
C ARG A 356 20.12 -24.64 -29.02
N ILE A 357 21.03 -24.09 -28.23
CA ILE A 357 22.48 -24.25 -28.41
C ILE A 357 23.04 -25.43 -27.61
N ILE A 358 22.92 -25.41 -26.29
CA ILE A 358 23.63 -26.36 -25.43
C ILE A 358 23.24 -27.82 -25.69
N PRO A 359 21.97 -28.22 -25.88
CA PRO A 359 21.70 -29.62 -26.14
C PRO A 359 22.35 -30.10 -27.44
N VAL A 360 22.20 -29.36 -28.54
CA VAL A 360 22.82 -29.74 -29.79
C VAL A 360 24.35 -29.67 -29.71
N LEU A 361 24.92 -28.79 -28.90
CA LEU A 361 26.35 -28.77 -28.60
C LEU A 361 26.83 -30.08 -27.97
N LEU A 362 26.09 -30.65 -27.00
CA LEU A 362 26.47 -31.96 -26.48
C LEU A 362 26.35 -33.05 -27.54
N GLU A 363 25.23 -33.12 -28.25
CA GLU A 363 24.93 -34.26 -29.11
C GLU A 363 25.50 -34.18 -30.55
N HIS A 364 26.07 -33.05 -30.98
CA HIS A 364 26.77 -32.92 -32.27
C HIS A 364 28.21 -32.42 -32.19
N GLY A 365 28.63 -31.71 -31.15
CA GLY A 365 30.01 -31.20 -31.01
C GLY A 365 30.26 -29.84 -31.68
N LEU A 366 31.31 -29.15 -31.25
CA LEU A 366 31.41 -27.70 -31.45
C LEU A 366 31.72 -27.25 -32.89
N GLU A 367 32.43 -28.02 -33.71
CA GLU A 367 32.76 -27.55 -35.07
C GLU A 367 31.57 -27.63 -36.05
N ARG A 368 30.65 -28.58 -35.87
CA ARG A 368 29.48 -28.76 -36.77
C ARG A 368 28.22 -27.99 -36.36
N LEU A 369 28.29 -27.16 -35.33
CA LEU A 369 27.18 -26.35 -34.83
C LEU A 369 26.38 -25.59 -35.92
N PRO A 370 26.99 -24.84 -36.85
CA PRO A 370 26.23 -24.05 -37.83
C PRO A 370 25.42 -24.86 -38.85
N GLU A 371 25.64 -26.17 -38.97
CA GLU A 371 24.95 -27.02 -39.94
C GLU A 371 23.44 -27.13 -39.64
N HIS A 372 23.08 -27.07 -38.37
CA HIS A 372 21.70 -27.14 -37.88
C HIS A 372 21.10 -25.77 -37.51
N CYS A 373 21.93 -24.82 -37.05
CA CYS A 373 21.48 -23.60 -36.34
C CYS A 373 21.05 -22.39 -37.20
N LYS A 374 20.42 -22.62 -38.35
CA LYS A 374 20.05 -21.57 -39.30
C LYS A 374 19.07 -20.54 -38.73
N LEU A 375 19.29 -19.27 -39.06
CA LEU A 375 18.39 -18.17 -38.71
C LEU A 375 17.09 -18.26 -39.52
N SER A 376 15.96 -17.97 -38.88
CA SER A 376 14.63 -18.06 -39.49
C SER A 376 13.63 -17.11 -38.81
N PRO A 377 12.63 -16.53 -39.50
CA PRO A 377 11.57 -15.79 -38.85
C PRO A 377 10.91 -16.60 -37.73
N GLY A 378 10.62 -15.95 -36.61
CA GLY A 378 9.97 -16.52 -35.44
C GLY A 378 10.93 -16.75 -34.27
N ILE A 379 12.24 -16.74 -34.52
CA ILE A 379 13.25 -16.62 -33.47
C ILE A 379 13.85 -15.21 -33.53
N PRO A 380 13.96 -14.48 -32.40
CA PRO A 380 14.60 -13.17 -32.44
C PRO A 380 16.12 -13.29 -32.52
N LEU A 381 16.82 -12.19 -32.81
CA LEU A 381 18.27 -12.16 -33.00
C LEU A 381 18.89 -10.96 -32.30
N LYS A 382 20.15 -11.03 -31.89
CA LYS A 382 20.80 -9.97 -31.11
C LYS A 382 20.97 -8.70 -31.97
N PRO A 383 20.39 -7.54 -31.62
CA PRO A 383 20.49 -6.32 -32.42
C PRO A 383 21.79 -5.55 -32.16
N MET A 384 22.21 -4.75 -33.15
CA MET A 384 23.44 -3.93 -33.11
C MET A 384 23.46 -2.92 -31.97
N LEU A 385 24.64 -2.55 -31.47
CA LEU A 385 24.79 -1.45 -30.51
C LEU A 385 25.41 -0.22 -31.15
N ALA A 386 25.46 0.89 -30.41
CA ALA A 386 26.07 2.15 -30.86
C ALA A 386 27.15 2.70 -29.91
N HIS A 387 28.19 3.34 -30.46
CA HIS A 387 29.27 3.93 -29.66
C HIS A 387 29.14 5.46 -29.51
N PRO A 388 29.31 6.06 -28.31
CA PRO A 388 29.20 7.50 -28.11
C PRO A 388 30.39 8.25 -28.74
N THR A 389 30.14 9.04 -29.79
CA THR A 389 31.15 9.93 -30.39
C THR A 389 30.70 11.39 -30.30
N ARG A 390 31.67 12.29 -30.13
CA ARG A 390 31.42 13.71 -29.84
C ARG A 390 31.20 14.60 -31.05
N GLY A 391 31.69 14.23 -32.24
CA GLY A 391 31.76 15.15 -33.36
C GLY A 391 32.29 14.56 -34.67
N ILE A 392 32.21 15.36 -35.73
CA ILE A 392 32.33 14.89 -37.13
C ILE A 392 33.77 14.55 -37.57
N SER A 393 34.81 15.16 -37.00
CA SER A 393 36.19 14.74 -37.30
C SER A 393 36.45 13.30 -36.87
N GLU A 394 35.88 12.90 -35.73
CA GLU A 394 35.99 11.55 -35.20
C GLU A 394 35.25 10.57 -36.10
N VAL A 395 34.03 10.91 -36.53
CA VAL A 395 33.31 10.12 -37.54
C VAL A 395 34.14 9.97 -38.83
N LEU A 396 34.75 11.04 -39.34
CA LEU A 396 35.57 10.98 -40.55
C LEU A 396 36.86 10.18 -40.36
N LYS A 397 37.52 10.19 -39.19
CA LYS A 397 38.70 9.32 -38.98
C LYS A 397 38.28 7.85 -38.79
N ARG A 398 37.14 7.60 -38.16
CA ARG A 398 36.58 6.26 -38.00
C ARG A 398 36.08 5.69 -39.33
N PHE A 399 35.54 6.53 -40.21
CA PHE A 399 35.03 6.15 -41.53
C PHE A 399 35.79 6.79 -42.70
N GLU A 400 37.11 6.90 -42.59
CA GLU A 400 37.93 7.54 -43.62
C GLU A 400 37.87 6.79 -44.95
N GLU A 401 38.08 5.47 -44.93
CA GLU A 401 37.94 4.62 -46.11
C GLU A 401 36.47 4.20 -46.33
N ALA A 402 35.66 4.22 -45.26
CA ALA A 402 34.28 3.77 -45.24
C ALA A 402 33.32 4.82 -45.80
N ALA A 403 32.79 4.60 -47.01
CA ALA A 403 31.62 5.35 -47.48
C ALA A 403 30.41 5.11 -46.56
N PHE A 404 29.89 6.18 -45.97
CA PHE A 404 28.85 6.11 -44.95
C PHE A 404 27.66 7.00 -45.29
N THR A 405 26.56 6.73 -44.61
CA THR A 405 25.29 7.44 -44.74
C THR A 405 24.77 7.83 -43.37
N CYS A 406 23.87 8.81 -43.36
CA CYS A 406 23.39 9.51 -42.20
C CYS A 406 21.94 9.17 -41.90
N GLU A 407 21.58 9.09 -40.61
CA GLU A 407 20.25 8.69 -40.15
C GLU A 407 19.80 9.52 -38.93
N TYR A 408 18.52 9.89 -38.86
CA TYR A 408 17.98 10.44 -37.62
C TYR A 408 17.96 9.38 -36.51
N LYS A 409 18.35 9.77 -35.29
CA LYS A 409 18.04 8.99 -34.10
C LYS A 409 16.66 9.39 -33.53
N TYR A 410 15.60 8.71 -33.94
CA TYR A 410 14.23 8.93 -33.44
C TYR A 410 14.09 8.51 -31.96
N ASP A 411 13.35 9.26 -31.14
CA ASP A 411 13.12 8.86 -29.75
C ASP A 411 11.91 7.90 -29.61
N GLY A 412 12.07 6.68 -30.12
CA GLY A 412 11.07 5.61 -30.01
C GLY A 412 11.57 4.36 -29.27
N GLN A 413 10.90 3.24 -29.52
CA GLN A 413 11.30 1.92 -29.03
C GLN A 413 11.78 1.05 -30.19
N ARG A 414 12.87 0.30 -29.97
CA ARG A 414 13.42 -0.60 -30.98
C ARG A 414 12.55 -1.82 -31.14
N ALA A 415 12.25 -2.19 -32.37
CA ALA A 415 11.42 -3.33 -32.68
C ALA A 415 12.03 -4.16 -33.81
N GLN A 416 12.08 -5.48 -33.62
CA GLN A 416 12.35 -6.43 -34.70
C GLN A 416 11.03 -7.10 -35.09
N ILE A 417 10.72 -7.17 -36.38
CA ILE A 417 9.54 -7.86 -36.92
C ILE A 417 9.94 -9.14 -37.64
N HIS A 418 9.30 -10.25 -37.29
CA HIS A 418 9.63 -11.60 -37.76
C HIS A 418 8.39 -12.24 -38.36
N ALA A 419 8.22 -12.13 -39.68
CA ALA A 419 7.02 -12.59 -40.37
C ALA A 419 7.22 -13.99 -40.94
N LEU A 420 6.39 -14.94 -40.53
CA LEU A 420 6.34 -16.30 -41.09
C LEU A 420 5.40 -16.37 -42.30
N GLU A 421 5.65 -17.34 -43.18
CA GLU A 421 4.85 -17.56 -44.40
C GLU A 421 3.42 -18.05 -44.14
N GLY A 422 3.16 -18.66 -42.96
CA GLY A 422 1.82 -19.05 -42.52
C GLY A 422 0.94 -17.90 -42.03
N GLY A 423 1.48 -16.69 -41.91
CA GLY A 423 0.73 -15.46 -41.60
C GLY A 423 0.82 -14.97 -40.15
N GLU A 424 1.28 -15.79 -39.21
CA GLU A 424 1.65 -15.30 -37.88
C GLU A 424 2.96 -14.50 -37.94
N VAL A 425 3.02 -13.36 -37.24
CA VAL A 425 4.14 -12.43 -37.26
C VAL A 425 4.36 -11.95 -35.83
N LYS A 426 5.61 -11.87 -35.39
CA LYS A 426 5.97 -11.47 -34.01
C LYS A 426 6.93 -10.27 -34.03
N ILE A 427 6.94 -9.55 -32.92
CA ILE A 427 7.51 -8.25 -32.62
C ILE A 427 8.29 -8.32 -31.31
N PHE A 428 9.56 -7.93 -31.34
CA PHE A 428 10.48 -8.15 -30.24
C PHE A 428 11.26 -6.90 -29.89
N SER A 429 11.61 -6.73 -28.62
CA SER A 429 12.35 -5.55 -28.15
C SER A 429 13.86 -5.68 -28.32
N ARG A 430 14.64 -4.66 -27.91
CA ARG A 430 16.10 -4.72 -27.83
C ARG A 430 16.59 -5.80 -26.88
N ASN A 431 16.10 -5.79 -25.65
CA ASN A 431 16.44 -6.76 -24.62
C ASN A 431 15.62 -8.04 -24.74
N GLN A 432 15.48 -8.50 -25.99
CA GLN A 432 15.10 -9.85 -26.40
C GLN A 432 13.65 -10.28 -26.14
N GLU A 433 12.97 -9.67 -25.17
CA GLU A 433 11.59 -9.97 -24.79
C GLU A 433 10.62 -9.93 -25.97
N ASP A 434 9.61 -10.79 -25.87
CA ASP A 434 8.47 -10.81 -26.77
C ASP A 434 7.49 -9.69 -26.38
N ASN A 435 7.51 -8.59 -27.12
CA ASN A 435 6.58 -7.49 -26.91
C ASN A 435 5.41 -7.54 -27.90
N THR A 436 5.23 -8.62 -28.65
CA THR A 436 4.11 -8.70 -29.60
C THR A 436 2.79 -8.60 -28.84
N GLY A 437 1.76 -8.07 -29.49
CA GLY A 437 0.50 -7.79 -28.83
C GLY A 437 0.47 -6.45 -28.07
N LYS A 438 1.60 -5.73 -27.95
CA LYS A 438 1.57 -4.28 -27.70
C LYS A 438 0.96 -3.53 -28.90
N TYR A 439 1.17 -4.02 -30.11
CA TYR A 439 0.72 -3.35 -31.35
C TYR A 439 -0.03 -4.29 -32.30
N PRO A 440 -1.15 -4.87 -31.85
CA PRO A 440 -1.93 -5.83 -32.64
C PRO A 440 -2.48 -5.20 -33.92
N ASP A 441 -2.73 -3.90 -33.92
CA ASP A 441 -3.11 -3.18 -35.13
C ASP A 441 -2.02 -3.30 -36.22
N ILE A 442 -0.74 -3.30 -35.89
CA ILE A 442 0.29 -3.55 -36.90
C ILE A 442 0.16 -4.94 -37.48
N ILE A 443 -0.13 -5.91 -36.62
CA ILE A 443 -0.39 -7.27 -37.09
C ILE A 443 -1.63 -7.30 -37.98
N SER A 444 -2.60 -6.41 -37.76
CA SER A 444 -3.73 -6.29 -38.69
C SER A 444 -3.35 -5.58 -40.01
N ARG A 445 -2.27 -4.78 -40.02
CA ARG A 445 -1.78 -4.05 -41.19
C ARG A 445 -0.91 -4.88 -42.14
N ILE A 446 -0.38 -6.03 -41.72
CA ILE A 446 0.52 -6.85 -42.55
C ILE A 446 0.06 -7.21 -43.99
N PRO A 447 -1.24 -7.29 -44.37
CA PRO A 447 -1.62 -7.59 -45.76
C PRO A 447 -1.22 -6.49 -46.75
N LYS A 448 -1.15 -5.25 -46.28
CA LYS A 448 -0.91 -4.08 -47.15
C LYS A 448 0.55 -3.63 -47.21
N ILE A 449 1.40 -4.07 -46.28
CA ILE A 449 2.77 -3.54 -46.13
C ILE A 449 3.79 -4.18 -47.08
N LYS A 450 3.76 -5.51 -47.22
CA LYS A 450 4.65 -6.27 -48.12
C LYS A 450 4.05 -6.40 -49.54
N LEU A 451 4.90 -6.47 -50.55
CA LEU A 451 4.52 -6.74 -51.95
C LEU A 451 4.05 -8.19 -52.17
N PRO A 452 3.09 -8.46 -53.10
CA PRO A 452 2.49 -9.79 -53.26
C PRO A 452 3.45 -10.92 -53.64
N SER A 453 4.65 -10.60 -54.13
CA SER A 453 5.66 -11.56 -54.60
C SER A 453 6.55 -12.18 -53.50
N VAL A 454 6.38 -11.79 -52.22
CA VAL A 454 7.24 -12.24 -51.10
C VAL A 454 6.49 -13.09 -50.08
N THR A 455 7.16 -14.06 -49.45
CA THR A 455 6.60 -15.05 -48.54
C THR A 455 6.80 -14.75 -47.05
N SER A 456 7.97 -14.30 -46.63
CA SER A 456 8.33 -14.11 -45.22
C SER A 456 9.52 -13.15 -45.13
N PHE A 457 9.79 -12.60 -43.94
CA PHE A 457 10.86 -11.63 -43.75
C PHE A 457 11.27 -11.44 -42.28
N ILE A 458 12.43 -10.83 -42.07
CA ILE A 458 12.81 -10.19 -40.82
C ILE A 458 13.34 -8.78 -41.12
N LEU A 459 12.84 -7.78 -40.38
CA LEU A 459 13.20 -6.36 -40.48
C LEU A 459 13.38 -5.70 -39.10
N ASP A 460 14.18 -4.64 -39.04
CA ASP A 460 14.37 -3.84 -37.82
C ASP A 460 13.83 -2.43 -38.04
N THR A 461 13.16 -1.87 -37.03
CA THR A 461 12.40 -0.62 -37.11
C THR A 461 12.37 0.08 -35.77
N GLU A 462 12.33 1.40 -35.77
CA GLU A 462 12.01 2.19 -34.59
C GLU A 462 10.52 2.54 -34.64
N ALA A 463 9.78 2.16 -33.60
CA ALA A 463 8.37 2.45 -33.50
C ALA A 463 8.16 3.71 -32.65
N VAL A 464 7.36 4.64 -33.16
CA VAL A 464 7.08 5.94 -32.54
C VAL A 464 5.57 6.18 -32.58
N ALA A 465 5.00 6.72 -31.51
CA ALA A 465 3.59 7.09 -31.51
C ALA A 465 3.34 8.23 -32.52
N TRP A 466 2.24 8.21 -33.26
CA TRP A 466 1.98 9.18 -34.34
C TRP A 466 0.65 9.88 -34.17
N ASP A 467 0.59 11.18 -34.42
CA ASP A 467 -0.65 11.95 -34.31
C ASP A 467 -1.48 11.92 -35.61
N ARG A 468 -2.70 11.38 -35.57
CA ARG A 468 -3.52 11.10 -36.76
C ARG A 468 -3.92 12.35 -37.56
N GLU A 469 -4.45 13.38 -36.91
CA GLU A 469 -4.86 14.62 -37.57
C GLU A 469 -3.76 15.70 -37.56
N LYS A 470 -2.90 15.72 -36.54
CA LYS A 470 -1.76 16.65 -36.44
C LYS A 470 -0.63 16.29 -37.42
N LYS A 471 -0.41 14.99 -37.63
CA LYS A 471 0.59 14.38 -38.52
C LYS A 471 2.04 14.72 -38.15
N GLN A 472 2.38 14.52 -36.88
CA GLN A 472 3.69 14.80 -36.29
C GLN A 472 4.07 13.73 -35.25
N ILE A 473 5.35 13.72 -34.88
CA ILE A 473 5.98 12.91 -33.83
C ILE A 473 5.51 13.35 -32.44
N GLN A 474 5.67 12.50 -31.43
CA GLN A 474 5.52 12.87 -30.03
C GLN A 474 6.56 12.18 -29.11
N PRO A 475 6.89 12.76 -27.93
CA PRO A 475 8.03 12.34 -27.12
C PRO A 475 7.98 10.92 -26.55
N PHE A 476 9.11 10.43 -26.03
CA PHE A 476 9.20 9.15 -25.33
C PHE A 476 8.33 9.09 -24.08
N GLN A 477 8.06 10.22 -23.45
CA GLN A 477 7.11 10.28 -22.34
C GLN A 477 5.66 9.94 -22.77
N VAL A 478 5.33 10.02 -24.06
CA VAL A 478 4.09 9.48 -24.61
C VAL A 478 4.15 7.96 -24.62
N LEU A 479 5.17 7.39 -25.28
CA LEU A 479 5.33 5.93 -25.36
C LEU A 479 5.35 5.25 -23.99
N THR A 480 6.13 5.73 -23.02
CA THR A 480 6.30 5.05 -21.73
C THR A 480 4.95 4.83 -21.01
N THR A 481 3.98 5.73 -21.15
CA THR A 481 2.66 5.54 -20.55
C THR A 481 1.75 4.57 -21.29
N ARG A 482 2.13 4.08 -22.48
CA ARG A 482 1.35 3.08 -23.22
C ARG A 482 1.13 1.85 -22.34
N LYS A 483 -0.10 1.35 -22.29
CA LYS A 483 -0.44 0.09 -21.61
C LYS A 483 0.33 -1.11 -22.17
N ARG A 484 0.39 -2.22 -21.43
CA ARG A 484 1.22 -3.38 -21.82
C ARG A 484 0.50 -4.73 -21.88
N LYS A 485 -0.35 -5.06 -20.90
CA LYS A 485 -0.81 -6.43 -20.72
C LYS A 485 -1.94 -6.80 -21.67
N GLU A 486 -2.96 -5.95 -21.75
CA GLU A 486 -4.09 -6.19 -22.63
C GLU A 486 -3.72 -5.93 -24.08
N VAL A 487 -4.12 -6.85 -24.97
CA VAL A 487 -3.95 -6.77 -26.41
C VAL A 487 -5.20 -6.29 -27.15
N ASP A 488 -6.05 -5.52 -26.48
CA ASP A 488 -7.34 -5.04 -26.98
C ASP A 488 -7.21 -3.96 -28.06
N ALA A 489 -7.53 -4.31 -29.31
CA ALA A 489 -7.42 -3.41 -30.47
C ALA A 489 -8.74 -2.68 -30.84
N SER A 490 -9.82 -2.88 -30.08
CA SER A 490 -11.12 -2.27 -30.40
C SER A 490 -11.21 -0.80 -30.02
N GLU A 491 -10.46 -0.37 -29.00
CA GLU A 491 -10.62 0.95 -28.35
C GLU A 491 -9.36 1.85 -28.45
N ILE A 492 -8.46 1.59 -29.40
CA ILE A 492 -7.06 2.07 -29.41
C ILE A 492 -6.94 3.56 -29.07
N GLN A 493 -6.14 3.88 -28.03
CA GLN A 493 -5.90 5.25 -27.58
C GLN A 493 -4.77 5.93 -28.34
N VAL A 494 -3.60 5.29 -28.45
CA VAL A 494 -2.37 5.91 -28.98
C VAL A 494 -1.92 5.18 -30.23
N GLN A 495 -1.93 5.88 -31.38
CA GLN A 495 -1.52 5.37 -32.69
C GLN A 495 0.00 5.28 -32.84
N VAL A 496 0.50 4.46 -33.77
CA VAL A 496 1.93 4.21 -33.98
C VAL A 496 2.31 4.23 -35.47
N CYS A 497 3.47 4.79 -35.77
CA CYS A 497 4.10 4.76 -37.08
C CYS A 497 5.54 4.26 -36.97
N LEU A 498 5.97 3.59 -38.02
CA LEU A 498 7.21 2.84 -38.09
C LEU A 498 8.24 3.58 -38.92
N TYR A 499 9.48 3.59 -38.44
CA TYR A 499 10.65 4.04 -39.20
C TYR A 499 11.64 2.89 -39.43
N ALA A 500 11.86 2.48 -40.68
CA ALA A 500 12.85 1.44 -40.99
C ALA A 500 14.28 1.93 -40.76
N PHE A 501 15.19 1.05 -40.36
CA PHE A 501 16.62 1.38 -40.34
C PHE A 501 17.55 0.21 -40.68
N ASP A 502 17.07 -1.05 -40.73
CA ASP A 502 17.83 -2.18 -41.31
C ASP A 502 16.95 -3.37 -41.75
N LEU A 503 17.48 -4.19 -42.66
CA LEU A 503 16.88 -5.42 -43.18
C LEU A 503 17.73 -6.63 -42.80
N ILE A 504 17.08 -7.72 -42.37
CA ILE A 504 17.75 -8.94 -41.93
C ILE A 504 17.54 -10.13 -42.89
N TYR A 505 16.31 -10.32 -43.37
CA TYR A 505 15.94 -11.58 -44.00
C TYR A 505 14.80 -11.33 -44.96
N LEU A 506 14.91 -11.84 -46.19
CA LEU A 506 13.88 -11.63 -47.20
C LEU A 506 13.60 -12.95 -47.91
N ASN A 507 12.33 -13.36 -47.96
CA ASN A 507 11.84 -14.44 -48.81
C ASN A 507 12.58 -15.79 -48.73
N GLY A 508 13.35 -16.06 -47.66
CA GLY A 508 14.15 -17.28 -47.51
C GLY A 508 15.66 -17.13 -47.63
N GLU A 509 16.19 -15.94 -47.89
CA GLU A 509 17.64 -15.68 -47.85
C GLU A 509 18.00 -14.81 -46.65
N SER A 510 19.02 -15.27 -45.92
CA SER A 510 19.68 -14.51 -44.86
C SER A 510 20.54 -13.40 -45.43
N LEU A 511 20.47 -12.21 -44.84
CA LEU A 511 21.12 -11.01 -45.36
C LEU A 511 22.07 -10.34 -44.34
N VAL A 512 22.18 -10.88 -43.13
CA VAL A 512 23.00 -10.28 -42.06
C VAL A 512 24.48 -10.15 -42.44
N ARG A 513 24.98 -11.13 -43.19
CA ARG A 513 26.37 -11.20 -43.63
C ARG A 513 26.75 -10.18 -44.72
N GLU A 514 25.78 -9.42 -45.24
CA GLU A 514 25.88 -8.65 -46.48
C GLU A 514 26.16 -7.15 -46.28
N PRO A 515 26.60 -6.42 -47.32
CA PRO A 515 26.73 -4.97 -47.27
C PRO A 515 25.40 -4.28 -47.05
N LEU A 516 25.42 -3.22 -46.25
CA LEU A 516 24.30 -2.32 -46.04
C LEU A 516 23.76 -1.72 -47.35
N SER A 517 24.61 -1.49 -48.35
CA SER A 517 24.17 -1.12 -49.70
C SER A 517 23.16 -2.10 -50.31
N ARG A 518 23.48 -3.39 -50.41
CA ARG A 518 22.53 -4.36 -51.00
C ARG A 518 21.34 -4.59 -50.09
N ARG A 519 21.54 -4.60 -48.78
CA ARG A 519 20.43 -4.69 -47.83
C ARG A 519 19.43 -3.57 -48.04
N ARG A 520 19.86 -2.31 -47.95
CA ARG A 520 18.95 -1.17 -48.10
C ARG A 520 18.33 -1.07 -49.48
N GLN A 521 19.06 -1.48 -50.52
CA GLN A 521 18.51 -1.62 -51.86
C GLN A 521 17.32 -2.59 -51.87
N LEU A 522 17.51 -3.80 -51.33
CA LEU A 522 16.45 -4.80 -51.29
C LEU A 522 15.32 -4.36 -50.36
N LEU A 523 15.59 -3.64 -49.28
CA LEU A 523 14.54 -3.03 -48.47
C LEU A 523 13.64 -2.15 -49.34
N ARG A 524 14.25 -1.19 -50.04
CA ARG A 524 13.50 -0.22 -50.85
C ARG A 524 12.78 -0.87 -52.01
N GLU A 525 13.47 -1.73 -52.75
CA GLU A 525 12.96 -2.34 -53.98
C GLU A 525 11.89 -3.41 -53.73
N ASN A 526 11.65 -3.81 -52.49
CA ASN A 526 10.76 -4.92 -52.14
C ASN A 526 9.71 -4.61 -51.06
N PHE A 527 9.48 -3.35 -50.74
CA PHE A 527 8.36 -2.91 -49.89
C PHE A 527 7.66 -1.69 -50.47
N VAL A 528 6.45 -1.41 -49.98
CA VAL A 528 5.65 -0.23 -50.29
C VAL A 528 5.51 0.69 -49.07
N GLU A 529 5.73 1.98 -49.25
CA GLU A 529 5.63 2.97 -48.18
C GLU A 529 4.17 3.39 -47.95
N THR A 530 3.81 3.71 -46.71
CA THR A 530 2.43 4.05 -46.32
C THR A 530 2.45 5.25 -45.39
N GLU A 531 2.13 6.43 -45.91
CA GLU A 531 2.34 7.67 -45.15
C GLU A 531 1.43 7.74 -43.90
N GLY A 532 2.06 7.88 -42.73
CA GLY A 532 1.40 7.83 -41.42
C GLY A 532 1.38 6.43 -40.75
N GLU A 533 1.75 5.37 -41.48
CA GLU A 533 1.78 4.00 -40.97
C GLU A 533 3.21 3.44 -40.91
N PHE A 534 3.96 3.52 -42.01
CA PHE A 534 5.34 3.03 -42.08
C PHE A 534 6.09 3.73 -43.19
N VAL A 535 7.31 4.16 -42.87
CA VAL A 535 8.20 4.89 -43.73
C VAL A 535 9.64 4.51 -43.49
N PHE A 536 10.49 4.58 -44.51
CA PHE A 536 11.93 4.61 -44.33
C PHE A 536 12.37 5.79 -43.45
N ALA A 537 13.39 5.63 -42.60
CA ALA A 537 14.12 6.79 -42.10
C ALA A 537 14.81 7.48 -43.27
N THR A 538 14.74 8.80 -43.32
CA THR A 538 15.45 9.55 -44.38
C THR A 538 16.95 9.47 -44.11
N SER A 539 17.71 9.14 -45.14
CA SER A 539 19.15 9.10 -45.08
C SER A 539 19.78 9.85 -46.23
N LEU A 540 20.78 10.68 -45.94
CA LEU A 540 21.47 11.45 -46.96
C LEU A 540 22.88 10.88 -47.17
N ASP A 541 23.25 10.72 -48.45
CA ASP A 541 24.38 9.90 -48.89
C ASP A 541 25.55 10.76 -49.40
N THR A 542 26.24 11.42 -48.47
CA THR A 542 27.31 12.39 -48.75
C THR A 542 28.45 12.29 -47.73
N LYS A 543 29.63 12.83 -48.07
CA LYS A 543 30.77 12.99 -47.16
C LYS A 543 31.07 14.45 -46.78
N ASP A 544 30.29 15.42 -47.23
CA ASP A 544 30.51 16.83 -46.89
C ASP A 544 29.94 17.22 -45.50
N ILE A 545 30.81 17.76 -44.65
CA ILE A 545 30.50 18.19 -43.28
C ILE A 545 29.33 19.17 -43.23
N GLU A 546 29.15 20.04 -44.22
CA GLU A 546 28.07 21.01 -44.19
C GLU A 546 26.71 20.31 -44.18
N GLN A 547 26.44 19.43 -45.15
CA GLN A 547 25.17 18.71 -45.17
C GLN A 547 25.01 17.90 -43.88
N ILE A 548 26.09 17.39 -43.30
CA ILE A 548 26.04 16.62 -42.05
C ILE A 548 25.61 17.51 -40.87
N ALA A 549 26.26 18.65 -40.63
CA ALA A 549 25.82 19.60 -39.60
C ALA A 549 24.47 20.28 -39.93
N GLU A 550 24.09 20.32 -41.21
CA GLU A 550 22.75 20.74 -41.61
C GLU A 550 21.71 19.71 -41.18
N PHE A 551 21.92 18.44 -41.54
CA PHE A 551 21.03 17.34 -41.17
C PHE A 551 20.95 17.18 -39.65
N LEU A 552 22.06 17.43 -38.93
CA LEU A 552 22.08 17.58 -37.47
C LEU A 552 21.05 18.61 -37.00
N GLU A 553 21.14 19.84 -37.47
CA GLU A 553 20.17 20.87 -37.14
C GLU A 553 18.74 20.47 -37.53
N GLN A 554 18.55 19.92 -38.73
CA GLN A 554 17.23 19.45 -39.20
C GLN A 554 16.66 18.38 -38.27
N SER A 555 17.49 17.45 -37.79
CA SER A 555 17.07 16.43 -36.85
C SER A 555 16.70 17.02 -35.48
N VAL A 556 17.57 17.86 -34.89
CA VAL A 556 17.28 18.42 -33.56
C VAL A 556 16.03 19.29 -33.57
N LYS A 557 15.69 19.90 -34.72
CA LYS A 557 14.45 20.67 -34.92
C LYS A 557 13.26 19.85 -35.45
N ASP A 558 13.50 18.63 -35.96
CA ASP A 558 12.48 17.64 -36.30
C ASP A 558 12.23 16.64 -35.16
N SER A 559 12.39 17.07 -33.90
CA SER A 559 12.03 16.35 -32.67
C SER A 559 12.84 15.07 -32.38
N CYS A 560 14.02 14.86 -32.99
CA CYS A 560 14.88 13.69 -32.79
C CYS A 560 16.08 13.94 -31.86
N GLU A 561 16.73 12.88 -31.38
CA GLU A 561 17.73 12.94 -30.29
C GLU A 561 19.14 13.39 -30.73
N GLY A 562 19.52 13.07 -31.97
CA GLY A 562 20.88 13.17 -32.46
C GLY A 562 21.04 12.47 -33.80
N LEU A 563 22.26 12.04 -34.12
CA LEU A 563 22.61 11.44 -35.41
C LEU A 563 23.07 9.99 -35.26
N MET A 564 22.64 9.17 -36.21
CA MET A 564 23.10 7.79 -36.43
C MET A 564 23.95 7.70 -37.70
N VAL A 565 25.12 7.06 -37.62
CA VAL A 565 26.05 6.91 -38.75
C VAL A 565 26.32 5.44 -39.03
N LYS A 566 26.14 5.02 -40.28
CA LYS A 566 26.32 3.64 -40.74
C LYS A 566 27.15 3.58 -42.03
N THR A 567 28.08 2.64 -42.13
CA THR A 567 28.83 2.39 -43.39
C THR A 567 28.05 1.49 -44.33
N LEU A 568 28.22 1.62 -45.66
CA LEU A 568 27.49 0.78 -46.63
C LEU A 568 28.06 -0.62 -46.83
N ASP A 569 29.36 -0.84 -46.65
CA ASP A 569 30.00 -2.14 -46.89
C ASP A 569 31.17 -2.43 -45.92
N VAL A 570 32.13 -1.51 -45.76
CA VAL A 570 33.26 -1.65 -44.81
C VAL A 570 32.76 -1.83 -43.39
N ASP A 571 33.00 -2.99 -42.79
CA ASP A 571 32.50 -3.38 -41.47
C ASP A 571 30.96 -3.34 -41.32
N ALA A 572 30.20 -3.16 -42.40
CA ALA A 572 28.76 -2.82 -42.36
C ALA A 572 27.83 -3.94 -41.91
N THR A 573 28.27 -5.19 -41.99
CA THR A 573 27.49 -6.41 -41.73
C THR A 573 26.92 -6.49 -40.31
N TYR A 574 25.93 -7.35 -40.10
CA TYR A 574 25.17 -7.41 -38.86
C TYR A 574 25.87 -8.21 -37.74
N GLU A 575 26.98 -8.90 -38.01
CA GLU A 575 27.58 -9.81 -37.03
C GLU A 575 28.24 -9.09 -35.87
N ILE A 576 27.70 -9.27 -34.66
CA ILE A 576 28.14 -8.62 -33.44
C ILE A 576 29.52 -9.10 -32.99
N ALA A 577 29.83 -10.40 -33.15
CA ALA A 577 31.01 -11.00 -32.52
C ALA A 577 32.34 -10.35 -32.94
N LYS A 578 32.46 -9.88 -34.20
CA LYS A 578 33.66 -9.17 -34.67
C LYS A 578 33.87 -7.86 -33.93
N ARG A 579 32.76 -7.12 -33.80
CA ARG A 579 32.62 -5.86 -33.06
C ARG A 579 31.13 -5.57 -32.89
N SER A 580 30.69 -5.39 -31.65
CA SER A 580 29.30 -5.07 -31.30
C SER A 580 28.82 -3.67 -31.75
N HIS A 581 29.75 -2.70 -31.75
CA HIS A 581 29.51 -1.29 -32.04
C HIS A 581 29.93 -0.89 -33.47
N ASN A 582 29.17 -1.34 -34.48
CA ASN A 582 29.45 -0.95 -35.88
C ASN A 582 28.75 0.34 -36.33
N TRP A 583 27.72 0.80 -35.62
CA TRP A 583 27.06 2.07 -35.89
C TRP A 583 27.40 3.08 -34.80
N LEU A 584 27.42 4.36 -35.16
CA LEU A 584 27.89 5.44 -34.29
C LEU A 584 26.74 6.35 -33.89
N LYS A 585 26.66 6.69 -32.59
CA LYS A 585 25.71 7.69 -32.09
C LYS A 585 26.44 9.01 -31.84
N LEU A 586 25.99 10.05 -32.54
CA LEU A 586 26.44 11.43 -32.37
C LEU A 586 25.40 12.20 -31.56
N LYS A 587 25.64 12.25 -30.26
CA LYS A 587 24.82 12.92 -29.26
C LYS A 587 24.96 14.43 -29.36
N LYS A 588 23.88 15.18 -29.13
CA LYS A 588 23.99 16.64 -28.95
C LYS A 588 24.76 17.00 -27.67
N ASP A 589 24.78 16.10 -26.70
CA ASP A 589 25.22 16.34 -25.32
C ASP A 589 26.55 17.09 -25.19
N TYR A 590 27.62 16.64 -25.87
CA TYR A 590 28.91 17.36 -25.90
C TYR A 590 29.21 18.03 -27.26
N LEU A 591 28.39 17.79 -28.29
CA LEU A 591 28.57 18.42 -29.59
C LEU A 591 28.49 19.96 -29.50
N ASP A 592 27.69 20.50 -28.57
CA ASP A 592 27.64 21.92 -28.25
C ASP A 592 28.83 22.43 -27.42
N GLY A 593 29.81 21.59 -27.10
CA GLY A 593 30.96 21.87 -26.25
C GLY A 593 30.62 21.92 -24.75
N VAL A 594 29.60 22.69 -24.39
CA VAL A 594 28.94 22.62 -23.07
C VAL A 594 27.43 22.74 -23.26
N GLY A 595 26.70 21.84 -22.59
CA GLY A 595 25.28 21.62 -22.81
C GLY A 595 24.41 22.41 -21.83
N ASP A 596 23.27 21.81 -21.49
CA ASP A 596 22.45 22.23 -20.35
C ASP A 596 23.18 21.95 -19.03
N THR A 597 24.18 22.76 -18.74
CA THR A 597 24.80 22.84 -17.42
C THR A 597 23.85 23.50 -16.43
N LEU A 598 23.76 22.93 -15.24
CA LEU A 598 23.02 23.47 -14.11
C LEU A 598 23.92 23.40 -12.88
N ASP A 599 23.61 24.15 -11.84
CA ASP A 599 24.50 24.27 -10.69
C ASP A 599 23.74 24.10 -9.37
N LEU A 600 23.76 22.89 -8.82
CA LEU A 600 22.78 22.43 -7.84
C LEU A 600 23.42 22.22 -6.47
N VAL A 601 22.67 22.52 -5.41
CA VAL A 601 23.17 22.39 -4.04
C VAL A 601 23.00 20.95 -3.54
N VAL A 602 23.98 20.48 -2.78
CA VAL A 602 23.86 19.21 -2.05
C VAL A 602 22.85 19.37 -0.91
N ILE A 603 22.00 18.37 -0.70
CA ILE A 603 21.08 18.33 0.45
C ILE A 603 21.08 16.99 1.18
N GLY A 604 21.53 15.91 0.54
CA GLY A 604 21.50 14.59 1.14
C GLY A 604 22.37 13.59 0.40
N ALA A 605 22.77 12.52 1.10
CA ALA A 605 23.70 11.51 0.64
C ALA A 605 23.18 10.09 0.92
N TYR A 606 23.54 9.17 0.04
CA TYR A 606 23.26 7.75 0.13
C TYR A 606 24.54 6.97 0.41
N LEU A 607 24.53 5.99 1.32
CA LEU A 607 25.72 5.17 1.56
C LEU A 607 26.06 4.32 0.33
N GLY A 608 27.35 4.10 0.13
CA GLY A 608 27.89 3.33 -0.97
C GLY A 608 27.69 1.83 -0.81
N ARG A 609 27.69 1.11 -1.92
CA ARG A 609 27.52 -0.35 -1.99
C ARG A 609 28.38 -0.94 -3.11
N GLY A 610 28.56 -2.25 -3.14
CA GLY A 610 29.45 -2.89 -4.10
C GLY A 610 30.84 -2.28 -4.04
N LYS A 611 31.41 -1.89 -5.18
CA LYS A 611 32.72 -1.19 -5.21
C LYS A 611 32.73 0.09 -4.37
N ARG A 612 31.58 0.76 -4.26
CA ARG A 612 31.36 2.04 -3.56
C ARG A 612 31.24 1.91 -2.04
N ALA A 613 31.07 0.70 -1.51
CA ALA A 613 30.81 0.46 -0.09
C ALA A 613 31.91 1.04 0.83
N GLY A 614 31.54 1.44 2.03
CA GLY A 614 32.41 2.13 3.00
C GLY A 614 32.50 3.66 2.85
N ARG A 615 31.86 4.23 1.83
CA ARG A 615 31.75 5.68 1.56
C ARG A 615 30.31 6.06 1.25
N TYR A 616 30.07 7.24 0.70
CA TYR A 616 28.82 7.57 0.00
C TYR A 616 28.80 7.01 -1.43
N GLY A 617 27.60 6.79 -1.98
CA GLY A 617 27.35 6.10 -3.24
C GLY A 617 26.30 6.74 -4.14
N GLY A 618 25.57 7.71 -3.62
CA GLY A 618 24.54 8.44 -4.32
C GLY A 618 24.25 9.75 -3.58
N PHE A 619 23.59 10.69 -4.24
CA PHE A 619 23.28 11.99 -3.67
C PHE A 619 21.91 12.50 -4.06
N LEU A 620 21.36 13.43 -3.30
CA LEU A 620 20.14 14.15 -3.61
C LEU A 620 20.47 15.64 -3.62
N LEU A 621 19.92 16.33 -4.60
CA LEU A 621 20.23 17.70 -4.94
C LEU A 621 18.98 18.56 -4.97
N ALA A 622 19.15 19.86 -4.74
CA ALA A 622 18.07 20.81 -4.80
C ALA A 622 18.36 22.02 -5.71
N SER A 623 17.31 22.55 -6.34
CA SER A 623 17.27 23.91 -6.90
C SER A 623 16.88 24.92 -5.80
N TYR A 624 16.98 26.23 -6.07
CA TYR A 624 16.58 27.27 -5.13
C TYR A 624 15.27 27.94 -5.55
N ASP A 625 14.32 28.03 -4.62
CA ASP A 625 13.05 28.72 -4.81
C ASP A 625 13.06 30.04 -4.02
N GLU A 626 13.39 31.15 -4.67
CA GLU A 626 13.60 32.41 -3.96
C GLU A 626 12.32 33.06 -3.45
N ASP A 627 11.19 32.91 -4.15
CA ASP A 627 9.87 33.32 -3.65
C ASP A 627 9.34 32.41 -2.51
N SER A 628 10.20 31.62 -1.90
CA SER A 628 9.94 30.96 -0.63
C SER A 628 11.17 30.88 0.27
N GLU A 629 12.36 31.24 -0.23
CA GLU A 629 13.65 31.09 0.46
C GLU A 629 13.97 29.64 0.85
N GLU A 630 13.66 28.66 0.00
CA GLU A 630 13.74 27.23 0.34
C GLU A 630 14.27 26.36 -0.81
N LEU A 631 14.73 25.15 -0.52
CA LEU A 631 15.39 24.30 -1.50
C LEU A 631 14.45 23.20 -1.97
N GLN A 632 14.18 23.12 -3.28
CA GLN A 632 13.31 22.09 -3.85
C GLN A 632 14.15 20.94 -4.40
N ALA A 633 13.94 19.71 -3.91
CA ALA A 633 14.65 18.54 -4.40
C ALA A 633 14.30 18.24 -5.85
N ILE A 634 15.35 18.03 -6.66
CA ILE A 634 15.25 18.06 -8.11
C ILE A 634 15.69 16.76 -8.78
N CYS A 635 16.66 16.07 -8.18
CA CYS A 635 17.17 14.81 -8.69
C CYS A 635 18.02 14.10 -7.63
N LYS A 636 18.28 12.82 -7.88
CA LYS A 636 19.33 12.00 -7.32
C LYS A 636 20.52 11.94 -8.27
N LEU A 637 21.71 12.16 -7.73
CA LEU A 637 22.98 12.13 -8.44
C LEU A 637 23.77 10.89 -8.08
N GLY A 638 24.15 10.08 -9.07
CA GLY A 638 24.91 8.85 -8.80
C GLY A 638 26.02 8.48 -9.79
N THR A 639 26.35 9.32 -10.77
CA THR A 639 27.25 8.91 -11.85
C THR A 639 28.11 10.04 -12.38
N GLY A 640 29.28 9.68 -12.92
CA GLY A 640 30.24 10.60 -13.50
C GLY A 640 31.33 11.11 -12.56
N PHE A 641 31.24 10.90 -11.25
CA PHE A 641 32.35 11.18 -10.35
C PHE A 641 33.32 10.01 -10.28
N SER A 642 34.61 10.28 -10.42
CA SER A 642 35.68 9.30 -10.26
C SER A 642 35.92 8.92 -8.82
N ASP A 643 36.69 7.87 -8.63
CA ASP A 643 36.98 7.22 -7.38
C ASP A 643 37.60 8.18 -6.35
N GLU A 644 38.65 8.89 -6.71
CA GLU A 644 39.33 9.76 -5.77
C GLU A 644 38.61 11.08 -5.55
N GLU A 645 37.83 11.57 -6.53
CA GLU A 645 36.99 12.75 -6.31
C GLU A 645 35.72 12.41 -5.54
N LEU A 646 35.18 11.21 -5.70
CA LEU A 646 34.22 10.66 -4.76
C LEU A 646 34.78 10.61 -3.33
N GLU A 647 36.00 10.15 -3.16
CA GLU A 647 36.62 10.13 -1.83
C GLU A 647 36.74 11.56 -1.27
N GLU A 648 37.07 12.53 -2.11
CA GLU A 648 37.08 13.94 -1.72
C GLU A 648 35.69 14.46 -1.35
N HIS A 649 34.64 14.10 -2.11
CA HIS A 649 33.26 14.46 -1.76
C HIS A 649 32.90 13.88 -0.40
N HIS A 650 33.09 12.59 -0.18
CA HIS A 650 32.85 12.00 1.15
C HIS A 650 33.62 12.74 2.23
N GLN A 651 34.93 12.89 2.09
CA GLN A 651 35.76 13.52 3.10
C GLN A 651 35.36 14.97 3.41
N SER A 652 34.76 15.68 2.45
CA SER A 652 34.19 17.01 2.68
C SER A 652 32.82 16.94 3.39
N LEU A 653 31.99 15.94 3.09
CA LEU A 653 30.64 15.79 3.64
C LEU A 653 30.60 15.16 5.04
N LYS A 654 31.60 14.41 5.48
CA LYS A 654 31.59 13.67 6.76
C LYS A 654 31.10 14.51 7.96
N ALA A 655 31.61 15.73 8.12
CA ALA A 655 31.25 16.62 9.24
C ALA A 655 29.97 17.44 9.01
N LEU A 656 29.44 17.45 7.79
CA LEU A 656 28.36 18.32 7.32
C LEU A 656 26.95 17.79 7.60
N VAL A 657 26.83 16.59 8.16
CA VAL A 657 25.54 16.00 8.50
C VAL A 657 24.74 16.86 9.46
N LEU A 658 23.42 16.70 9.44
CA LEU A 658 22.50 17.13 10.49
C LEU A 658 21.61 15.95 10.92
N PRO A 659 21.39 15.71 12.23
CA PRO A 659 20.59 14.56 12.64
C PRO A 659 19.13 14.63 12.19
N SER A 660 18.53 15.82 12.23
CA SER A 660 17.15 16.05 11.78
C SER A 660 17.10 16.51 10.31
N PRO A 661 15.94 16.43 9.64
CA PRO A 661 15.71 17.18 8.41
C PRO A 661 15.56 18.66 8.76
N ARG A 662 16.39 19.54 8.21
CA ARG A 662 16.23 20.99 8.37
C ARG A 662 15.02 21.46 7.56
N PRO A 663 14.13 22.33 8.07
CA PRO A 663 12.88 22.67 7.38
C PRO A 663 13.01 23.24 5.96
N TYR A 664 14.19 23.75 5.59
CA TYR A 664 14.51 24.28 4.26
C TYR A 664 14.52 23.24 3.13
N VAL A 665 14.23 21.97 3.42
CA VAL A 665 14.12 20.95 2.38
C VAL A 665 12.69 20.81 1.90
N ARG A 666 12.51 20.51 0.61
CA ARG A 666 11.27 19.97 0.08
C ARG A 666 11.56 18.68 -0.66
N ILE A 667 11.00 17.58 -0.20
CA ILE A 667 11.06 16.25 -0.79
C ILE A 667 9.66 15.64 -0.70
N ASP A 668 9.31 14.71 -1.57
CA ASP A 668 8.12 13.86 -1.42
C ASP A 668 8.19 12.68 -2.37
N GLY A 669 7.85 11.47 -1.91
CA GLY A 669 7.92 10.22 -2.66
C GLY A 669 9.34 9.72 -2.96
N ALA A 670 10.24 10.59 -3.41
CA ALA A 670 11.65 10.31 -3.60
C ALA A 670 12.28 9.69 -2.35
N VAL A 671 13.38 8.97 -2.54
CA VAL A 671 13.96 8.17 -1.46
C VAL A 671 14.39 9.05 -0.29
N ILE A 672 13.89 8.71 0.90
CA ILE A 672 14.31 9.33 2.15
C ILE A 672 15.82 9.06 2.33
N PRO A 673 16.67 10.09 2.43
CA PRO A 673 18.11 9.89 2.42
C PRO A 673 18.65 9.30 3.71
N ASP A 674 19.80 8.63 3.60
CA ASP A 674 20.48 8.00 4.73
C ASP A 674 21.08 9.02 5.71
N HIS A 675 21.44 10.19 5.21
CA HIS A 675 21.89 11.33 5.99
C HIS A 675 21.18 12.59 5.48
N TRP A 676 20.93 13.54 6.38
CA TRP A 676 20.59 14.92 6.04
C TRP A 676 21.86 15.78 6.08
N LEU A 677 22.08 16.62 5.08
CA LEU A 677 23.30 17.41 4.93
C LEU A 677 22.99 18.90 4.96
N ASP A 678 23.75 19.68 5.73
CA ASP A 678 23.68 21.15 5.69
C ASP A 678 24.18 21.68 4.33
N PRO A 679 23.43 22.49 3.55
CA PRO A 679 23.69 22.67 2.12
C PRO A 679 24.91 23.49 1.64
N SER A 680 26.08 23.37 2.26
CA SER A 680 27.16 24.38 2.17
C SER A 680 27.89 24.55 0.83
N ALA A 681 27.81 23.61 -0.11
CA ALA A 681 28.47 23.72 -1.41
C ALA A 681 27.50 23.44 -2.56
N VAL A 682 27.89 23.85 -3.76
CA VAL A 682 27.11 23.64 -4.99
C VAL A 682 27.96 22.83 -5.97
N TRP A 683 27.36 21.88 -6.68
CA TRP A 683 28.04 21.06 -7.69
C TRP A 683 27.43 21.32 -9.06
N GLU A 684 28.25 21.79 -9.98
CA GLU A 684 27.84 21.91 -11.35
C GLU A 684 27.66 20.50 -11.90
N VAL A 685 26.54 20.29 -12.58
CA VAL A 685 26.17 19.03 -13.21
C VAL A 685 25.68 19.29 -14.62
N LYS A 686 25.53 18.21 -15.38
CA LYS A 686 25.00 18.24 -16.73
C LYS A 686 23.72 17.45 -16.81
N CYS A 687 22.83 17.91 -17.67
CA CYS A 687 21.57 17.27 -17.95
C CYS A 687 21.46 16.90 -19.42
N ALA A 688 20.69 15.86 -19.76
CA ALA A 688 20.36 15.54 -21.15
C ALA A 688 18.98 15.99 -21.61
N ASP A 689 18.00 16.03 -20.72
CA ASP A 689 16.66 16.50 -21.02
C ASP A 689 15.91 16.84 -19.73
N LEU A 690 15.07 17.87 -19.74
CA LEU A 690 14.10 18.06 -18.68
C LEU A 690 12.83 17.27 -18.96
N SER A 691 12.18 16.77 -17.91
CA SER A 691 10.98 15.93 -17.97
C SER A 691 10.08 16.14 -16.75
N LEU A 692 8.78 15.89 -16.91
CA LEU A 692 7.77 16.21 -15.90
C LEU A 692 7.58 15.05 -14.91
N SER A 693 8.44 15.00 -13.91
CA SER A 693 8.43 14.01 -12.85
C SER A 693 7.12 13.98 -12.06
N PRO A 694 6.46 12.83 -11.94
CA PRO A 694 5.33 12.63 -11.03
C PRO A 694 5.77 12.40 -9.58
N ILE A 695 7.05 12.60 -9.23
CA ILE A 695 7.57 12.33 -7.89
C ILE A 695 8.30 13.52 -7.32
N TYR A 696 8.95 14.36 -8.13
CA TYR A 696 9.74 15.47 -7.63
C TYR A 696 8.91 16.73 -7.47
N PRO A 697 9.09 17.51 -6.40
CA PRO A 697 8.30 18.72 -6.18
C PRO A 697 8.73 19.88 -7.08
N ALA A 698 9.99 19.97 -7.46
CA ALA A 698 10.54 21.20 -8.04
C ALA A 698 9.78 21.66 -9.29
N ALA A 699 9.65 22.97 -9.46
CA ALA A 699 8.95 23.61 -10.59
C ALA A 699 7.44 23.28 -10.77
N ARG A 700 6.79 22.74 -9.74
CA ARG A 700 5.37 22.45 -9.76
C ARG A 700 4.53 23.73 -9.94
N GLY A 701 3.74 23.77 -11.00
CA GLY A 701 2.77 24.83 -11.31
C GLY A 701 3.23 25.90 -12.28
N LEU A 702 4.51 25.91 -12.63
CA LEU A 702 5.04 26.88 -13.59
C LEU A 702 4.69 26.53 -15.04
N VAL A 703 4.30 25.27 -15.29
CA VAL A 703 3.78 24.76 -16.56
C VAL A 703 2.57 23.86 -16.31
N ASP A 704 2.78 22.72 -15.63
CA ASP A 704 1.74 21.86 -15.06
C ASP A 704 1.67 22.05 -13.54
N SER A 705 0.46 22.14 -12.99
CA SER A 705 0.14 22.30 -11.58
C SER A 705 0.90 21.33 -10.66
N ASP A 706 0.62 20.04 -10.74
CA ASP A 706 1.17 19.09 -9.77
C ASP A 706 2.49 18.46 -10.21
N LYS A 707 2.62 18.13 -11.50
CA LYS A 707 3.81 17.46 -12.04
C LYS A 707 5.03 18.35 -11.90
N GLY A 708 6.02 17.91 -11.13
CA GLY A 708 7.28 18.63 -11.04
C GLY A 708 8.23 18.30 -12.17
N ILE A 709 9.46 18.75 -12.06
CA ILE A 709 10.47 18.62 -13.12
C ILE A 709 11.69 17.87 -12.63
N SER A 710 12.35 17.15 -13.51
CA SER A 710 13.59 16.45 -13.19
C SER A 710 14.35 16.11 -14.48
N LEU A 711 15.59 15.68 -14.30
CA LEU A 711 16.60 15.55 -15.33
C LEU A 711 16.63 14.12 -15.88
N ARG A 712 16.39 13.91 -17.17
CA ARG A 712 16.78 12.69 -17.89
C ARG A 712 18.32 12.63 -17.91
N PHE A 713 18.90 11.48 -17.59
CA PHE A 713 20.34 11.21 -17.71
C PHE A 713 21.28 12.20 -16.98
N PRO A 714 21.10 12.50 -15.69
CA PRO A 714 21.96 13.41 -14.95
C PRO A 714 23.39 12.92 -14.83
N ARG A 715 24.38 13.83 -14.86
CA ARG A 715 25.82 13.51 -14.77
C ARG A 715 26.52 14.56 -13.94
N PHE A 716 27.30 14.21 -12.93
CA PHE A 716 28.10 15.21 -12.19
C PHE A 716 29.22 15.78 -13.07
N ILE A 717 29.70 16.99 -12.78
CA ILE A 717 30.80 17.62 -13.51
C ILE A 717 31.85 18.26 -12.60
N ARG A 718 31.49 19.23 -11.75
CA ARG A 718 32.52 20.01 -11.01
C ARG A 718 31.98 20.57 -9.69
N VAL A 719 32.75 20.51 -8.60
CA VAL A 719 32.40 21.12 -7.30
C VAL A 719 32.62 22.65 -7.30
N ARG A 720 31.58 23.46 -7.36
CA ARG A 720 31.67 24.92 -7.53
C ARG A 720 31.94 25.63 -6.20
N GLU A 721 33.21 25.66 -5.81
CA GLU A 721 33.61 25.93 -4.42
C GLU A 721 33.41 27.37 -3.92
N ASP A 722 33.20 28.32 -4.82
CA ASP A 722 33.20 29.76 -4.49
C ASP A 722 31.82 30.34 -4.13
N LYS A 723 30.72 29.69 -4.54
CA LYS A 723 29.35 30.21 -4.41
C LYS A 723 28.80 30.14 -2.99
N GLN A 724 27.68 30.85 -2.78
CA GLN A 724 26.77 30.67 -1.66
C GLN A 724 25.46 30.02 -2.11
N PRO A 725 24.81 29.19 -1.27
CA PRO A 725 23.78 28.26 -1.71
C PRO A 725 22.61 28.90 -2.46
N GLU A 726 22.08 29.99 -1.94
CA GLU A 726 20.94 30.71 -2.51
C GLU A 726 21.20 31.31 -3.91
N GLN A 727 22.46 31.40 -4.32
CA GLN A 727 22.86 31.95 -5.62
C GLN A 727 22.65 30.95 -6.76
N ALA A 728 22.40 29.68 -6.45
CA ALA A 728 22.19 28.59 -7.42
C ALA A 728 20.96 28.78 -8.33
N THR A 729 20.79 27.87 -9.29
CA THR A 729 19.72 27.93 -10.30
C THR A 729 18.33 28.06 -9.67
N THR A 730 17.47 28.87 -10.28
CA THR A 730 16.07 29.01 -9.85
C THR A 730 15.14 28.13 -10.67
N SER A 731 14.05 27.67 -10.06
CA SER A 731 13.03 26.87 -10.74
C SER A 731 12.40 27.58 -11.94
N ALA A 732 12.39 28.91 -11.95
CA ALA A 732 11.96 29.69 -13.11
C ALA A 732 12.89 29.50 -14.31
N GLN A 733 14.21 29.52 -14.11
CA GLN A 733 15.13 29.17 -15.20
C GLN A 733 14.85 27.75 -15.67
N VAL A 734 14.66 26.83 -14.73
CA VAL A 734 14.40 25.43 -15.09
C VAL A 734 13.17 25.31 -16.00
N ALA A 735 12.08 26.01 -15.67
CA ALA A 735 10.91 26.09 -16.53
C ALA A 735 11.26 26.72 -17.88
N CYS A 736 12.00 27.82 -17.90
CA CYS A 736 12.41 28.47 -19.15
C CYS A 736 13.10 27.50 -20.11
N LEU A 737 14.02 26.69 -19.59
CA LEU A 737 14.68 25.65 -20.37
C LEU A 737 13.67 24.64 -20.89
N TYR A 738 12.76 24.16 -20.05
CA TYR A 738 11.70 23.25 -20.50
C TYR A 738 10.90 23.82 -21.66
N ARG A 739 10.48 25.09 -21.58
CA ARG A 739 9.74 25.74 -22.68
C ARG A 739 10.58 25.70 -23.96
N LYS A 740 11.86 26.05 -23.83
CA LYS A 740 12.84 26.03 -24.92
C LYS A 740 13.05 24.65 -25.54
N GLN A 741 12.67 23.56 -24.87
CA GLN A 741 12.71 22.22 -25.45
C GLN A 741 11.64 22.00 -26.55
N SER A 742 10.63 22.87 -26.65
CA SER A 742 9.53 22.74 -27.63
C SER A 742 9.47 23.91 -28.60
N MET B 4 -10.51 -50.75 -3.92
CA MET B 4 -11.93 -50.98 -3.55
C MET B 4 -12.11 -50.59 -2.08
N PHE B 5 -12.76 -49.46 -1.84
CA PHE B 5 -12.86 -48.83 -0.53
C PHE B 5 -14.22 -48.15 -0.34
N GLU B 6 -14.78 -48.33 0.86
CA GLU B 6 -16.07 -47.80 1.29
C GLU B 6 -16.02 -47.57 2.81
N ALA B 7 -16.30 -46.36 3.28
CA ALA B 7 -16.23 -46.01 4.69
C ALA B 7 -17.29 -44.98 5.08
N ARG B 8 -18.30 -45.40 5.84
CA ARG B 8 -19.43 -44.57 6.31
C ARG B 8 -19.26 -44.22 7.79
N LEU B 9 -19.37 -42.96 8.14
CA LEU B 9 -19.30 -42.48 9.53
C LEU B 9 -20.39 -41.45 9.85
N VAL B 10 -21.13 -41.66 10.93
CA VAL B 10 -22.29 -40.82 11.29
C VAL B 10 -21.90 -39.38 11.60
N GLN B 11 -20.94 -39.13 12.48
CA GLN B 11 -20.56 -37.76 12.85
C GLN B 11 -19.49 -37.16 11.92
N GLY B 12 -19.90 -36.77 10.72
CA GLY B 12 -19.00 -36.09 9.77
C GLY B 12 -18.37 -34.80 10.32
N SER B 13 -18.94 -34.20 11.35
CA SER B 13 -18.40 -32.99 12.01
C SER B 13 -16.94 -33.14 12.42
N ILE B 14 -16.51 -34.30 12.92
CA ILE B 14 -15.11 -34.52 13.26
C ILE B 14 -14.27 -34.36 12.00
N LEU B 15 -14.70 -34.97 10.91
CA LEU B 15 -13.96 -34.95 9.65
C LEU B 15 -13.80 -33.53 9.12
N LYS B 16 -14.89 -32.74 9.16
CA LYS B 16 -14.84 -31.30 8.88
C LYS B 16 -13.76 -30.66 9.75
N LYS B 17 -13.90 -30.73 11.07
CA LYS B 17 -13.00 -30.08 12.04
C LYS B 17 -11.53 -30.41 11.77
N VAL B 18 -11.20 -31.68 11.56
CA VAL B 18 -9.80 -32.09 11.33
C VAL B 18 -9.25 -31.60 10.00
N LEU B 19 -10.01 -31.65 8.90
CA LEU B 19 -9.55 -31.10 7.62
C LEU B 19 -9.28 -29.61 7.71
N GLU B 20 -10.22 -28.87 8.29
CA GLU B 20 -10.03 -27.45 8.47
C GLU B 20 -8.80 -27.19 9.34
N ALA B 21 -8.64 -27.92 10.45
CA ALA B 21 -7.51 -27.73 11.35
C ALA B 21 -6.14 -28.07 10.74
N LEU B 22 -6.10 -28.88 9.68
CA LEU B 22 -4.87 -29.23 8.98
C LEU B 22 -4.55 -28.30 7.81
N LYS B 23 -5.57 -27.67 7.18
CA LYS B 23 -5.40 -26.87 5.95
C LYS B 23 -4.26 -25.86 6.09
N ASP B 24 -4.27 -25.08 7.16
CA ASP B 24 -3.40 -23.91 7.31
C ASP B 24 -1.90 -24.24 7.30
N LEU B 25 -1.53 -25.48 7.59
CA LEU B 25 -0.14 -25.91 7.74
C LEU B 25 0.40 -26.69 6.53
N ILE B 26 -0.47 -27.39 5.81
CA ILE B 26 -0.10 -28.15 4.60
C ILE B 26 -1.23 -28.13 3.57
N ASN B 27 -0.87 -28.01 2.30
CA ASN B 27 -1.81 -27.95 1.17
C ASN B 27 -1.97 -29.31 0.47
N GLU B 28 -0.91 -30.09 0.32
CA GLU B 28 -0.92 -31.41 -0.33
C GLU B 28 -0.34 -32.44 0.63
N ALA B 29 -1.07 -33.54 0.82
CA ALA B 29 -0.67 -34.66 1.66
C ALA B 29 -1.31 -35.94 1.14
N CYS B 30 -0.88 -37.07 1.69
CA CYS B 30 -1.39 -38.39 1.31
C CYS B 30 -2.04 -39.07 2.51
N TRP B 31 -3.15 -39.74 2.26
CA TRP B 31 -3.65 -40.75 3.16
C TRP B 31 -3.10 -42.09 2.72
N ASP B 32 -2.64 -42.93 3.64
CA ASP B 32 -2.66 -44.36 3.37
C ASP B 32 -3.93 -44.93 4.00
N ILE B 33 -4.71 -45.62 3.19
CA ILE B 33 -5.91 -46.34 3.61
C ILE B 33 -5.61 -47.84 3.53
N SER B 34 -5.88 -48.55 4.61
CA SER B 34 -5.71 -49.99 4.72
C SER B 34 -6.91 -50.61 5.45
N SER B 35 -7.07 -51.93 5.43
CA SER B 35 -8.14 -52.58 6.18
C SER B 35 -8.08 -52.33 7.70
N SER B 36 -6.93 -51.90 8.24
CA SER B 36 -6.82 -51.46 9.64
C SER B 36 -7.43 -50.07 9.89
N GLY B 37 -7.36 -49.15 8.92
CA GLY B 37 -7.75 -47.75 9.08
C GLY B 37 -6.98 -46.81 8.14
N VAL B 38 -6.94 -45.52 8.51
CA VAL B 38 -6.32 -44.44 7.73
C VAL B 38 -5.21 -43.76 8.53
N ASN B 39 -4.09 -43.45 7.89
CA ASN B 39 -3.01 -42.64 8.48
C ASN B 39 -2.64 -41.47 7.54
N LEU B 40 -2.22 -40.35 8.13
CA LEU B 40 -1.73 -39.18 7.43
C LEU B 40 -0.51 -38.64 8.16
N GLN B 41 0.65 -38.91 7.62
CA GLN B 41 1.92 -38.31 8.01
C GLN B 41 2.29 -37.25 6.98
N SER B 42 2.70 -36.06 7.43
CA SER B 42 3.11 -35.00 6.51
C SER B 42 4.12 -34.05 7.14
N MET B 43 4.94 -33.40 6.30
CA MET B 43 5.93 -32.40 6.67
C MET B 43 5.59 -31.03 6.05
N ASP B 44 5.89 -29.95 6.76
CA ASP B 44 5.75 -28.57 6.27
C ASP B 44 6.83 -28.15 5.29
N SER B 45 6.59 -27.13 4.46
CA SER B 45 7.60 -26.72 3.47
C SER B 45 8.90 -26.23 4.09
N SER B 46 8.87 -25.65 5.29
CA SER B 46 10.11 -25.32 6.02
C SER B 46 10.80 -26.53 6.66
N HIS B 47 10.11 -27.67 6.69
CA HIS B 47 10.48 -28.91 7.35
C HIS B 47 10.81 -28.71 8.85
N VAL B 48 10.02 -27.84 9.50
CA VAL B 48 10.06 -27.46 10.92
C VAL B 48 9.01 -28.16 11.80
N SER B 49 7.81 -28.40 11.25
CA SER B 49 6.66 -28.96 11.94
C SER B 49 6.09 -30.19 11.24
N LEU B 50 6.16 -31.33 11.93
CA LEU B 50 5.69 -32.61 11.41
C LEU B 50 4.36 -32.98 12.07
N VAL B 51 3.39 -33.43 11.27
CA VAL B 51 2.06 -33.84 11.72
C VAL B 51 1.77 -35.31 11.44
N GLN B 52 1.03 -35.98 12.33
CA GLN B 52 0.63 -37.38 12.20
C GLN B 52 -0.81 -37.57 12.68
N LEU B 53 -1.70 -37.97 11.79
CA LEU B 53 -3.07 -38.36 12.09
C LEU B 53 -3.23 -39.88 12.00
N THR B 54 -3.99 -40.46 12.92
CA THR B 54 -4.31 -41.89 12.91
C THR B 54 -5.78 -42.11 13.15
N LEU B 55 -6.47 -42.82 12.26
CA LEU B 55 -7.86 -43.29 12.45
C LEU B 55 -7.91 -44.82 12.43
N ARG B 56 -8.78 -45.43 13.25
CA ARG B 56 -8.95 -46.90 13.36
C ARG B 56 -10.35 -47.35 12.94
N SER B 57 -10.44 -48.51 12.30
CA SER B 57 -11.67 -48.99 11.67
C SER B 57 -12.87 -49.09 12.62
N GLU B 58 -12.70 -49.46 13.89
CA GLU B 58 -13.80 -49.53 14.86
C GLU B 58 -14.49 -48.18 15.12
N GLY B 59 -13.80 -47.07 14.81
CA GLY B 59 -14.34 -45.73 14.88
C GLY B 59 -15.26 -45.42 13.70
N PHE B 60 -15.01 -46.01 12.53
CA PHE B 60 -15.95 -46.00 11.42
C PHE B 60 -17.13 -46.91 11.70
N ASP B 61 -18.33 -46.54 11.25
CA ASP B 61 -19.51 -47.39 11.44
C ASP B 61 -19.54 -48.53 10.42
N THR B 62 -19.39 -48.19 9.13
CA THR B 62 -19.35 -49.17 8.04
C THR B 62 -18.04 -49.02 7.29
N TYR B 63 -17.00 -49.73 7.72
CA TYR B 63 -15.67 -49.68 7.11
C TYR B 63 -15.38 -50.94 6.30
N ARG B 64 -14.97 -50.78 5.03
CA ARG B 64 -14.55 -51.88 4.14
C ARG B 64 -13.46 -51.39 3.20
N CYS B 65 -12.23 -51.76 3.52
CA CYS B 65 -11.06 -51.67 2.63
C CYS B 65 -10.49 -53.08 2.41
N ASP B 66 -10.35 -53.50 1.15
CA ASP B 66 -9.72 -54.80 0.82
C ASP B 66 -8.26 -54.67 0.37
N ARG B 67 -7.96 -53.72 -0.53
CA ARG B 67 -6.61 -53.43 -1.05
C ARG B 67 -6.05 -52.16 -0.42
N ASN B 68 -4.80 -52.21 0.03
CA ASN B 68 -4.10 -51.06 0.59
C ASN B 68 -3.84 -49.98 -0.47
N LEU B 69 -4.52 -48.84 -0.35
CA LEU B 69 -4.56 -47.76 -1.33
C LEU B 69 -4.06 -46.45 -0.72
N ALA B 70 -3.14 -45.80 -1.42
CA ALA B 70 -2.70 -44.45 -1.11
C ALA B 70 -3.51 -43.41 -1.89
N MET B 71 -4.12 -42.45 -1.21
CA MET B 71 -4.84 -41.33 -1.82
C MET B 71 -4.00 -40.07 -1.67
N GLY B 72 -3.52 -39.51 -2.77
CA GLY B 72 -2.94 -38.17 -2.80
C GLY B 72 -4.06 -37.16 -2.92
N VAL B 73 -4.12 -36.22 -1.98
CA VAL B 73 -5.20 -35.23 -1.90
C VAL B 73 -4.69 -33.83 -1.55
N ASN B 74 -5.17 -32.85 -2.31
CA ASN B 74 -5.00 -31.45 -1.96
C ASN B 74 -6.05 -31.08 -0.92
N LEU B 75 -5.56 -30.71 0.28
CA LEU B 75 -6.36 -30.31 1.42
C LEU B 75 -7.37 -29.20 1.08
N THR B 76 -7.01 -28.24 0.24
CA THR B 76 -7.87 -27.07 -0.04
C THR B 76 -9.21 -27.46 -0.63
N SER B 77 -9.23 -28.26 -1.70
CA SER B 77 -10.46 -28.66 -2.35
C SER B 77 -11.33 -29.50 -1.42
N MET B 78 -10.75 -30.49 -0.73
CA MET B 78 -11.54 -31.36 0.15
C MET B 78 -12.03 -30.65 1.42
N SER B 79 -11.26 -29.70 1.94
CA SER B 79 -11.67 -28.85 3.06
C SER B 79 -12.90 -28.04 2.66
N LYS B 80 -12.83 -27.37 1.49
CA LYS B 80 -13.98 -26.66 0.95
C LYS B 80 -15.20 -27.58 0.76
N ILE B 81 -15.01 -28.78 0.22
CA ILE B 81 -16.11 -29.75 0.07
C ILE B 81 -16.79 -30.06 1.41
N LEU B 82 -16.05 -30.23 2.50
CA LEU B 82 -16.66 -30.42 3.82
C LEU B 82 -17.21 -29.13 4.43
N LYS B 83 -16.70 -27.94 4.09
CA LYS B 83 -17.39 -26.68 4.37
C LYS B 83 -18.77 -26.65 3.71
N CYS B 84 -18.93 -27.26 2.54
CA CYS B 84 -20.22 -27.46 1.87
C CYS B 84 -21.13 -28.54 2.50
N ALA B 85 -20.76 -29.13 3.64
CA ALA B 85 -21.51 -30.20 4.30
C ALA B 85 -21.99 -29.80 5.71
N GLY B 86 -23.09 -30.39 6.19
CA GLY B 86 -23.53 -30.20 7.58
C GLY B 86 -22.69 -30.98 8.59
N ASN B 87 -22.72 -30.59 9.87
CA ASN B 87 -21.97 -31.26 10.94
C ASN B 87 -22.48 -32.68 11.22
N GLU B 88 -23.77 -32.80 11.38
CA GLU B 88 -24.45 -34.02 11.78
C GLU B 88 -24.60 -35.03 10.65
N ASP B 89 -24.30 -34.64 9.41
CA ASP B 89 -24.50 -35.48 8.23
C ASP B 89 -23.55 -36.69 8.24
N ILE B 90 -24.09 -37.83 7.81
CA ILE B 90 -23.38 -39.10 7.76
C ILE B 90 -22.58 -39.16 6.46
N ILE B 91 -21.26 -39.27 6.56
CA ILE B 91 -20.36 -39.09 5.42
C ILE B 91 -19.78 -40.44 4.98
N THR B 92 -19.92 -40.77 3.69
CA THR B 92 -19.42 -42.02 3.10
C THR B 92 -18.41 -41.76 1.98
N LEU B 93 -17.13 -42.06 2.26
CA LEU B 93 -16.08 -42.08 1.24
C LEU B 93 -16.23 -43.37 0.39
N ARG B 94 -16.07 -43.26 -0.93
CA ARG B 94 -16.10 -44.42 -1.85
C ARG B 94 -15.09 -44.31 -2.99
N ALA B 95 -14.49 -45.43 -3.37
CA ALA B 95 -13.66 -45.60 -4.57
C ALA B 95 -13.48 -47.11 -4.90
N GLU B 96 -13.05 -47.45 -6.12
CA GLU B 96 -12.65 -48.81 -6.51
C GLU B 96 -11.17 -48.88 -6.93
N ASP B 97 -10.70 -50.04 -7.37
CA ASP B 97 -9.29 -50.20 -7.74
C ASP B 97 -8.87 -49.24 -8.87
N ASN B 98 -7.75 -48.55 -8.66
CA ASN B 98 -7.17 -47.55 -9.55
C ASN B 98 -8.17 -46.43 -9.91
N ALA B 99 -9.09 -46.10 -9.01
CA ALA B 99 -10.02 -44.99 -9.18
C ALA B 99 -9.26 -43.66 -9.25
N ASP B 100 -9.49 -42.86 -10.30
CA ASP B 100 -8.87 -41.53 -10.45
C ASP B 100 -9.67 -40.38 -9.81
N THR B 101 -10.83 -40.69 -9.24
CA THR B 101 -11.79 -39.74 -8.65
C THR B 101 -12.29 -40.23 -7.29
N LEU B 102 -12.35 -39.35 -6.30
CA LEU B 102 -12.83 -39.70 -4.96
C LEU B 102 -14.29 -39.30 -4.79
N ALA B 103 -15.16 -40.25 -4.42
CA ALA B 103 -16.57 -39.99 -4.15
C ALA B 103 -16.81 -39.70 -2.66
N LEU B 104 -17.49 -38.59 -2.35
CA LEU B 104 -18.04 -38.28 -1.03
C LEU B 104 -19.57 -38.25 -1.08
N VAL B 105 -20.21 -39.11 -0.29
CA VAL B 105 -21.66 -39.08 -0.04
C VAL B 105 -21.96 -38.35 1.27
N PHE B 106 -22.85 -37.36 1.24
CA PHE B 106 -23.33 -36.64 2.42
C PHE B 106 -24.81 -36.93 2.67
N GLU B 107 -25.13 -37.42 3.87
CA GLU B 107 -26.46 -37.91 4.23
C GLU B 107 -27.13 -37.02 5.27
N ALA B 108 -28.30 -36.45 4.95
CA ALA B 108 -29.02 -35.56 5.87
C ALA B 108 -30.03 -36.32 6.76
N PRO B 109 -30.31 -35.84 7.98
CA PRO B 109 -31.28 -36.46 8.89
C PRO B 109 -32.74 -36.34 8.46
N ASN B 110 -33.02 -35.63 7.36
CA ASN B 110 -34.36 -35.51 6.79
C ASN B 110 -34.71 -36.61 5.78
N GLN B 111 -33.77 -37.48 5.42
CA GLN B 111 -33.89 -38.54 4.40
C GLN B 111 -34.15 -38.05 2.96
N GLU B 112 -34.64 -36.83 2.78
CA GLU B 112 -34.95 -36.20 1.51
C GLU B 112 -33.76 -35.56 0.79
N LYS B 113 -32.65 -35.32 1.52
CA LYS B 113 -31.41 -34.72 1.02
C LYS B 113 -30.24 -35.70 1.12
N VAL B 114 -29.61 -36.02 0.00
CA VAL B 114 -28.47 -36.96 -0.06
C VAL B 114 -27.48 -36.50 -1.13
N SER B 115 -26.61 -35.57 -0.74
CA SER B 115 -25.70 -34.89 -1.66
C SER B 115 -24.45 -35.69 -1.96
N ASP B 116 -23.80 -35.43 -3.09
CA ASP B 116 -22.59 -36.15 -3.49
C ASP B 116 -21.59 -35.18 -4.14
N TYR B 117 -20.31 -35.37 -3.84
CA TYR B 117 -19.20 -34.55 -4.35
C TYR B 117 -18.07 -35.44 -4.83
N GLU B 118 -17.60 -35.18 -6.04
CA GLU B 118 -16.48 -35.88 -6.67
C GLU B 118 -15.25 -34.96 -6.63
N MET B 119 -14.18 -35.43 -6.01
CA MET B 119 -12.89 -34.73 -5.98
C MET B 119 -11.92 -35.41 -6.97
N LYS B 120 -11.25 -34.60 -7.81
CA LYS B 120 -10.07 -35.05 -8.56
C LYS B 120 -8.93 -35.42 -7.60
N LEU B 121 -8.49 -36.67 -7.65
CA LEU B 121 -7.24 -37.07 -7.00
C LEU B 121 -6.06 -36.53 -7.82
N MET B 122 -4.85 -36.64 -7.29
CA MET B 122 -3.61 -36.31 -7.98
C MET B 122 -2.44 -37.18 -7.51
N ASP B 123 -1.43 -37.36 -8.35
CA ASP B 123 -0.18 -38.00 -7.94
C ASP B 123 0.47 -37.22 -6.78
N LEU B 124 1.00 -37.93 -5.78
CA LEU B 124 1.79 -37.32 -4.73
C LEU B 124 2.79 -38.30 -4.11
N ASP B 125 4.05 -37.88 -4.00
CA ASP B 125 5.08 -38.53 -3.21
C ASP B 125 5.40 -37.67 -1.98
N VAL B 126 5.42 -38.28 -0.79
CA VAL B 126 5.74 -37.63 0.49
C VAL B 126 6.93 -38.33 1.17
N GLU B 127 7.79 -37.58 1.86
CA GLU B 127 8.87 -38.21 2.64
C GLU B 127 8.33 -38.82 3.94
N GLN B 128 8.71 -40.06 4.23
CA GLN B 128 8.38 -40.74 5.48
C GLN B 128 9.56 -40.67 6.45
N LEU B 129 9.30 -40.27 7.70
CA LEU B 129 10.28 -40.22 8.80
C LEU B 129 9.78 -41.02 10.01
N GLY B 130 10.74 -41.63 10.72
CA GLY B 130 10.50 -42.59 11.80
C GLY B 130 10.87 -42.07 13.18
N ILE B 131 10.01 -41.22 13.75
CA ILE B 131 10.23 -40.63 15.07
C ILE B 131 10.00 -41.68 16.15
N PRO B 132 11.02 -41.98 16.98
CA PRO B 132 10.89 -43.00 17.99
C PRO B 132 9.99 -42.51 19.12
N GLU B 133 9.07 -43.37 19.52
CA GLU B 133 8.45 -43.28 20.84
C GLU B 133 9.52 -43.44 21.91
N GLN B 134 9.39 -42.68 22.99
CA GLN B 134 10.38 -42.57 24.05
C GLN B 134 9.69 -42.00 25.29
N GLU B 135 10.34 -42.10 26.44
CA GLU B 135 9.96 -41.29 27.61
C GLU B 135 10.01 -39.80 27.25
N TYR B 136 9.24 -38.97 27.96
CA TYR B 136 9.38 -37.52 27.90
C TYR B 136 9.57 -36.92 29.29
N SER B 137 10.57 -36.06 29.45
CA SER B 137 11.04 -35.50 30.72
C SER B 137 9.98 -34.76 31.52
N CYS B 138 9.13 -34.03 30.80
CA CYS B 138 7.92 -33.39 31.29
C CYS B 138 6.75 -33.74 30.39
N VAL B 139 5.62 -34.09 31.01
CA VAL B 139 4.33 -34.22 30.35
C VAL B 139 3.30 -33.41 31.10
N VAL B 140 2.50 -32.65 30.35
CA VAL B 140 1.42 -31.84 30.89
C VAL B 140 0.14 -32.17 30.11
N LYS B 141 -0.98 -32.31 30.79
CA LYS B 141 -2.30 -32.30 30.18
C LYS B 141 -2.94 -30.96 30.51
N MET B 142 -3.38 -30.22 29.50
CA MET B 142 -4.02 -28.90 29.65
C MET B 142 -5.35 -28.88 28.93
N PRO B 143 -6.36 -28.14 29.41
CA PRO B 143 -7.56 -27.92 28.62
C PRO B 143 -7.18 -27.23 27.31
N SER B 144 -7.81 -27.61 26.21
CA SER B 144 -7.46 -27.16 24.86
C SER B 144 -7.62 -25.65 24.76
N GLY B 145 -8.72 -25.13 25.29
CA GLY B 145 -8.97 -23.70 25.42
C GLY B 145 -7.87 -22.97 26.15
N GLU B 146 -7.38 -23.46 27.29
CA GLU B 146 -6.44 -22.66 28.10
C GLU B 146 -5.08 -22.48 27.42
N PHE B 147 -4.55 -23.53 26.83
CA PHE B 147 -3.36 -23.39 26.01
C PHE B 147 -3.63 -22.55 24.76
N ALA B 148 -4.76 -22.74 24.08
CA ALA B 148 -5.11 -21.98 22.89
C ALA B 148 -5.15 -20.48 23.19
N ARG B 149 -5.79 -20.08 24.29
CA ARG B 149 -5.85 -18.69 24.74
C ARG B 149 -4.45 -18.17 25.10
N ILE B 150 -3.65 -18.92 25.86
CA ILE B 150 -2.27 -18.53 26.19
C ILE B 150 -1.49 -18.18 24.93
N CYS B 151 -1.59 -19.01 23.90
CA CYS B 151 -0.82 -18.77 22.69
C CYS B 151 -1.41 -17.61 21.88
N ARG B 152 -2.74 -17.57 21.70
CA ARG B 152 -3.42 -16.50 20.97
C ARG B 152 -3.11 -15.14 21.56
N ASP B 153 -3.05 -15.06 22.89
CA ASP B 153 -2.52 -13.91 23.61
C ASP B 153 -1.06 -13.67 23.26
N LEU B 154 -0.16 -14.57 23.66
CA LEU B 154 1.27 -14.28 23.66
C LEU B 154 1.84 -14.01 22.27
N SER B 155 1.15 -14.42 21.20
CA SER B 155 1.48 -14.04 19.83
C SER B 155 1.66 -12.53 19.65
N HIS B 156 1.05 -11.71 20.51
CA HIS B 156 1.13 -10.26 20.47
C HIS B 156 2.30 -9.66 21.26
N ILE B 157 3.04 -10.42 22.06
CA ILE B 157 4.10 -9.88 22.94
C ILE B 157 5.52 -10.13 22.43
N GLY B 158 5.67 -11.02 21.46
CA GLY B 158 6.95 -11.43 20.91
C GLY B 158 6.75 -12.31 19.68
N ASP B 159 7.77 -13.06 19.32
CA ASP B 159 7.71 -14.04 18.21
C ASP B 159 8.04 -15.47 18.63
N ALA B 160 8.70 -15.64 19.77
CA ALA B 160 9.09 -16.92 20.34
C ALA B 160 8.91 -16.95 21.86
N VAL B 161 8.49 -18.10 22.37
CA VAL B 161 8.17 -18.30 23.80
C VAL B 161 9.19 -19.18 24.49
N VAL B 162 9.68 -18.75 25.64
CA VAL B 162 10.59 -19.51 26.50
C VAL B 162 9.75 -20.29 27.52
N ILE B 163 9.45 -21.54 27.20
CA ILE B 163 8.68 -22.43 28.09
C ILE B 163 9.61 -22.97 29.18
N SER B 164 9.10 -23.19 30.39
CA SER B 164 9.85 -23.85 31.47
C SER B 164 8.88 -24.59 32.40
N CYS B 165 8.76 -25.90 32.25
CA CYS B 165 7.90 -26.75 33.10
C CYS B 165 8.61 -27.19 34.38
N ALA B 166 7.86 -27.28 35.49
CA ALA B 166 8.35 -27.70 36.81
C ALA B 166 7.22 -28.30 37.66
N LYS B 167 7.59 -28.93 38.77
CA LYS B 167 6.64 -29.66 39.63
C LYS B 167 5.55 -28.81 40.27
N ASP B 168 5.80 -27.52 40.51
CA ASP B 168 4.82 -26.58 41.06
C ASP B 168 3.85 -26.05 40.00
N GLY B 169 4.35 -25.75 38.80
CA GLY B 169 3.55 -25.22 37.71
C GLY B 169 4.35 -24.94 36.44
N VAL B 170 3.71 -25.07 35.27
CA VAL B 170 4.31 -24.75 33.98
C VAL B 170 4.31 -23.25 33.73
N LYS B 171 5.45 -22.73 33.29
CA LYS B 171 5.60 -21.33 32.93
C LYS B 171 5.76 -21.17 31.43
N PHE B 172 4.96 -20.29 30.86
CA PHE B 172 5.30 -19.59 29.62
C PHE B 172 5.92 -18.23 29.96
N SER B 173 6.85 -17.75 29.14
CA SER B 173 7.34 -16.37 29.20
C SER B 173 7.83 -15.92 27.84
N ALA B 174 7.71 -14.64 27.53
CA ALA B 174 8.08 -14.06 26.24
C ALA B 174 8.47 -12.59 26.42
N SER B 175 9.07 -11.99 25.41
CA SER B 175 9.42 -10.56 25.39
C SER B 175 9.45 -10.04 23.96
N GLY B 176 9.32 -8.72 23.79
CA GLY B 176 9.29 -8.10 22.47
C GLY B 176 8.94 -6.62 22.47
N GLU B 177 8.44 -6.16 21.33
CA GLU B 177 8.25 -4.75 20.94
C GLU B 177 7.59 -3.86 22.02
N LEU B 178 6.63 -4.41 22.77
CA LEU B 178 5.80 -3.65 23.70
C LEU B 178 6.07 -3.94 25.18
N GLY B 179 6.95 -4.90 25.50
CA GLY B 179 7.22 -5.35 26.87
C GLY B 179 7.59 -6.83 26.99
N ASN B 180 7.08 -7.47 28.04
CA ASN B 180 7.19 -8.90 28.30
C ASN B 180 5.91 -9.42 28.98
N GLY B 181 5.71 -10.74 28.98
CA GLY B 181 4.49 -11.35 29.50
C GLY B 181 4.66 -12.80 29.94
N ASN B 182 4.25 -13.09 31.17
CA ASN B 182 4.43 -14.40 31.81
C ASN B 182 3.08 -15.01 32.17
N ILE B 183 2.99 -16.33 32.04
CA ILE B 183 1.82 -17.11 32.45
C ILE B 183 2.32 -18.34 33.19
N LYS B 184 2.07 -18.39 34.50
CA LYS B 184 2.37 -19.56 35.31
C LYS B 184 1.09 -20.34 35.63
N LEU B 185 0.73 -21.29 34.77
CA LEU B 185 -0.34 -22.25 35.10
C LEU B 185 0.16 -23.18 36.20
N SER B 186 -0.53 -23.25 37.33
CA SER B 186 -0.26 -24.28 38.34
C SER B 186 -0.90 -25.63 37.97
N GLN B 187 -0.72 -26.63 38.83
CA GLN B 187 -1.33 -27.93 38.68
C GLN B 187 -2.66 -27.97 39.45
N THR B 188 -3.75 -28.40 38.80
CA THR B 188 -5.11 -28.48 39.34
C THR B 188 -5.25 -29.57 40.42
N SER B 189 -4.74 -29.31 41.63
CA SER B 189 -4.30 -30.38 42.55
C SER B 189 -5.36 -30.84 43.55
N ASN B 190 -6.05 -29.92 44.23
CA ASN B 190 -6.96 -30.24 45.33
C ASN B 190 -8.34 -30.77 44.87
N VAL B 191 -8.72 -30.55 43.61
CA VAL B 191 -10.03 -30.92 43.07
C VAL B 191 -9.88 -31.49 41.66
N ASP B 192 -10.13 -32.79 41.52
CA ASP B 192 -9.91 -33.51 40.29
C ASP B 192 -11.11 -33.45 39.32
N LYS B 193 -11.38 -32.27 38.75
CA LYS B 193 -12.53 -32.03 37.85
C LYS B 193 -12.50 -32.82 36.53
N GLU B 194 -11.33 -33.34 36.13
CA GLU B 194 -11.08 -34.12 34.90
C GLU B 194 -11.31 -33.36 33.59
N GLU B 195 -12.55 -32.94 33.37
CA GLU B 195 -12.97 -32.17 32.20
C GLU B 195 -12.22 -30.84 32.05
N GLU B 196 -11.75 -30.26 33.17
CA GLU B 196 -11.19 -28.90 33.21
C GLU B 196 -9.79 -28.75 33.86
N ALA B 197 -9.08 -29.85 34.11
CA ALA B 197 -7.84 -29.80 34.88
C ALA B 197 -6.57 -29.56 34.05
N VAL B 198 -5.60 -28.94 34.71
CA VAL B 198 -4.18 -28.84 34.34
C VAL B 198 -3.39 -29.82 35.19
N THR B 199 -2.66 -30.72 34.57
CA THR B 199 -1.92 -31.80 35.24
C THR B 199 -0.50 -31.83 34.72
N ILE B 200 0.48 -31.93 35.61
CA ILE B 200 1.90 -31.94 35.29
C ILE B 200 2.50 -33.20 35.91
N GLU B 201 3.30 -33.92 35.14
CA GLU B 201 4.19 -34.96 35.64
C GLU B 201 5.58 -34.75 35.05
N MET B 202 6.59 -34.88 35.90
CA MET B 202 7.93 -34.41 35.62
C MET B 202 8.96 -35.29 36.33
N ASN B 203 9.88 -35.87 35.59
CA ASN B 203 11.06 -36.52 36.16
C ASN B 203 12.23 -35.52 36.25
N GLU B 204 12.43 -34.76 35.19
CA GLU B 204 13.38 -33.66 35.15
C GLU B 204 12.74 -32.46 34.45
N PRO B 205 13.00 -31.24 34.94
CA PRO B 205 12.56 -30.02 34.27
C PRO B 205 13.20 -29.84 32.90
N VAL B 206 12.48 -29.21 31.97
CA VAL B 206 13.00 -28.84 30.66
C VAL B 206 12.58 -27.41 30.27
N GLN B 207 13.52 -26.66 29.72
CA GLN B 207 13.38 -25.26 29.35
C GLN B 207 13.93 -25.02 27.95
N LEU B 208 13.12 -24.46 27.06
CA LEU B 208 13.36 -24.34 25.62
C LEU B 208 12.61 -23.14 25.04
N THR B 209 12.80 -22.89 23.75
CA THR B 209 12.21 -21.76 23.02
C THR B 209 11.51 -22.25 21.76
N PHE B 210 10.39 -21.65 21.35
CA PHE B 210 9.57 -22.15 20.23
C PHE B 210 8.89 -21.07 19.40
N ALA B 211 8.46 -21.40 18.19
CA ALA B 211 7.89 -20.47 17.22
C ALA B 211 6.37 -20.26 17.32
N LEU B 212 5.95 -19.02 17.50
CA LEU B 212 4.54 -18.69 17.69
C LEU B 212 3.69 -18.80 16.43
N ARG B 213 4.25 -18.62 15.23
CA ARG B 213 3.55 -18.83 13.95
C ARG B 213 2.99 -20.24 13.85
N TYR B 214 3.85 -21.23 14.10
CA TYR B 214 3.45 -22.63 14.11
C TYR B 214 2.56 -22.96 15.29
N LEU B 215 2.76 -22.41 16.49
CA LEU B 215 1.77 -22.63 17.55
C LEU B 215 0.39 -22.13 17.12
N ASN B 216 0.31 -20.96 16.49
CA ASN B 216 -0.94 -20.48 15.92
C ASN B 216 -1.48 -21.42 14.84
N PHE B 217 -0.62 -22.08 14.06
CA PHE B 217 -1.05 -23.11 13.11
C PHE B 217 -1.53 -24.38 13.82
N PHE B 218 -0.91 -24.77 14.94
CA PHE B 218 -1.25 -25.98 15.67
C PHE B 218 -2.60 -25.89 16.36
N THR B 219 -2.84 -24.78 17.07
CA THR B 219 -4.03 -24.60 17.93
C THR B 219 -5.38 -24.79 17.21
N LYS B 220 -5.41 -24.77 15.87
CA LYS B 220 -6.62 -25.00 15.05
C LYS B 220 -7.37 -26.30 15.35
N ALA B 221 -6.72 -27.33 15.91
CA ALA B 221 -7.39 -28.58 16.31
C ALA B 221 -8.05 -28.57 17.71
N THR B 222 -8.00 -27.45 18.44
CA THR B 222 -8.72 -27.25 19.72
C THR B 222 -10.19 -27.67 19.76
N PRO B 223 -11.01 -27.55 18.70
CA PRO B 223 -12.41 -27.95 18.76
C PRO B 223 -12.66 -29.46 18.75
N LEU B 224 -11.64 -30.31 18.57
CA LEU B 224 -11.81 -31.77 18.61
C LEU B 224 -11.86 -32.38 20.02
N SER B 225 -11.16 -31.77 20.97
CA SER B 225 -11.10 -32.22 22.36
C SER B 225 -11.04 -31.03 23.31
N SER B 226 -11.68 -31.15 24.48
CA SER B 226 -11.61 -30.16 25.56
C SER B 226 -10.23 -30.07 26.23
N THR B 227 -9.31 -30.99 25.93
CA THR B 227 -7.96 -31.04 26.49
C THR B 227 -6.98 -31.59 25.47
N VAL B 228 -5.70 -31.33 25.68
CA VAL B 228 -4.57 -31.79 24.88
C VAL B 228 -3.43 -32.16 25.80
N THR B 229 -2.45 -32.88 25.30
CA THR B 229 -1.24 -33.15 26.07
C THR B 229 0.03 -32.75 25.34
N LEU B 230 0.97 -32.24 26.13
CA LEU B 230 2.24 -31.70 25.73
C LEU B 230 3.33 -32.58 26.29
N SER B 231 4.24 -33.04 25.45
CA SER B 231 5.46 -33.72 25.89
C SER B 231 6.69 -32.92 25.52
N MET B 232 7.42 -32.47 26.53
CA MET B 232 8.64 -31.68 26.36
C MET B 232 9.84 -32.43 26.94
N SER B 233 10.97 -32.42 26.24
CA SER B 233 12.21 -33.08 26.68
C SER B 233 13.45 -32.37 26.14
N ALA B 234 14.59 -32.46 26.85
CA ALA B 234 15.74 -31.61 26.56
C ALA B 234 16.26 -31.86 25.14
N ASP B 235 16.32 -30.80 24.33
CA ASP B 235 16.75 -30.87 22.93
C ASP B 235 15.74 -31.53 21.97
N VAL B 236 14.55 -31.90 22.45
CA VAL B 236 13.60 -32.74 21.71
C VAL B 236 12.50 -31.90 21.07
N PRO B 237 12.04 -32.24 19.85
CA PRO B 237 10.85 -31.62 19.28
C PRO B 237 9.61 -31.71 20.17
N LEU B 238 8.90 -30.60 20.40
CA LEU B 238 7.71 -30.61 21.26
C LEU B 238 6.61 -31.46 20.67
N VAL B 239 6.11 -32.42 21.45
CA VAL B 239 4.95 -33.22 21.06
C VAL B 239 3.70 -32.55 21.58
N VAL B 240 2.78 -32.20 20.68
CA VAL B 240 1.42 -31.77 21.04
C VAL B 240 0.45 -32.83 20.55
N GLU B 241 -0.43 -33.33 21.41
CA GLU B 241 -1.33 -34.44 21.10
C GLU B 241 -2.80 -34.11 21.39
N TYR B 242 -3.67 -34.48 20.44
CA TYR B 242 -5.12 -34.33 20.42
C TYR B 242 -5.83 -35.69 20.23
N LYS B 243 -6.22 -36.33 21.34
CA LYS B 243 -6.89 -37.62 21.30
C LYS B 243 -8.33 -37.48 20.80
N ILE B 244 -8.60 -37.79 19.53
CA ILE B 244 -9.91 -37.64 18.89
C ILE B 244 -10.84 -38.79 19.33
N ALA B 245 -11.33 -38.67 20.56
CA ALA B 245 -12.19 -39.65 21.22
C ALA B 245 -11.60 -41.08 21.12
N ASP B 246 -12.37 -42.01 20.54
CA ASP B 246 -11.99 -43.38 20.26
C ASP B 246 -11.84 -43.66 18.75
N MET B 247 -11.91 -42.66 17.88
CA MET B 247 -11.65 -42.83 16.45
C MET B 247 -10.19 -42.68 16.08
N GLY B 248 -9.37 -41.97 16.87
CA GLY B 248 -7.98 -41.70 16.50
C GLY B 248 -7.12 -40.82 17.43
N HIS B 249 -5.93 -40.46 16.96
CA HIS B 249 -4.99 -39.51 17.58
C HIS B 249 -4.37 -38.59 16.55
N LEU B 250 -4.17 -37.32 16.89
CA LEU B 250 -3.47 -36.35 16.06
C LEU B 250 -2.34 -35.70 16.85
N LYS B 251 -1.14 -35.82 16.31
CA LYS B 251 0.11 -35.49 17.00
C LYS B 251 0.90 -34.50 16.14
N TYR B 252 1.63 -33.61 16.78
CA TYR B 252 2.48 -32.61 16.13
C TYR B 252 3.86 -32.58 16.80
N TYR B 253 4.94 -32.56 16.02
CA TYR B 253 6.29 -32.28 16.53
C TYR B 253 6.76 -30.91 16.07
N LEU B 254 7.33 -30.14 16.99
CA LEU B 254 7.86 -28.80 16.72
C LEU B 254 9.36 -28.73 16.92
N ALA B 255 10.10 -28.46 15.85
CA ALA B 255 11.52 -28.21 15.96
C ALA B 255 11.82 -27.02 16.87
N PRO B 256 12.62 -27.17 17.94
CA PRO B 256 12.90 -26.10 18.89
C PRO B 256 13.68 -24.92 18.28
N LYS B 257 13.79 -23.82 19.04
CA LYS B 257 14.66 -22.67 18.73
C LYS B 257 15.86 -22.57 19.70
N ILE B 258 16.54 -23.68 19.96
CA ILE B 258 17.62 -23.75 20.98
C ILE B 258 18.78 -22.81 20.68
N MET C 4 -50.72 11.85 -4.72
CA MET C 4 -50.64 11.93 -3.25
C MET C 4 -51.18 10.61 -2.75
N PHE C 5 -50.59 10.04 -1.69
CA PHE C 5 -51.19 8.95 -0.95
C PHE C 5 -50.58 8.84 0.45
N GLU C 6 -51.24 8.10 1.31
CA GLU C 6 -50.75 7.75 2.63
C GLU C 6 -50.97 6.25 2.87
N ALA C 7 -49.96 5.56 3.40
CA ALA C 7 -50.02 4.13 3.66
C ALA C 7 -49.39 3.81 5.01
N ARG C 8 -50.03 2.93 5.79
CA ARG C 8 -49.60 2.48 7.13
C ARG C 8 -49.60 0.96 7.21
N LEU C 9 -48.52 0.41 7.76
CA LEU C 9 -48.41 -1.00 8.11
C LEU C 9 -47.72 -1.15 9.47
N VAL C 10 -48.32 -1.91 10.36
CA VAL C 10 -47.80 -2.20 11.72
C VAL C 10 -46.49 -2.98 11.68
N GLN C 11 -46.38 -3.96 10.78
CA GLN C 11 -45.16 -4.74 10.63
C GLN C 11 -44.18 -4.06 9.67
N GLY C 12 -43.46 -3.03 10.13
CA GLY C 12 -42.51 -2.31 9.27
C GLY C 12 -41.41 -3.21 8.71
N SER C 13 -41.01 -4.25 9.44
CA SER C 13 -40.06 -5.26 8.97
C SER C 13 -40.42 -5.80 7.59
N ILE C 14 -41.70 -5.90 7.23
CA ILE C 14 -42.11 -6.39 5.92
C ILE C 14 -41.47 -5.53 4.83
N LEU C 15 -41.72 -4.24 4.86
CA LEU C 15 -41.12 -3.32 3.89
C LEU C 15 -39.60 -3.22 4.06
N LYS C 16 -39.07 -3.36 5.28
CA LYS C 16 -37.61 -3.42 5.49
C LYS C 16 -36.99 -4.51 4.63
N LYS C 17 -37.52 -5.72 4.72
CA LYS C 17 -37.05 -6.86 3.94
C LYS C 17 -37.35 -6.69 2.45
N VAL C 18 -38.52 -6.15 2.10
CA VAL C 18 -38.89 -5.88 0.70
C VAL C 18 -37.84 -4.99 0.03
N LEU C 19 -37.35 -3.99 0.74
CA LEU C 19 -36.25 -3.17 0.27
C LEU C 19 -34.95 -3.97 0.22
N GLU C 20 -34.56 -4.58 1.34
CA GLU C 20 -33.26 -5.24 1.47
C GLU C 20 -33.05 -6.36 0.44
N ALA C 21 -34.13 -6.98 -0.02
CA ALA C 21 -34.10 -7.95 -1.12
C ALA C 21 -33.66 -7.32 -2.46
N LEU C 22 -34.04 -6.07 -2.74
CA LEU C 22 -33.81 -5.40 -4.03
C LEU C 22 -32.50 -4.61 -4.10
N LYS C 23 -31.89 -4.22 -2.98
CA LYS C 23 -30.81 -3.21 -2.93
C LYS C 23 -29.60 -3.52 -3.80
N ASP C 24 -29.24 -4.80 -3.95
CA ASP C 24 -28.12 -5.25 -4.79
C ASP C 24 -28.54 -5.68 -6.21
N LEU C 25 -29.82 -5.63 -6.57
CA LEU C 25 -30.29 -5.84 -7.94
C LEU C 25 -30.24 -4.55 -8.76
N ILE C 26 -30.95 -3.51 -8.29
CA ILE C 26 -31.08 -2.21 -8.97
C ILE C 26 -30.96 -1.07 -7.96
N ASN C 27 -30.14 -0.07 -8.31
CA ASN C 27 -29.86 1.08 -7.45
C ASN C 27 -30.96 2.15 -7.54
N GLU C 28 -31.58 2.32 -8.71
CA GLU C 28 -32.75 3.16 -8.93
C GLU C 28 -33.86 2.40 -9.64
N ALA C 29 -35.11 2.72 -9.30
CA ALA C 29 -36.30 2.16 -9.93
C ALA C 29 -37.51 3.10 -9.78
N CYS C 30 -38.51 2.95 -10.66
CA CYS C 30 -39.82 3.61 -10.49
C CYS C 30 -40.79 2.75 -9.67
N TRP C 31 -41.09 3.18 -8.45
CA TRP C 31 -42.22 2.63 -7.70
C TRP C 31 -43.48 3.22 -8.27
N ASP C 32 -44.41 2.39 -8.70
CA ASP C 32 -45.73 2.80 -9.18
C ASP C 32 -46.76 2.46 -8.11
N ILE C 33 -47.42 3.50 -7.59
CA ILE C 33 -48.41 3.39 -6.52
C ILE C 33 -49.78 3.84 -7.05
N SER C 34 -50.77 2.98 -6.93
CA SER C 34 -52.14 3.25 -7.32
C SER C 34 -53.12 2.73 -6.27
N SER C 35 -54.41 3.04 -6.40
CA SER C 35 -55.46 2.62 -5.48
C SER C 35 -55.58 1.09 -5.29
N SER C 36 -55.24 0.30 -6.30
CA SER C 36 -55.21 -1.18 -6.18
C SER C 36 -54.02 -1.67 -5.33
N GLY C 37 -52.89 -0.97 -5.36
CA GLY C 37 -51.66 -1.42 -4.74
C GLY C 37 -50.40 -0.86 -5.40
N VAL C 38 -49.26 -1.39 -4.98
CA VAL C 38 -47.91 -0.96 -5.40
C VAL C 38 -47.29 -2.00 -6.32
N ASN C 39 -46.74 -1.55 -7.45
CA ASN C 39 -46.02 -2.38 -8.41
C ASN C 39 -44.63 -1.80 -8.68
N LEU C 40 -43.65 -2.67 -8.91
CA LEU C 40 -42.32 -2.30 -9.38
C LEU C 40 -41.76 -3.38 -10.31
N GLN C 41 -41.80 -3.10 -11.61
CA GLN C 41 -41.21 -3.94 -12.66
C GLN C 41 -39.99 -3.24 -13.24
N SER C 42 -38.83 -3.89 -13.24
CA SER C 42 -37.60 -3.33 -13.78
C SER C 42 -36.64 -4.43 -14.24
N MET C 43 -35.79 -4.16 -15.24
CA MET C 43 -34.62 -4.99 -15.50
C MET C 43 -33.47 -4.64 -14.56
N ASP C 44 -32.40 -5.44 -14.57
CA ASP C 44 -31.18 -5.16 -13.83
C ASP C 44 -30.22 -4.20 -14.56
N SER C 45 -29.06 -3.96 -13.95
CA SER C 45 -27.95 -3.18 -14.50
C SER C 45 -27.27 -3.74 -15.76
N SER C 46 -27.74 -4.88 -16.28
CA SER C 46 -27.11 -5.67 -17.33
C SER C 46 -28.09 -6.25 -18.36
N HIS C 47 -29.38 -5.89 -18.28
CA HIS C 47 -30.50 -6.44 -19.06
C HIS C 47 -30.76 -7.96 -18.93
N VAL C 48 -29.92 -8.74 -18.24
CA VAL C 48 -30.06 -10.20 -18.25
C VAL C 48 -31.20 -10.70 -17.36
N SER C 49 -31.69 -9.87 -16.44
CA SER C 49 -32.75 -10.25 -15.51
C SER C 49 -33.77 -9.14 -15.36
N LEU C 50 -34.92 -9.53 -14.80
CA LEU C 50 -36.06 -8.69 -14.52
C LEU C 50 -36.62 -9.02 -13.13
N VAL C 51 -37.14 -8.01 -12.45
CA VAL C 51 -37.90 -8.14 -11.20
C VAL C 51 -39.32 -7.68 -11.43
N GLN C 52 -40.26 -8.33 -10.76
CA GLN C 52 -41.64 -7.92 -10.57
C GLN C 52 -41.98 -8.05 -9.09
N LEU C 53 -42.02 -6.93 -8.37
CA LEU C 53 -42.44 -6.86 -6.97
C LEU C 53 -43.85 -6.28 -6.91
N THR C 54 -44.78 -6.95 -6.25
CA THR C 54 -46.17 -6.49 -6.13
C THR C 54 -46.65 -6.58 -4.68
N LEU C 55 -47.15 -5.48 -4.13
CA LEU C 55 -47.78 -5.42 -2.81
C LEU C 55 -49.22 -4.91 -2.97
N ARG C 56 -50.23 -5.71 -2.65
CA ARG C 56 -51.66 -5.39 -2.88
C ARG C 56 -52.21 -4.56 -1.72
N SER C 57 -53.03 -3.55 -2.01
CA SER C 57 -53.38 -2.51 -1.04
C SER C 57 -54.02 -3.04 0.24
N GLU C 58 -54.92 -4.02 0.11
CA GLU C 58 -55.63 -4.66 1.21
C GLU C 58 -54.69 -5.38 2.17
N GLY C 59 -53.45 -5.66 1.74
CA GLY C 59 -52.43 -6.29 2.57
C GLY C 59 -51.90 -5.39 3.69
N PHE C 60 -52.02 -4.07 3.59
CA PHE C 60 -51.60 -3.14 4.63
C PHE C 60 -52.74 -2.85 5.61
N ASP C 61 -52.42 -2.25 6.75
CA ASP C 61 -53.43 -1.93 7.77
C ASP C 61 -54.28 -0.71 7.37
N THR C 62 -53.65 0.25 6.73
CA THR C 62 -54.29 1.49 6.27
C THR C 62 -53.71 1.88 4.92
N TYR C 63 -54.59 2.18 3.98
CA TYR C 63 -54.22 2.65 2.65
C TYR C 63 -55.14 3.78 2.20
N ARG C 64 -54.58 4.82 1.61
CA ARG C 64 -55.30 5.98 1.05
C ARG C 64 -54.53 6.50 -0.16
N CYS C 65 -54.94 6.09 -1.34
CA CYS C 65 -54.46 6.69 -2.58
C CYS C 65 -55.66 7.18 -3.40
N ASP C 66 -55.65 8.45 -3.78
CA ASP C 66 -56.70 9.11 -4.56
C ASP C 66 -56.23 9.50 -5.96
N ARG C 67 -54.94 9.78 -6.14
CA ARG C 67 -54.26 10.01 -7.43
C ARG C 67 -53.19 8.96 -7.68
N ASN C 68 -53.30 8.22 -8.79
CA ASN C 68 -52.27 7.30 -9.31
C ASN C 68 -50.95 8.04 -9.56
N LEU C 69 -49.83 7.50 -9.07
CA LEU C 69 -48.54 8.16 -9.19
C LEU C 69 -47.39 7.15 -9.21
N ALA C 70 -46.39 7.43 -10.04
CA ALA C 70 -45.13 6.70 -10.03
C ALA C 70 -43.95 7.64 -9.74
N MET C 71 -43.12 7.28 -8.75
CA MET C 71 -41.91 8.02 -8.40
C MET C 71 -40.68 7.24 -8.81
N GLY C 72 -39.70 7.93 -9.40
CA GLY C 72 -38.32 7.44 -9.42
C GLY C 72 -37.68 7.49 -8.02
N VAL C 73 -37.09 6.38 -7.62
CA VAL C 73 -36.55 6.15 -6.27
C VAL C 73 -35.11 5.69 -6.34
N ASN C 74 -34.23 6.29 -5.53
CA ASN C 74 -32.91 5.72 -5.26
C ASN C 74 -33.05 4.71 -4.13
N LEU C 75 -32.94 3.42 -4.46
CA LEU C 75 -33.08 2.31 -3.52
C LEU C 75 -31.95 2.28 -2.47
N THR C 76 -30.71 2.56 -2.86
CA THR C 76 -29.60 2.67 -1.91
C THR C 76 -29.87 3.72 -0.83
N SER C 77 -30.49 4.82 -1.23
CA SER C 77 -30.87 5.88 -0.30
C SER C 77 -31.87 5.36 0.71
N MET C 78 -33.00 4.78 0.26
CA MET C 78 -33.97 4.22 1.19
C MET C 78 -33.39 3.10 2.04
N SER C 79 -32.40 2.36 1.55
CA SER C 79 -31.67 1.40 2.37
C SER C 79 -30.96 2.12 3.52
N LYS C 80 -30.24 3.21 3.21
CA LYS C 80 -29.64 4.05 4.23
C LYS C 80 -30.65 4.71 5.16
N ILE C 81 -31.88 4.92 4.70
CA ILE C 81 -32.99 5.30 5.58
C ILE C 81 -33.29 4.16 6.57
N LEU C 82 -33.83 3.04 6.06
CA LEU C 82 -34.48 2.03 6.90
C LEU C 82 -33.52 1.24 7.79
N LYS C 83 -32.23 1.18 7.45
CA LYS C 83 -31.20 0.57 8.32
C LYS C 83 -31.20 1.15 9.74
N CYS C 84 -31.60 2.41 9.90
CA CYS C 84 -31.65 3.09 11.19
C CYS C 84 -32.93 2.86 12.02
N ALA C 85 -33.80 1.91 11.67
CA ALA C 85 -35.05 1.66 12.38
C ALA C 85 -35.21 0.19 12.80
N GLY C 86 -35.81 -0.06 13.96
CA GLY C 86 -36.15 -1.42 14.42
C GLY C 86 -37.21 -2.09 13.54
N ASN C 87 -37.10 -3.40 13.37
CA ASN C 87 -37.99 -4.22 12.53
C ASN C 87 -39.45 -4.21 13.01
N GLU C 88 -39.65 -4.21 14.31
CA GLU C 88 -40.95 -4.28 14.94
C GLU C 88 -41.77 -2.97 14.86
N ASP C 89 -41.15 -1.85 14.51
CA ASP C 89 -41.84 -0.56 14.42
C ASP C 89 -42.90 -0.54 13.32
N ILE C 90 -43.94 0.24 13.53
CA ILE C 90 -44.92 0.55 12.51
C ILE C 90 -44.31 1.49 11.48
N ILE C 91 -44.45 1.15 10.21
CA ILE C 91 -44.07 2.02 9.10
C ILE C 91 -45.25 2.86 8.68
N THR C 92 -44.99 4.08 8.23
CA THR C 92 -45.93 4.85 7.41
C THR C 92 -45.18 5.57 6.30
N LEU C 93 -45.77 5.64 5.12
CA LEU C 93 -45.26 6.42 4.01
C LEU C 93 -46.34 7.40 3.57
N ARG C 94 -45.93 8.62 3.26
CA ARG C 94 -46.79 9.65 2.64
C ARG C 94 -46.11 10.21 1.39
N ALA C 95 -46.92 10.46 0.38
CA ALA C 95 -46.51 11.07 -0.88
C ALA C 95 -47.50 12.15 -1.28
N GLU C 96 -47.06 13.22 -1.96
CA GLU C 96 -47.93 14.28 -2.47
C GLU C 96 -48.27 14.09 -3.96
N ASP C 97 -48.86 15.08 -4.63
CA ASP C 97 -49.03 15.04 -6.09
C ASP C 97 -47.79 15.61 -6.80
N ASN C 98 -47.25 16.70 -6.27
CA ASN C 98 -45.92 17.25 -6.59
C ASN C 98 -44.83 16.34 -5.99
N ALA C 99 -44.48 15.28 -6.70
CA ALA C 99 -43.60 14.24 -6.20
C ALA C 99 -42.12 14.67 -6.17
N ASP C 100 -41.74 15.39 -5.11
CA ASP C 100 -40.36 15.79 -4.83
C ASP C 100 -39.80 15.30 -3.48
N THR C 101 -40.63 15.07 -2.47
CA THR C 101 -40.18 14.44 -1.22
C THR C 101 -41.17 13.40 -0.71
N LEU C 102 -40.68 12.26 -0.25
CA LEU C 102 -41.50 11.26 0.46
C LEU C 102 -41.25 11.31 1.96
N ALA C 103 -42.33 11.21 2.74
CA ALA C 103 -42.25 11.16 4.20
C ALA C 103 -42.33 9.71 4.66
N LEU C 104 -41.31 9.27 5.40
CA LEU C 104 -41.26 7.98 6.07
C LEU C 104 -41.39 8.23 7.57
N VAL C 105 -42.26 7.46 8.23
CA VAL C 105 -42.55 7.59 9.66
C VAL C 105 -42.35 6.26 10.35
N PHE C 106 -41.67 6.29 11.49
CA PHE C 106 -41.37 5.15 12.33
C PHE C 106 -42.07 5.31 13.67
N GLU C 107 -42.99 4.40 13.95
CA GLU C 107 -43.78 4.38 15.18
C GLU C 107 -43.35 3.17 16.02
N ALA C 108 -42.64 3.38 17.13
CA ALA C 108 -42.14 2.26 17.91
C ALA C 108 -43.21 1.61 18.80
N PRO C 109 -43.16 0.29 19.06
CA PRO C 109 -44.12 -0.37 19.96
C PRO C 109 -44.05 0.12 21.41
N ASN C 110 -42.85 0.46 21.88
CA ASN C 110 -42.66 1.36 23.01
C ASN C 110 -42.82 2.80 22.51
N GLN C 111 -43.99 3.41 22.75
CA GLN C 111 -44.38 4.71 22.17
C GLN C 111 -43.52 5.91 22.65
N GLU C 112 -42.50 5.67 23.47
CA GLU C 112 -41.50 6.66 23.85
C GLU C 112 -40.75 7.29 22.66
N LYS C 113 -40.67 6.57 21.53
CA LYS C 113 -40.06 7.05 20.28
C LYS C 113 -41.00 6.92 19.08
N VAL C 114 -41.26 8.04 18.42
CA VAL C 114 -41.82 8.10 17.08
C VAL C 114 -40.97 9.09 16.29
N SER C 115 -40.62 8.76 15.05
CA SER C 115 -39.69 9.57 14.24
C SER C 115 -40.10 9.62 12.80
N ASP C 116 -39.59 10.59 12.06
CA ASP C 116 -39.92 10.77 10.67
C ASP C 116 -38.71 11.31 9.90
N TYR C 117 -38.67 10.97 8.62
CA TYR C 117 -37.65 11.36 7.66
C TYR C 117 -38.29 11.77 6.34
N GLU C 118 -37.74 12.80 5.73
CA GLU C 118 -38.15 13.30 4.43
C GLU C 118 -37.01 13.08 3.44
N MET C 119 -37.30 12.33 2.38
CA MET C 119 -36.32 11.88 1.39
C MET C 119 -36.50 12.60 0.06
N LYS C 120 -35.38 12.93 -0.62
CA LYS C 120 -35.39 13.51 -1.96
C LYS C 120 -35.81 12.48 -3.01
N LEU C 121 -36.87 12.81 -3.77
CA LEU C 121 -37.30 12.08 -4.96
C LEU C 121 -36.52 12.50 -6.21
N MET C 122 -36.58 11.66 -7.22
CA MET C 122 -35.93 11.84 -8.51
C MET C 122 -36.90 11.49 -9.64
N ASP C 123 -36.66 12.06 -10.82
CA ASP C 123 -37.37 11.66 -12.03
C ASP C 123 -36.55 10.62 -12.78
N LEU C 124 -37.22 9.53 -13.08
CA LEU C 124 -36.70 8.36 -13.77
C LEU C 124 -37.81 7.86 -14.69
N ASP C 125 -37.43 7.32 -15.84
CA ASP C 125 -38.35 6.56 -16.68
C ASP C 125 -37.78 5.14 -16.80
N VAL C 126 -38.37 4.21 -16.06
CA VAL C 126 -38.12 2.78 -16.24
C VAL C 126 -38.67 2.36 -17.60
N GLU C 127 -37.88 1.62 -18.37
CA GLU C 127 -38.38 0.92 -19.56
C GLU C 127 -39.40 -0.13 -19.11
N GLN C 128 -40.69 0.19 -19.18
CA GLN C 128 -41.72 -0.80 -18.88
C GLN C 128 -41.81 -1.85 -19.99
N LEU C 129 -42.17 -3.06 -19.61
CA LEU C 129 -42.32 -4.24 -20.47
C LEU C 129 -43.64 -4.97 -20.12
N GLY C 130 -44.05 -5.94 -20.94
CA GLY C 130 -45.14 -6.86 -20.59
C GLY C 130 -44.64 -8.26 -20.21
N ILE C 131 -45.00 -8.77 -19.03
CA ILE C 131 -44.69 -10.14 -18.59
C ILE C 131 -45.93 -11.03 -18.73
N PRO C 132 -46.09 -11.77 -19.83
CA PRO C 132 -47.20 -12.70 -19.96
C PRO C 132 -47.03 -13.90 -19.00
N GLU C 133 -48.08 -14.20 -18.25
CA GLU C 133 -48.16 -15.47 -17.54
C GLU C 133 -48.17 -16.65 -18.53
N GLN C 134 -47.43 -17.71 -18.22
CA GLN C 134 -47.29 -18.88 -19.09
C GLN C 134 -47.11 -20.16 -18.26
N GLU C 135 -47.55 -21.30 -18.79
CA GLU C 135 -47.43 -22.58 -18.11
C GLU C 135 -46.00 -23.11 -18.27
N TYR C 136 -45.18 -22.93 -17.24
CA TYR C 136 -43.80 -23.40 -17.26
C TYR C 136 -43.75 -24.92 -17.14
N SER C 137 -43.02 -25.55 -18.04
CA SER C 137 -42.99 -27.00 -18.23
C SER C 137 -42.52 -27.78 -17.00
N CYS C 138 -41.69 -27.16 -16.17
CA CYS C 138 -41.38 -27.61 -14.82
C CYS C 138 -41.52 -26.43 -13.87
N VAL C 139 -42.13 -26.70 -12.71
CA VAL C 139 -42.18 -25.79 -11.57
C VAL C 139 -41.95 -26.61 -10.30
N VAL C 140 -41.25 -26.04 -9.32
CA VAL C 140 -40.96 -26.71 -8.03
C VAL C 140 -41.17 -25.73 -6.90
N LYS C 141 -41.78 -26.18 -5.79
CA LYS C 141 -41.85 -25.41 -4.54
C LYS C 141 -40.99 -26.03 -3.46
N MET C 142 -40.24 -25.23 -2.73
CA MET C 142 -39.33 -25.75 -1.72
C MET C 142 -39.07 -24.75 -0.60
N PRO C 143 -38.57 -25.19 0.56
CA PRO C 143 -38.17 -24.26 1.61
C PRO C 143 -36.95 -23.45 1.20
N SER C 144 -36.91 -22.20 1.62
CA SER C 144 -35.96 -21.22 1.09
C SER C 144 -34.55 -21.34 1.67
N GLY C 145 -34.42 -21.71 2.95
CA GLY C 145 -33.12 -21.68 3.64
C GLY C 145 -32.07 -22.58 2.99
N GLU C 146 -32.44 -23.81 2.67
CA GLU C 146 -31.56 -24.71 1.94
C GLU C 146 -31.33 -24.26 0.50
N PHE C 147 -32.31 -23.65 -0.17
CA PHE C 147 -32.13 -23.19 -1.55
C PHE C 147 -31.01 -22.17 -1.64
N ALA C 148 -30.94 -21.28 -0.65
CA ALA C 148 -29.82 -20.37 -0.45
C ALA C 148 -28.52 -21.09 -0.11
N ARG C 149 -28.53 -22.04 0.83
CA ARG C 149 -27.35 -22.84 1.15
C ARG C 149 -26.77 -23.52 -0.10
N ILE C 150 -27.61 -24.17 -0.90
CA ILE C 150 -27.26 -24.82 -2.17
C ILE C 150 -26.56 -23.83 -3.09
N CYS C 151 -27.11 -22.63 -3.24
CA CYS C 151 -26.50 -21.59 -4.05
C CYS C 151 -25.14 -21.17 -3.48
N ARG C 152 -25.03 -20.98 -2.16
CA ARG C 152 -23.77 -20.64 -1.48
C ARG C 152 -22.70 -21.71 -1.68
N ASP C 153 -23.10 -22.98 -1.71
CA ASP C 153 -22.23 -24.11 -1.98
C ASP C 153 -21.77 -24.19 -3.45
N LEU C 154 -22.72 -24.22 -4.39
CA LEU C 154 -22.39 -24.38 -5.80
C LEU C 154 -21.60 -23.20 -6.34
N SER C 155 -21.96 -21.97 -5.99
CA SER C 155 -21.17 -20.79 -6.41
C SER C 155 -19.77 -20.77 -5.82
N HIS C 156 -19.49 -21.58 -4.81
CA HIS C 156 -18.16 -21.64 -4.22
C HIS C 156 -17.17 -22.35 -5.12
N ILE C 157 -17.64 -23.31 -5.93
CA ILE C 157 -16.81 -24.15 -6.81
C ILE C 157 -16.79 -23.74 -8.28
N GLY C 158 -17.68 -22.83 -8.69
CA GLY C 158 -17.86 -22.43 -10.08
C GLY C 158 -18.85 -21.27 -10.23
N ASP C 159 -19.02 -20.79 -11.45
CA ASP C 159 -19.83 -19.61 -11.80
C ASP C 159 -21.11 -19.92 -12.60
N ALA C 160 -21.31 -21.16 -13.04
CA ALA C 160 -22.52 -21.61 -13.74
C ALA C 160 -23.10 -22.84 -13.03
N VAL C 161 -24.43 -22.93 -13.00
CA VAL C 161 -25.20 -24.06 -12.44
C VAL C 161 -26.15 -24.60 -13.48
N VAL C 162 -26.30 -25.92 -13.53
CA VAL C 162 -27.25 -26.62 -14.39
C VAL C 162 -28.33 -27.27 -13.53
N ILE C 163 -29.57 -26.87 -13.72
CA ILE C 163 -30.74 -27.54 -13.15
C ILE C 163 -31.11 -28.75 -13.99
N SER C 164 -31.60 -29.79 -13.35
CA SER C 164 -32.31 -30.91 -13.95
C SER C 164 -33.63 -31.10 -13.21
N CYS C 165 -34.71 -31.34 -13.95
CA CYS C 165 -36.06 -31.48 -13.43
C CYS C 165 -36.74 -32.71 -14.06
N ALA C 166 -36.67 -33.84 -13.38
CA ALA C 166 -37.35 -35.07 -13.75
C ALA C 166 -38.63 -35.27 -12.92
N LYS C 167 -39.47 -36.23 -13.34
CA LYS C 167 -40.82 -36.45 -12.80
C LYS C 167 -40.91 -36.67 -11.28
N ASP C 168 -39.84 -37.14 -10.64
CA ASP C 168 -39.80 -37.31 -9.18
C ASP C 168 -38.45 -36.89 -8.57
N GLY C 169 -37.61 -36.19 -9.33
CA GLY C 169 -36.25 -35.89 -8.92
C GLY C 169 -35.72 -34.64 -9.59
N VAL C 170 -35.24 -33.71 -8.79
CA VAL C 170 -34.68 -32.45 -9.27
C VAL C 170 -33.24 -32.40 -8.77
N LYS C 171 -32.31 -31.92 -9.59
CA LYS C 171 -30.93 -31.77 -9.13
C LYS C 171 -30.31 -30.49 -9.63
N PHE C 172 -29.54 -29.86 -8.76
CA PHE C 172 -28.60 -28.82 -9.13
C PHE C 172 -27.23 -29.43 -9.40
N SER C 173 -26.53 -28.93 -10.41
CA SER C 173 -25.14 -29.34 -10.68
C SER C 173 -24.27 -28.13 -11.02
N ALA C 174 -23.02 -28.10 -10.57
CA ALA C 174 -22.05 -27.10 -10.98
C ALA C 174 -20.68 -27.74 -11.15
N SER C 175 -19.95 -27.38 -12.20
CA SER C 175 -18.65 -27.98 -12.54
C SER C 175 -17.57 -26.90 -12.71
N GLY C 176 -16.32 -27.24 -12.38
CA GLY C 176 -15.17 -26.34 -12.43
C GLY C 176 -13.85 -27.07 -12.19
N GLU C 177 -12.78 -26.34 -11.92
CA GLU C 177 -11.44 -26.89 -11.74
C GLU C 177 -11.34 -28.00 -10.69
N LEU C 178 -12.08 -27.85 -9.59
CA LEU C 178 -12.05 -28.78 -8.46
C LEU C 178 -13.12 -29.87 -8.51
N GLY C 179 -13.90 -29.95 -9.60
CA GLY C 179 -14.76 -31.10 -9.86
C GLY C 179 -16.15 -30.77 -10.39
N ASN C 180 -17.16 -31.54 -9.98
CA ASN C 180 -18.57 -31.13 -10.10
C ASN C 180 -19.37 -31.53 -8.85
N GLY C 181 -20.25 -30.64 -8.37
CA GLY C 181 -21.09 -30.87 -7.20
C GLY C 181 -22.56 -31.08 -7.57
N ASN C 182 -23.15 -32.21 -7.19
CA ASN C 182 -24.55 -32.53 -7.48
C ASN C 182 -25.39 -32.57 -6.20
N ILE C 183 -26.46 -31.77 -6.22
CA ILE C 183 -27.40 -31.65 -5.12
C ILE C 183 -28.69 -32.34 -5.51
N LYS C 184 -29.12 -33.35 -4.77
CA LYS C 184 -30.23 -34.22 -5.15
C LYS C 184 -31.46 -33.95 -4.30
N LEU C 185 -32.57 -33.69 -4.98
CA LEU C 185 -33.89 -33.40 -4.41
C LEU C 185 -34.86 -34.49 -4.84
N SER C 186 -35.50 -35.14 -3.87
CA SER C 186 -36.60 -36.07 -4.08
C SER C 186 -37.86 -35.51 -3.45
N GLN C 187 -38.97 -35.52 -4.20
CA GLN C 187 -40.26 -35.02 -3.73
C GLN C 187 -40.69 -35.71 -2.42
N THR C 188 -41.40 -35.00 -1.54
CA THR C 188 -41.96 -35.54 -0.29
C THR C 188 -43.48 -35.37 -0.31
N SER C 189 -44.22 -36.38 0.14
CA SER C 189 -45.69 -36.40 0.06
C SER C 189 -46.32 -37.21 1.20
N LYS C 193 -47.26 -35.57 5.36
CA LYS C 193 -46.96 -34.17 5.62
C LYS C 193 -45.95 -33.96 6.76
N GLU C 194 -45.20 -32.86 6.67
CA GLU C 194 -44.16 -32.43 7.60
C GLU C 194 -44.27 -30.89 7.81
N GLU C 195 -43.48 -30.32 8.73
CA GLU C 195 -43.45 -28.87 8.94
C GLU C 195 -43.15 -28.07 7.66
N GLU C 196 -42.42 -28.70 6.73
CA GLU C 196 -42.14 -28.24 5.37
C GLU C 196 -42.14 -29.43 4.38
N ALA C 197 -42.48 -29.19 3.11
CA ALA C 197 -42.43 -30.19 2.05
C ALA C 197 -41.91 -29.60 0.73
N VAL C 198 -41.28 -30.44 -0.09
CA VAL C 198 -40.92 -30.11 -1.47
C VAL C 198 -41.88 -30.83 -2.41
N THR C 199 -42.60 -30.08 -3.24
CA THR C 199 -43.61 -30.62 -4.16
C THR C 199 -43.25 -30.21 -5.58
N ILE C 200 -43.40 -31.14 -6.52
CA ILE C 200 -43.06 -30.93 -7.93
C ILE C 200 -44.36 -30.93 -8.73
N GLU C 201 -44.51 -29.94 -9.60
CA GLU C 201 -45.60 -29.86 -10.57
C GLU C 201 -44.96 -29.93 -11.95
N MET C 202 -44.80 -31.18 -12.37
CA MET C 202 -44.16 -31.56 -13.62
C MET C 202 -45.15 -31.52 -14.80
N ASN C 203 -44.64 -31.29 -16.01
CA ASN C 203 -45.35 -31.48 -17.27
C ASN C 203 -44.50 -32.34 -18.22
N GLU C 204 -43.30 -31.85 -18.52
CA GLU C 204 -42.26 -32.54 -19.28
C GLU C 204 -40.93 -32.36 -18.55
N PRO C 205 -40.00 -33.32 -18.60
CA PRO C 205 -38.71 -33.16 -17.95
C PRO C 205 -37.87 -32.10 -18.66
N VAL C 206 -37.05 -31.37 -17.92
CA VAL C 206 -36.17 -30.34 -18.48
C VAL C 206 -34.81 -30.27 -17.78
N GLN C 207 -33.84 -29.64 -18.45
CA GLN C 207 -32.55 -29.27 -17.89
C GLN C 207 -32.14 -27.91 -18.43
N LEU C 208 -31.68 -26.98 -17.58
CA LEU C 208 -31.33 -25.61 -17.95
C LEU C 208 -30.03 -25.20 -17.26
N THR C 209 -29.41 -24.08 -17.68
CA THR C 209 -28.20 -23.52 -17.04
C THR C 209 -28.37 -22.06 -16.64
N PHE C 210 -27.78 -21.62 -15.52
CA PHE C 210 -27.91 -20.27 -14.97
C PHE C 210 -26.61 -19.77 -14.33
N ALA C 211 -26.42 -18.46 -14.27
CA ALA C 211 -25.23 -17.89 -13.66
C ALA C 211 -25.36 -17.92 -12.13
N LEU C 212 -24.39 -18.55 -11.48
CA LEU C 212 -24.34 -18.63 -10.02
C LEU C 212 -24.13 -17.26 -9.36
N ARG C 213 -23.43 -16.32 -9.99
CA ARG C 213 -23.29 -14.94 -9.50
C ARG C 213 -24.65 -14.27 -9.27
N TYR C 214 -25.55 -14.29 -10.24
CA TYR C 214 -26.83 -13.63 -10.06
C TYR C 214 -27.67 -14.37 -9.02
N LEU C 215 -27.52 -15.70 -8.91
CA LEU C 215 -28.11 -16.44 -7.80
C LEU C 215 -27.53 -16.02 -6.43
N ASN C 216 -26.23 -15.76 -6.34
CA ASN C 216 -25.58 -15.21 -5.14
C ASN C 216 -26.15 -13.84 -4.75
N PHE C 217 -26.63 -13.04 -5.69
CA PHE C 217 -27.38 -11.83 -5.36
C PHE C 217 -28.84 -12.13 -4.99
N PHE C 218 -29.55 -12.97 -5.77
CA PHE C 218 -30.95 -13.32 -5.51
C PHE C 218 -31.16 -13.84 -4.08
N THR C 219 -30.18 -14.58 -3.58
CA THR C 219 -30.22 -15.28 -2.29
C THR C 219 -30.52 -14.42 -1.06
N LYS C 220 -30.51 -13.09 -1.17
CA LYS C 220 -30.77 -12.22 -0.02
C LYS C 220 -32.25 -12.08 0.33
N ALA C 221 -33.16 -12.52 -0.54
CA ALA C 221 -34.60 -12.52 -0.26
C ALA C 221 -35.08 -13.64 0.69
N THR C 222 -34.22 -14.47 1.27
CA THR C 222 -34.67 -15.67 2.00
C THR C 222 -35.52 -15.44 3.27
N PRO C 223 -35.34 -14.38 4.08
CA PRO C 223 -36.20 -14.20 5.24
C PRO C 223 -37.63 -13.76 4.87
N LEU C 224 -37.88 -13.29 3.64
CA LEU C 224 -39.20 -12.79 3.22
C LEU C 224 -40.27 -13.88 3.09
N SER C 225 -39.86 -15.13 2.88
CA SER C 225 -40.80 -16.24 2.71
C SER C 225 -40.22 -17.54 3.27
N SER C 226 -41.06 -18.43 3.78
CA SER C 226 -40.67 -19.79 4.11
C SER C 226 -40.47 -20.62 2.84
N THR C 227 -41.48 -20.63 1.97
CA THR C 227 -41.52 -21.38 0.72
C THR C 227 -41.20 -20.50 -0.49
N VAL C 228 -40.37 -20.98 -1.40
CA VAL C 228 -40.03 -20.30 -2.64
C VAL C 228 -40.37 -21.22 -3.81
N THR C 229 -40.92 -20.64 -4.88
CA THR C 229 -41.38 -21.40 -6.06
C THR C 229 -40.60 -21.03 -7.30
N LEU C 230 -40.03 -22.02 -7.99
CA LEU C 230 -39.18 -21.83 -9.16
C LEU C 230 -39.78 -22.44 -10.43
N SER C 231 -39.90 -21.67 -11.51
CA SER C 231 -40.61 -22.09 -12.73
C SER C 231 -39.78 -21.89 -13.98
N MET C 232 -39.76 -22.88 -14.88
CA MET C 232 -39.04 -22.78 -16.15
C MET C 232 -39.58 -23.69 -17.27
N SER C 233 -39.17 -23.35 -18.49
CA SER C 233 -39.37 -24.14 -19.71
C SER C 233 -38.12 -24.07 -20.59
N ALA C 234 -37.97 -25.00 -21.53
CA ALA C 234 -36.89 -25.14 -22.51
C ALA C 234 -35.73 -24.13 -22.39
N ASP C 235 -35.94 -22.90 -22.87
CA ASP C 235 -34.93 -21.83 -22.88
C ASP C 235 -35.48 -20.45 -22.43
N VAL C 236 -36.60 -20.45 -21.69
CA VAL C 236 -37.16 -19.24 -21.07
C VAL C 236 -36.43 -18.94 -19.75
N PRO C 237 -36.48 -17.70 -19.23
CA PRO C 237 -35.89 -17.38 -17.94
C PRO C 237 -36.52 -18.13 -16.77
N LEU C 238 -35.71 -18.39 -15.75
CA LEU C 238 -36.18 -18.96 -14.49
C LEU C 238 -36.97 -17.90 -13.72
N VAL C 239 -38.21 -18.23 -13.42
CA VAL C 239 -39.05 -17.47 -12.50
C VAL C 239 -38.75 -17.94 -11.08
N VAL C 240 -38.47 -17.03 -10.15
CA VAL C 240 -38.35 -17.35 -8.71
C VAL C 240 -39.30 -16.45 -7.95
N GLU C 241 -40.35 -17.02 -7.33
CA GLU C 241 -41.34 -16.30 -6.53
C GLU C 241 -41.15 -16.52 -5.03
N TYR C 242 -41.00 -15.44 -4.26
CA TYR C 242 -41.15 -15.44 -2.81
C TYR C 242 -42.55 -14.93 -2.49
N LYS C 243 -43.42 -15.75 -1.89
CA LYS C 243 -44.78 -15.32 -1.55
C LYS C 243 -44.75 -14.43 -0.31
N ILE C 244 -45.12 -13.16 -0.48
CA ILE C 244 -45.05 -12.16 0.60
C ILE C 244 -46.40 -12.10 1.29
N ALA C 245 -46.59 -12.99 2.27
CA ALA C 245 -47.85 -13.17 3.00
C ALA C 245 -49.07 -13.30 2.07
N ASP C 246 -50.26 -12.97 2.56
CA ASP C 246 -51.43 -12.69 1.71
C ASP C 246 -51.38 -11.30 1.05
N MET C 247 -50.30 -10.55 1.25
CA MET C 247 -50.15 -9.21 0.68
C MET C 247 -49.86 -9.29 -0.80
N GLY C 248 -48.95 -10.17 -1.23
CA GLY C 248 -48.48 -10.19 -2.62
C GLY C 248 -47.29 -11.11 -2.86
N HIS C 249 -46.37 -10.71 -3.73
CA HIS C 249 -45.26 -11.53 -4.20
C HIS C 249 -44.05 -10.70 -4.64
N LEU C 250 -42.87 -11.32 -4.58
CA LEU C 250 -41.66 -10.86 -5.23
C LEU C 250 -41.24 -11.93 -6.24
N LYS C 251 -41.23 -11.59 -7.54
CA LYS C 251 -40.90 -12.49 -8.63
C LYS C 251 -39.62 -12.05 -9.33
N TYR C 252 -38.58 -12.87 -9.28
CA TYR C 252 -37.43 -12.76 -10.16
C TYR C 252 -37.66 -13.47 -11.50
N TYR C 253 -37.01 -12.99 -12.56
CA TYR C 253 -36.93 -13.57 -13.88
C TYR C 253 -35.46 -13.50 -14.34
N LEU C 254 -34.73 -14.63 -14.34
CA LEU C 254 -33.30 -14.71 -14.67
C LEU C 254 -33.05 -15.45 -15.99
N ALA C 255 -32.33 -14.83 -16.93
CA ALA C 255 -31.95 -15.43 -18.21
C ALA C 255 -31.16 -16.75 -18.06
N PRO C 256 -31.48 -17.79 -18.85
CA PRO C 256 -30.71 -19.02 -18.89
C PRO C 256 -29.45 -18.86 -19.76
N LYS C 257 -28.31 -19.39 -19.28
CA LYS C 257 -27.02 -19.38 -19.97
C LYS C 257 -26.96 -20.43 -21.08
N ILE C 258 -26.64 -20.03 -22.30
CA ILE C 258 -26.52 -20.94 -23.45
C ILE C 258 -25.15 -21.64 -23.47
N MET D 4 6.65 4.83 44.95
CA MET D 4 6.08 3.48 45.09
C MET D 4 4.60 3.52 44.79
N PHE D 5 4.14 2.68 43.86
CA PHE D 5 2.73 2.55 43.49
C PHE D 5 2.28 1.11 43.63
N GLU D 6 1.16 0.88 44.29
CA GLU D 6 0.54 -0.43 44.43
C GLU D 6 -0.97 -0.23 44.58
N ALA D 7 -1.75 -0.68 43.60
CA ALA D 7 -3.21 -0.68 43.66
C ALA D 7 -3.76 -2.02 43.20
N ARG D 8 -4.71 -2.60 43.95
CA ARG D 8 -5.42 -3.85 43.61
C ARG D 8 -6.90 -3.58 43.32
N LEU D 9 -7.47 -4.22 42.30
CA LEU D 9 -8.86 -4.03 41.93
C LEU D 9 -9.52 -5.29 41.37
N VAL D 10 -10.48 -5.84 42.11
CA VAL D 10 -11.27 -7.00 41.71
C VAL D 10 -12.08 -6.75 40.45
N GLN D 11 -12.70 -5.58 40.31
CA GLN D 11 -13.32 -5.18 39.06
C GLN D 11 -12.25 -4.78 38.04
N GLY D 12 -11.52 -5.75 37.51
CA GLY D 12 -10.58 -5.50 36.42
C GLY D 12 -11.26 -5.29 35.07
N SER D 13 -12.44 -5.88 34.86
CA SER D 13 -13.16 -5.83 33.58
C SER D 13 -13.57 -4.43 33.13
N ILE D 14 -13.73 -3.49 34.06
CA ILE D 14 -13.95 -2.10 33.69
C ILE D 14 -12.70 -1.48 33.06
N LEU D 15 -11.47 -1.80 33.51
CA LEU D 15 -10.27 -1.22 32.92
C LEU D 15 -10.18 -1.56 31.43
N LYS D 16 -10.51 -2.78 31.03
CA LYS D 16 -10.68 -3.17 29.63
C LYS D 16 -11.61 -2.22 28.89
N LYS D 17 -12.78 -1.96 29.47
CA LYS D 17 -13.80 -1.08 28.89
C LYS D 17 -13.38 0.40 28.84
N VAL D 18 -12.64 0.87 29.86
CA VAL D 18 -12.06 2.21 29.93
C VAL D 18 -11.01 2.41 28.84
N LEU D 19 -10.04 1.51 28.76
CA LEU D 19 -8.97 1.61 27.79
C LEU D 19 -9.48 1.38 26.38
N GLU D 20 -10.55 0.62 26.16
CA GLU D 20 -11.16 0.54 24.85
C GLU D 20 -11.75 1.87 24.37
N ALA D 21 -12.24 2.73 25.26
CA ALA D 21 -12.75 4.05 24.89
C ALA D 21 -11.66 5.14 24.82
N LEU D 22 -10.80 5.28 25.84
CA LEU D 22 -9.77 6.34 25.86
C LEU D 22 -8.81 6.25 24.68
N LYS D 23 -8.35 5.04 24.34
CA LYS D 23 -7.31 4.80 23.33
C LYS D 23 -7.56 5.54 22.00
N ASP D 24 -8.81 5.60 21.59
CA ASP D 24 -9.17 5.92 20.22
C ASP D 24 -9.14 7.41 19.94
N LEU D 25 -9.68 8.20 20.87
CA LEU D 25 -9.62 9.65 20.78
C LEU D 25 -8.25 10.17 21.24
N ILE D 26 -7.51 9.44 22.08
CA ILE D 26 -6.18 9.86 22.55
C ILE D 26 -5.21 8.68 22.52
N ASN D 27 -4.31 8.66 21.54
CA ASN D 27 -3.35 7.56 21.42
C ASN D 27 -2.33 7.54 22.55
N GLU D 28 -1.96 8.70 23.07
CA GLU D 28 -0.99 8.80 24.14
C GLU D 28 -1.47 9.81 25.19
N ALA D 29 -1.41 9.40 26.45
CA ALA D 29 -2.05 10.11 27.53
C ALA D 29 -1.27 9.93 28.82
N CYS D 30 -1.53 10.78 29.81
CA CYS D 30 -0.81 10.73 31.07
C CYS D 30 -1.78 10.59 32.24
N TRP D 31 -1.61 9.56 33.08
CA TRP D 31 -2.32 9.50 34.35
C TRP D 31 -1.60 10.32 35.40
N ASP D 32 -2.38 10.98 36.26
CA ASP D 32 -1.91 11.52 37.51
C ASP D 32 -2.41 10.63 38.64
N ILE D 33 -1.46 10.03 39.34
CA ILE D 33 -1.68 9.09 40.43
C ILE D 33 -1.47 9.88 41.70
N SER D 34 -2.46 9.90 42.59
CA SER D 34 -2.42 10.71 43.81
C SER D 34 -2.97 9.92 45.00
N SER D 35 -2.80 10.41 46.22
CA SER D 35 -3.48 9.86 47.41
C SER D 35 -5.00 9.76 47.22
N SER D 36 -5.59 10.65 46.41
CA SER D 36 -7.01 10.58 46.06
C SER D 36 -7.38 9.33 45.26
N GLY D 37 -6.43 8.68 44.58
CA GLY D 37 -6.67 7.71 43.52
C GLY D 37 -6.06 8.15 42.19
N VAL D 38 -6.54 7.59 41.09
CA VAL D 38 -6.02 7.81 39.73
C VAL D 38 -6.94 8.72 38.93
N ASN D 39 -6.36 9.67 38.21
CA ASN D 39 -7.06 10.54 37.28
C ASN D 39 -6.29 10.66 35.97
N LEU D 40 -6.93 11.18 34.93
CA LEU D 40 -6.31 11.46 33.63
C LEU D 40 -7.13 12.46 32.84
N GLN D 41 -6.47 13.50 32.32
CA GLN D 41 -7.11 14.45 31.42
C GLN D 41 -6.25 14.69 30.18
N SER D 42 -6.86 14.79 29.00
CA SER D 42 -6.16 15.32 27.82
C SER D 42 -7.16 15.80 26.76
N MET D 43 -6.71 16.73 25.92
CA MET D 43 -7.45 17.25 24.77
C MET D 43 -7.18 16.41 23.53
N ASP D 44 -8.10 16.45 22.56
CA ASP D 44 -7.94 15.81 21.26
C ASP D 44 -7.16 16.66 20.24
N SER D 45 -6.99 16.12 19.03
CA SER D 45 -6.14 16.67 17.97
C SER D 45 -6.45 18.12 17.62
N SER D 46 -7.69 18.41 17.28
CA SER D 46 -8.14 19.75 16.89
C SER D 46 -8.32 20.70 18.10
N HIS D 47 -8.07 20.21 19.32
CA HIS D 47 -8.42 20.88 20.59
C HIS D 47 -9.92 21.21 20.69
N VAL D 48 -10.79 20.40 20.05
CA VAL D 48 -12.24 20.59 20.04
C VAL D 48 -12.97 19.76 21.08
N SER D 49 -12.30 18.78 21.68
CA SER D 49 -12.84 18.01 22.80
C SER D 49 -11.75 17.57 23.77
N LEU D 50 -12.14 17.13 24.97
CA LEU D 50 -11.22 16.59 25.96
C LEU D 50 -11.93 15.55 26.83
N VAL D 51 -11.14 14.71 27.48
CA VAL D 51 -11.59 13.64 28.37
C VAL D 51 -11.06 13.84 29.77
N GLN D 52 -11.87 13.49 30.77
CA GLN D 52 -11.48 13.38 32.17
C GLN D 52 -11.86 11.98 32.68
N LEU D 53 -10.89 11.23 33.20
CA LEU D 53 -11.09 9.97 33.91
C LEU D 53 -10.88 10.22 35.40
N THR D 54 -11.85 9.80 36.20
CA THR D 54 -11.75 9.89 37.66
C THR D 54 -11.99 8.54 38.29
N LEU D 55 -11.10 8.12 39.19
CA LEU D 55 -11.24 6.94 40.02
C LEU D 55 -10.62 7.18 41.39
N ARG D 56 -11.47 7.26 42.42
CA ARG D 56 -11.05 7.49 43.80
C ARG D 56 -10.55 6.22 44.48
N SER D 57 -9.56 6.40 45.36
CA SER D 57 -8.84 5.32 46.03
C SER D 57 -9.72 4.47 46.92
N GLU D 58 -10.90 4.97 47.32
CA GLU D 58 -11.87 4.25 48.13
C GLU D 58 -12.21 2.86 47.58
N GLY D 59 -12.23 2.70 46.26
CA GLY D 59 -12.61 1.45 45.62
C GLY D 59 -11.46 0.46 45.41
N PHE D 60 -10.22 0.83 45.75
CA PHE D 60 -9.06 -0.04 45.55
C PHE D 60 -8.96 -1.03 46.72
N ASP D 61 -8.80 -2.32 46.43
CA ASP D 61 -8.77 -3.40 47.43
C ASP D 61 -7.60 -3.30 48.39
N THR D 62 -6.52 -2.69 47.93
CA THR D 62 -5.40 -2.19 48.73
C THR D 62 -4.83 -1.03 47.93
N TYR D 63 -4.38 0.02 48.63
CA TYR D 63 -3.67 1.13 48.00
C TYR D 63 -2.53 1.61 48.86
N ARG D 64 -1.41 1.92 48.24
CA ARG D 64 -0.37 2.73 48.87
C ARG D 64 0.31 3.63 47.83
N CYS D 65 0.68 4.83 48.25
CA CYS D 65 1.24 5.93 47.44
C CYS D 65 1.93 6.92 48.41
N ASP D 66 3.25 7.02 48.35
CA ASP D 66 4.04 7.95 49.18
C ASP D 66 4.07 9.39 48.66
N ARG D 67 3.87 9.57 47.35
CA ARG D 67 3.79 10.86 46.67
C ARG D 67 3.03 10.74 45.35
N ASN D 68 2.55 11.86 44.82
CA ASN D 68 1.91 11.87 43.50
C ASN D 68 2.88 11.44 42.39
N LEU D 69 2.37 10.72 41.39
CA LEU D 69 3.13 10.28 40.24
C LEU D 69 2.43 10.60 38.92
N ALA D 70 3.20 11.14 37.99
CA ALA D 70 2.76 11.41 36.64
C ALA D 70 3.30 10.33 35.69
N MET D 71 2.42 9.53 35.08
CA MET D 71 2.83 8.48 34.15
C MET D 71 2.24 8.71 32.78
N GLY D 72 3.11 8.96 31.81
CA GLY D 72 2.78 8.98 30.40
C GLY D 72 2.83 7.58 29.83
N VAL D 73 1.77 7.21 29.11
CA VAL D 73 1.59 5.87 28.52
C VAL D 73 0.89 5.98 27.17
N ASN D 74 1.32 5.19 26.19
CA ASN D 74 0.54 5.02 24.96
C ASN D 74 -0.64 4.09 25.24
N LEU D 75 -1.85 4.57 24.98
CA LEU D 75 -3.05 3.83 25.25
C LEU D 75 -3.33 2.71 24.24
N THR D 76 -2.80 2.77 23.02
CA THR D 76 -2.88 1.63 22.11
C THR D 76 -2.09 0.44 22.63
N SER D 77 -0.94 0.67 23.26
CA SER D 77 -0.19 -0.39 23.94
C SER D 77 -1.00 -1.01 25.07
N MET D 78 -1.60 -0.22 25.95
CA MET D 78 -2.39 -0.79 27.04
C MET D 78 -3.61 -1.54 26.53
N SER D 79 -4.24 -1.06 25.46
CA SER D 79 -5.33 -1.81 24.85
C SER D 79 -4.87 -3.16 24.33
N LYS D 80 -3.77 -3.23 23.56
CA LYS D 80 -3.23 -4.51 23.11
C LYS D 80 -2.90 -5.44 24.27
N ILE D 81 -2.24 -4.95 25.32
CA ILE D 81 -1.97 -5.75 26.52
C ILE D 81 -3.28 -6.31 27.07
N LEU D 82 -4.26 -5.47 27.35
CA LEU D 82 -5.50 -5.91 28.00
C LEU D 82 -6.44 -6.68 27.07
N LYS D 83 -6.24 -6.69 25.75
CA LYS D 83 -6.92 -7.65 24.87
C LYS D 83 -6.60 -9.11 25.20
N CYS D 84 -5.58 -9.37 26.01
CA CYS D 84 -5.31 -10.68 26.61
C CYS D 84 -6.05 -10.89 27.96
N ALA D 85 -5.92 -9.97 28.94
CA ALA D 85 -6.33 -10.22 30.33
C ALA D 85 -7.81 -10.62 30.44
N GLY D 86 -8.10 -11.60 31.30
CA GLY D 86 -9.37 -12.34 31.28
C GLY D 86 -10.55 -11.53 31.79
N ASN D 87 -11.73 -11.88 31.29
CA ASN D 87 -12.95 -11.09 31.42
C ASN D 87 -13.36 -10.80 32.86
N GLU D 88 -12.92 -11.60 33.83
CA GLU D 88 -13.24 -11.41 35.26
C GLU D 88 -11.98 -11.35 36.15
N ASP D 89 -10.79 -11.18 35.57
CA ASP D 89 -9.55 -11.19 36.34
C ASP D 89 -9.52 -10.06 37.37
N ILE D 90 -8.89 -10.33 38.51
CA ILE D 90 -8.39 -9.30 39.41
C ILE D 90 -7.23 -8.61 38.72
N ILE D 91 -7.21 -7.28 38.68
CA ILE D 91 -6.13 -6.48 38.09
C ILE D 91 -5.40 -5.70 39.16
N THR D 92 -4.08 -5.76 39.14
CA THR D 92 -3.23 -5.08 40.12
C THR D 92 -2.14 -4.32 39.40
N LEU D 93 -1.93 -3.05 39.74
CA LEU D 93 -0.91 -2.19 39.14
C LEU D 93 0.18 -1.85 40.15
N ARG D 94 1.44 -1.90 39.71
CA ARG D 94 2.60 -1.59 40.54
C ARG D 94 3.61 -0.72 39.79
N ALA D 95 4.27 0.21 40.49
CA ALA D 95 5.38 0.98 39.93
C ALA D 95 6.45 1.31 40.97
N GLU D 96 7.70 1.41 40.51
CA GLU D 96 8.86 1.81 41.31
C GLU D 96 9.01 3.34 41.37
N ASP D 97 9.84 3.83 42.29
CA ASP D 97 10.09 5.26 42.52
C ASP D 97 10.57 6.08 41.33
N ASN D 98 11.29 5.49 40.37
CA ASN D 98 11.77 6.18 39.18
C ASN D 98 11.83 5.32 37.91
N ALA D 99 11.22 4.15 37.92
CA ALA D 99 11.24 3.22 36.81
C ALA D 99 10.74 3.80 35.48
N ASP D 100 11.24 3.22 34.39
CA ASP D 100 10.71 3.32 33.02
C ASP D 100 9.73 2.20 32.69
N THR D 101 9.20 1.47 33.66
CA THR D 101 8.24 0.40 33.42
C THR D 101 7.13 0.39 34.46
N LEU D 102 5.95 -0.05 34.05
CA LEU D 102 4.80 -0.31 34.92
C LEU D 102 4.58 -1.82 35.00
N ALA D 103 4.47 -2.35 36.21
CA ALA D 103 4.11 -3.74 36.44
C ALA D 103 2.59 -3.92 36.54
N LEU D 104 2.08 -5.01 35.97
CA LEU D 104 0.70 -5.44 36.08
C LEU D 104 0.67 -6.88 36.55
N VAL D 105 -0.23 -7.22 37.45
CA VAL D 105 -0.45 -8.59 37.91
C VAL D 105 -1.93 -8.92 37.81
N PHE D 106 -2.25 -10.00 37.10
CA PHE D 106 -3.62 -10.44 36.87
C PHE D 106 -3.84 -11.81 37.51
N GLU D 107 -4.86 -11.96 38.35
CA GLU D 107 -5.26 -13.25 38.90
C GLU D 107 -6.66 -13.63 38.39
N ALA D 108 -6.79 -14.82 37.79
CA ALA D 108 -8.07 -15.37 37.41
C ALA D 108 -8.94 -15.71 38.65
N PRO D 109 -10.29 -15.72 38.53
CA PRO D 109 -11.18 -16.08 39.64
C PRO D 109 -10.92 -17.48 40.21
N ASN D 110 -10.63 -18.45 39.33
CA ASN D 110 -10.35 -19.85 39.67
C ASN D 110 -8.90 -20.11 40.15
N GLN D 111 -8.11 -19.04 40.37
CA GLN D 111 -6.71 -19.07 40.83
C GLN D 111 -5.71 -19.80 39.92
N GLU D 112 -6.14 -20.38 38.79
CA GLU D 112 -5.33 -21.28 37.97
C GLU D 112 -4.39 -20.54 37.02
N LYS D 113 -4.95 -19.73 36.11
CA LYS D 113 -4.18 -18.92 35.17
C LYS D 113 -3.73 -17.62 35.85
N VAL D 114 -2.46 -17.55 36.24
CA VAL D 114 -1.88 -16.35 36.87
C VAL D 114 -0.91 -15.69 35.93
N SER D 115 -1.12 -14.40 35.64
CA SER D 115 -0.36 -13.66 34.64
C SER D 115 0.30 -12.44 35.24
N ASP D 116 1.41 -12.00 34.66
CA ASP D 116 1.94 -10.68 34.92
C ASP D 116 2.67 -10.13 33.69
N TYR D 117 2.84 -8.82 33.67
CA TYR D 117 3.44 -8.07 32.58
C TYR D 117 4.28 -6.93 33.14
N GLU D 118 5.24 -6.44 32.36
CA GLU D 118 6.01 -5.24 32.69
C GLU D 118 6.27 -4.41 31.43
N MET D 119 5.40 -3.41 31.19
CA MET D 119 5.45 -2.55 30.01
C MET D 119 6.49 -1.44 30.12
N LYS D 120 6.98 -0.91 28.99
CA LYS D 120 7.84 0.28 28.94
C LYS D 120 7.01 1.56 28.92
N LEU D 121 7.33 2.48 29.82
CA LEU D 121 6.91 3.88 29.81
C LEU D 121 7.57 4.69 28.69
N MET D 122 7.01 5.85 28.39
CA MET D 122 7.65 6.89 27.59
C MET D 122 7.44 8.27 28.21
N ASP D 123 8.41 9.16 28.03
CA ASP D 123 8.28 10.53 28.52
C ASP D 123 7.31 11.32 27.65
N LEU D 124 6.31 11.90 28.29
CA LEU D 124 5.23 12.61 27.65
C LEU D 124 4.69 13.67 28.62
N ASP D 125 4.90 14.92 28.27
CA ASP D 125 4.32 16.07 28.97
C ASP D 125 3.25 16.66 28.06
N VAL D 126 2.04 16.83 28.60
CA VAL D 126 0.85 17.28 27.87
C VAL D 126 0.24 18.46 28.62
N GLU D 127 -0.36 19.40 27.89
CA GLU D 127 -1.11 20.49 28.52
C GLU D 127 -2.35 19.97 29.26
N GLN D 128 -2.74 20.59 30.39
CA GLN D 128 -3.93 20.21 31.16
C GLN D 128 -4.85 21.42 31.37
N LEU D 129 -6.16 21.20 31.26
CA LEU D 129 -7.18 22.24 31.42
C LEU D 129 -8.01 22.00 32.70
N GLY D 130 -8.07 23.00 33.59
CA GLY D 130 -8.79 22.89 34.85
C GLY D 130 -10.26 23.32 34.75
N ILE D 131 -11.14 22.37 34.50
CA ILE D 131 -12.59 22.63 34.39
C ILE D 131 -13.15 23.24 35.70
N PRO D 132 -13.93 24.34 35.64
CA PRO D 132 -14.62 24.91 36.79
C PRO D 132 -15.96 24.22 37.05
N GLU D 133 -16.39 24.25 38.30
CA GLU D 133 -17.72 23.81 38.70
C GLU D 133 -18.79 24.79 38.21
N GLN D 134 -19.92 24.27 37.73
CA GLN D 134 -21.01 25.06 37.16
C GLN D 134 -22.30 24.23 37.11
N GLU D 135 -23.43 24.90 36.95
CA GLU D 135 -24.73 24.25 36.77
C GLU D 135 -25.18 24.36 35.33
N TYR D 136 -25.82 23.31 34.82
CA TYR D 136 -26.23 23.26 33.44
C TYR D 136 -27.74 23.47 33.32
N SER D 137 -28.12 24.42 32.47
CA SER D 137 -29.50 24.82 32.28
C SER D 137 -30.38 23.66 31.87
N CYS D 138 -29.79 22.66 31.20
CA CYS D 138 -30.38 21.35 30.97
C CYS D 138 -29.46 20.26 31.52
N VAL D 139 -30.07 19.31 32.25
CA VAL D 139 -29.51 18.00 32.56
C VAL D 139 -30.49 16.95 32.07
N VAL D 140 -30.06 16.05 31.19
CA VAL D 140 -30.82 14.87 30.77
C VAL D 140 -30.13 13.63 31.35
N LYS D 141 -30.86 12.74 32.02
CA LYS D 141 -30.37 11.42 32.46
C LYS D 141 -31.17 10.33 31.75
N MET D 142 -30.49 9.45 31.02
CA MET D 142 -31.13 8.50 30.11
C MET D 142 -30.23 7.30 29.71
N PRO D 143 -30.78 6.16 29.28
CA PRO D 143 -29.97 4.98 28.99
C PRO D 143 -29.01 5.20 27.82
N SER D 144 -27.75 4.83 28.00
CA SER D 144 -26.70 5.11 27.02
C SER D 144 -26.93 4.39 25.68
N GLY D 145 -27.59 3.24 25.71
CA GLY D 145 -27.76 2.39 24.54
C GLY D 145 -28.61 3.01 23.44
N GLU D 146 -29.65 3.75 23.79
CA GLU D 146 -30.44 4.45 22.78
C GLU D 146 -29.69 5.68 22.28
N PHE D 147 -29.06 6.45 23.17
CA PHE D 147 -28.26 7.60 22.77
C PHE D 147 -27.22 7.23 21.70
N ALA D 148 -26.49 6.14 21.92
CA ALA D 148 -25.51 5.65 20.96
C ALA D 148 -26.13 5.34 19.61
N ARG D 149 -27.22 4.59 19.62
CA ARG D 149 -27.93 4.22 18.40
C ARG D 149 -28.39 5.46 17.64
N ILE D 150 -28.97 6.45 18.32
CA ILE D 150 -29.38 7.70 17.67
C ILE D 150 -28.21 8.45 17.05
N CYS D 151 -27.11 8.63 17.76
CA CYS D 151 -25.94 9.28 17.17
C CYS D 151 -25.44 8.56 15.90
N ARG D 152 -25.39 7.22 15.93
CA ARG D 152 -24.97 6.43 14.77
C ARG D 152 -25.96 6.62 13.63
N ASP D 153 -27.25 6.52 13.91
CA ASP D 153 -28.30 6.69 12.92
C ASP D 153 -28.28 8.05 12.23
N LEU D 154 -27.89 9.11 12.94
CA LEU D 154 -27.86 10.47 12.41
C LEU D 154 -26.60 10.77 11.59
N SER D 155 -25.42 10.33 12.05
CA SER D 155 -24.18 10.51 11.26
C SER D 155 -24.10 9.62 10.03
N HIS D 156 -25.01 8.64 9.93
CA HIS D 156 -25.24 7.91 8.69
C HIS D 156 -25.76 8.83 7.57
N ILE D 157 -26.47 9.91 7.94
CA ILE D 157 -27.05 10.88 7.02
C ILE D 157 -26.22 12.15 6.90
N GLY D 158 -25.89 12.80 8.02
CA GLY D 158 -25.16 14.07 8.03
C GLY D 158 -24.49 14.35 9.37
N ASP D 159 -23.40 15.11 9.34
CA ASP D 159 -22.49 15.22 10.49
C ASP D 159 -22.91 16.28 11.52
N ALA D 160 -23.61 17.33 11.10
CA ALA D 160 -24.15 18.34 12.00
C ALA D 160 -25.39 17.82 12.75
N VAL D 161 -25.29 17.70 14.08
CA VAL D 161 -26.41 17.37 14.96
C VAL D 161 -26.90 18.60 15.69
N VAL D 162 -28.22 18.75 15.81
CA VAL D 162 -28.85 19.70 16.71
C VAL D 162 -29.47 18.93 17.86
N ILE D 163 -29.11 19.24 19.10
CA ILE D 163 -29.71 18.67 20.31
C ILE D 163 -30.57 19.73 20.97
N SER D 164 -31.84 19.41 21.11
CA SER D 164 -32.84 20.31 21.70
C SER D 164 -33.30 19.71 23.02
N CYS D 165 -33.19 20.45 24.13
CA CYS D 165 -33.62 20.01 25.44
C CYS D 165 -34.61 21.00 26.07
N ALA D 166 -35.74 20.48 26.54
CA ALA D 166 -36.82 21.23 27.17
C ALA D 166 -37.65 20.29 28.05
N LYS D 167 -38.57 20.85 28.84
CA LYS D 167 -39.42 20.07 29.76
C LYS D 167 -40.19 18.96 29.05
N ASP D 168 -40.71 19.27 27.87
CA ASP D 168 -41.61 18.40 27.10
C ASP D 168 -40.91 17.21 26.41
N GLY D 169 -39.58 17.21 26.32
CA GLY D 169 -38.87 16.15 25.61
C GLY D 169 -37.45 16.53 25.18
N VAL D 170 -36.76 15.55 24.60
CA VAL D 170 -35.48 15.75 23.93
C VAL D 170 -35.70 15.57 22.43
N LYS D 171 -35.02 16.34 21.59
CA LYS D 171 -35.03 16.18 20.13
C LYS D 171 -33.61 16.16 19.57
N PHE D 172 -33.39 15.35 18.55
CA PHE D 172 -32.16 15.34 17.76
C PHE D 172 -32.49 15.50 16.28
N SER D 173 -31.96 16.54 15.66
CA SER D 173 -32.21 16.87 14.25
C SER D 173 -30.91 16.84 13.45
N ALA D 174 -30.96 16.34 12.22
CA ALA D 174 -29.83 16.35 11.30
C ALA D 174 -30.30 16.20 9.84
N SER D 175 -29.41 16.48 8.90
CA SER D 175 -29.68 16.35 7.47
C SER D 175 -28.41 16.15 6.65
N GLY D 176 -28.55 15.42 5.54
CA GLY D 176 -27.52 15.07 4.58
C GLY D 176 -27.93 15.41 3.14
N GLU D 177 -27.08 15.12 2.16
CA GLU D 177 -27.38 15.38 0.74
C GLU D 177 -28.63 14.65 0.21
N LEU D 178 -29.07 13.60 0.89
CA LEU D 178 -30.28 12.84 0.59
C LEU D 178 -31.60 13.42 1.16
N GLY D 179 -31.53 14.43 2.04
CA GLY D 179 -32.68 14.93 2.80
C GLY D 179 -32.40 15.02 4.29
N ASN D 180 -33.43 14.99 5.11
CA ASN D 180 -33.35 15.40 6.52
C ASN D 180 -34.17 14.45 7.42
N GLY D 181 -33.85 14.49 8.71
CA GLY D 181 -34.48 13.67 9.73
C GLY D 181 -34.57 14.32 11.10
N ASN D 182 -35.53 13.86 11.89
CA ASN D 182 -35.69 14.25 13.27
C ASN D 182 -36.03 13.02 14.12
N ILE D 183 -35.45 12.96 15.31
CA ILE D 183 -35.71 11.96 16.35
C ILE D 183 -36.15 12.69 17.61
N LYS D 184 -37.06 12.11 18.40
CA LYS D 184 -37.52 12.67 19.68
C LYS D 184 -37.56 11.60 20.77
N LEU D 185 -37.39 12.02 22.01
CA LEU D 185 -37.53 11.21 23.21
C LEU D 185 -38.55 11.83 24.17
N SER D 186 -39.45 11.01 24.71
CA SER D 186 -40.55 11.44 25.59
C SER D 186 -40.32 11.03 27.05
N GLN D 187 -40.59 11.95 27.97
CA GLN D 187 -40.67 11.63 29.41
C GLN D 187 -41.77 10.59 29.63
N THR D 188 -41.39 9.40 30.10
CA THR D 188 -42.26 8.22 30.23
C THR D 188 -42.22 7.64 31.64
N VAL D 198 -36.10 7.99 29.91
CA VAL D 198 -35.47 9.31 29.83
C VAL D 198 -36.08 10.25 30.85
N THR D 199 -35.23 11.01 31.54
CA THR D 199 -35.62 12.02 32.53
C THR D 199 -34.88 13.32 32.25
N ILE D 200 -35.60 14.45 32.34
CA ILE D 200 -35.07 15.79 32.04
C ILE D 200 -35.24 16.67 33.26
N GLU D 201 -34.23 17.47 33.56
CA GLU D 201 -34.28 18.58 34.51
C GLU D 201 -33.84 19.85 33.77
N MET D 202 -34.57 20.97 33.90
CA MET D 202 -34.21 22.23 33.24
C MET D 202 -34.47 23.48 34.10
N ASN D 203 -33.73 24.54 33.81
CA ASN D 203 -33.87 25.87 34.41
C ASN D 203 -34.22 26.90 33.35
N GLU D 204 -33.51 26.83 32.22
CA GLU D 204 -33.78 27.59 31.01
C GLU D 204 -33.78 26.62 29.82
N PRO D 205 -34.63 26.83 28.80
CA PRO D 205 -34.54 26.07 27.56
C PRO D 205 -33.14 26.22 26.93
N VAL D 206 -32.59 25.14 26.38
CA VAL D 206 -31.35 25.21 25.60
C VAL D 206 -31.52 24.41 24.32
N GLN D 207 -30.98 24.94 23.22
CA GLN D 207 -30.79 24.20 21.98
C GLN D 207 -29.42 24.54 21.38
N LEU D 208 -28.63 23.53 21.04
CA LEU D 208 -27.25 23.70 20.54
C LEU D 208 -27.00 22.75 19.36
N THR D 209 -25.89 22.96 18.66
CA THR D 209 -25.42 22.06 17.60
C THR D 209 -23.98 21.64 17.81
N PHE D 210 -23.69 20.39 17.43
CA PHE D 210 -22.42 19.69 17.62
C PHE D 210 -22.12 18.81 16.41
N ALA D 211 -20.95 18.18 16.41
CA ALA D 211 -20.49 17.32 15.34
C ALA D 211 -20.54 15.84 15.70
N LEU D 212 -21.29 15.03 14.96
CA LEU D 212 -21.34 13.60 15.21
C LEU D 212 -20.02 12.90 14.90
N ARG D 213 -19.18 13.49 14.06
CA ARG D 213 -17.77 13.18 13.88
C ARG D 213 -16.94 13.20 15.18
N TYR D 214 -17.57 13.51 16.31
CA TYR D 214 -17.04 13.21 17.63
C TYR D 214 -18.07 12.43 18.47
N LEU D 215 -19.39 12.66 18.36
CA LEU D 215 -20.34 11.91 19.18
C LEU D 215 -20.37 10.39 18.89
N ASN D 216 -20.20 9.93 17.65
CA ASN D 216 -20.07 8.48 17.40
C ASN D 216 -18.73 7.90 17.82
N PHE D 217 -17.71 8.73 18.03
CA PHE D 217 -16.50 8.30 18.70
C PHE D 217 -16.67 8.32 20.22
N PHE D 218 -17.47 9.25 20.76
CA PHE D 218 -17.78 9.31 22.18
C PHE D 218 -18.58 8.10 22.65
N THR D 219 -19.63 7.70 21.90
CA THR D 219 -20.56 6.62 22.28
C THR D 219 -19.97 5.21 22.30
N LYS D 220 -18.67 5.05 22.06
CA LYS D 220 -17.93 3.80 22.31
C LYS D 220 -18.12 3.32 23.74
N ALA D 221 -18.16 4.20 24.75
CA ALA D 221 -18.25 3.83 26.17
C ALA D 221 -19.56 3.18 26.64
N THR D 222 -20.49 2.80 25.76
CA THR D 222 -21.70 2.03 26.11
C THR D 222 -21.48 0.86 27.10
N PRO D 223 -20.43 0.03 27.00
CA PRO D 223 -20.22 -1.04 27.97
C PRO D 223 -19.76 -0.55 29.35
N LEU D 224 -19.26 0.68 29.50
CA LEU D 224 -18.72 1.16 30.77
C LEU D 224 -19.80 1.45 31.82
N SER D 225 -20.98 1.87 31.37
CA SER D 225 -22.12 2.17 32.24
C SER D 225 -23.45 1.96 31.53
N SER D 226 -24.47 1.54 32.27
CA SER D 226 -25.82 1.27 31.77
C SER D 226 -26.59 2.53 31.32
N THR D 227 -26.17 3.71 31.77
CA THR D 227 -26.82 4.99 31.47
C THR D 227 -25.79 6.12 31.37
N VAL D 228 -26.22 7.21 30.73
CA VAL D 228 -25.44 8.42 30.46
C VAL D 228 -26.20 9.64 30.95
N THR D 229 -25.48 10.71 31.25
CA THR D 229 -26.08 12.02 31.47
C THR D 229 -25.50 13.05 30.51
N LEU D 230 -26.34 13.94 29.99
CA LEU D 230 -25.98 15.06 29.12
C LEU D 230 -26.24 16.36 29.86
N SER D 231 -25.19 17.16 30.06
CA SER D 231 -25.26 18.47 30.71
C SER D 231 -25.02 19.58 29.69
N MET D 232 -25.93 20.55 29.59
CA MET D 232 -25.92 21.60 28.56
C MET D 232 -26.37 22.97 29.07
N SER D 233 -25.75 24.02 28.52
CA SER D 233 -26.10 25.44 28.73
C SER D 233 -25.77 26.24 27.47
N ALA D 234 -26.38 27.40 27.29
CA ALA D 234 -26.15 28.24 26.11
C ALA D 234 -24.68 28.68 25.98
N ASP D 235 -24.08 28.46 24.81
CA ASP D 235 -22.66 28.74 24.54
C ASP D 235 -21.70 28.15 25.58
N VAL D 236 -21.87 26.85 25.87
CA VAL D 236 -21.07 26.08 26.83
C VAL D 236 -20.72 24.71 26.23
N PRO D 237 -19.51 24.15 26.45
CA PRO D 237 -19.17 22.82 25.98
C PRO D 237 -20.11 21.78 26.57
N LEU D 238 -20.77 20.99 25.71
CA LEU D 238 -21.57 19.85 26.15
C LEU D 238 -20.70 18.90 26.98
N VAL D 239 -21.23 18.50 28.13
CA VAL D 239 -20.62 17.47 28.95
C VAL D 239 -21.44 16.20 28.80
N VAL D 240 -20.79 15.12 28.40
CA VAL D 240 -21.36 13.76 28.37
C VAL D 240 -20.64 12.98 29.46
N GLU D 241 -21.37 12.43 30.42
CA GLU D 241 -20.79 11.81 31.62
C GLU D 241 -21.33 10.38 31.83
N TYR D 242 -20.42 9.48 32.15
CA TYR D 242 -20.70 8.09 32.54
C TYR D 242 -20.16 7.80 33.94
N LYS D 243 -21.02 7.28 34.82
CA LYS D 243 -20.64 6.80 36.15
C LYS D 243 -19.77 5.54 36.09
N ILE D 244 -18.84 5.39 37.02
CA ILE D 244 -18.02 4.18 37.18
C ILE D 244 -18.28 3.61 38.58
N ALA D 245 -19.25 2.70 38.66
CA ALA D 245 -19.62 2.01 39.89
C ALA D 245 -19.84 3.00 41.07
N ASP D 246 -19.19 2.76 42.21
CA ASP D 246 -18.91 3.78 43.21
C ASP D 246 -17.55 4.47 42.98
N MET D 247 -16.56 3.77 42.42
CA MET D 247 -15.16 4.22 42.42
C MET D 247 -14.94 5.58 41.74
N GLY D 248 -15.72 5.93 40.71
CA GLY D 248 -15.57 7.24 40.10
C GLY D 248 -16.50 7.49 38.92
N HIS D 249 -16.01 8.20 37.89
CA HIS D 249 -16.73 8.49 36.64
C HIS D 249 -15.79 8.94 35.52
N LEU D 250 -16.31 8.96 34.30
CA LEU D 250 -15.65 9.50 33.13
C LEU D 250 -16.49 10.63 32.56
N LYS D 251 -15.84 11.72 32.13
CA LYS D 251 -16.47 12.86 31.45
C LYS D 251 -15.81 13.16 30.12
N TYR D 252 -16.62 13.58 29.17
CA TYR D 252 -16.18 14.21 27.93
C TYR D 252 -16.68 15.64 27.83
N TYR D 253 -15.86 16.54 27.33
CA TYR D 253 -16.20 17.94 27.07
C TYR D 253 -16.04 18.24 25.59
N LEU D 254 -17.09 18.75 24.93
CA LEU D 254 -17.08 19.07 23.50
C LEU D 254 -17.42 20.54 23.25
N ALA D 255 -16.58 21.29 22.55
CA ALA D 255 -16.89 22.67 22.20
C ALA D 255 -18.10 22.74 21.25
N PRO D 256 -19.00 23.72 21.41
CA PRO D 256 -20.12 23.92 20.50
C PRO D 256 -19.71 24.28 19.06
N LYS D 257 -20.68 24.15 18.16
CA LYS D 257 -20.58 24.52 16.74
C LYS D 257 -21.34 25.83 16.50
N ILE D 258 -20.70 26.97 16.74
CA ILE D 258 -21.34 28.30 16.77
C ILE D 258 -22.03 28.65 15.46
N1 DOC E 19 16.08 3.52 -21.74
C2 DOC E 19 16.66 4.38 -20.67
N3 DOC E 19 17.49 3.77 -19.59
C4 DOC E 19 17.72 2.35 -19.60
C5 DOC E 19 17.14 1.49 -20.67
C6 DOC E 19 16.31 2.10 -21.74
O2 DOC E 19 16.47 5.54 -20.69
N4 DOC E 19 18.52 1.75 -18.54
C1' DOC E 19 15.25 4.16 -22.80
C2' DOC E 19 16.14 4.94 -23.85
C3' DOC E 19 15.84 4.27 -25.14
C4' DOC E 19 14.60 3.82 -24.98
O4' DOC E 19 14.62 3.28 -23.47
C5' DOC E 19 14.34 2.67 -25.90
O5' DOC E 19 14.95 1.55 -25.32
P DOC E 19 14.21 0.09 -25.48
OP1 DOC E 19 13.72 -0.06 -26.90
OP2 DOC E 19 15.17 -0.99 -25.04
N GLY H 2 11.57 41.51 3.21
CA GLY H 2 11.63 41.00 4.61
C GLY H 2 13.06 40.90 5.09
N ILE H 3 13.26 40.91 6.41
CA ILE H 3 14.59 40.78 7.07
C ILE H 3 15.31 39.54 6.53
N GLN H 4 16.54 39.71 6.05
CA GLN H 4 17.32 38.63 5.48
C GLN H 4 17.69 37.61 6.56
N GLY H 5 17.62 36.32 6.23
CA GLY H 5 18.26 35.20 6.96
C GLY H 5 17.80 34.87 8.38
N LEU H 6 16.93 35.67 9.01
CA LEU H 6 16.50 35.42 10.39
C LEU H 6 15.68 34.13 10.54
N ALA H 7 14.90 33.76 9.52
CA ALA H 7 14.23 32.45 9.47
C ALA H 7 15.27 31.32 9.53
N LYS H 8 16.42 31.50 8.87
CA LYS H 8 17.53 30.58 8.93
C LYS H 8 18.12 30.49 10.33
N LEU H 9 18.38 31.61 11.00
CA LEU H 9 18.83 31.63 12.39
C LEU H 9 17.88 30.87 13.31
N ILE H 10 16.58 31.13 13.21
CA ILE H 10 15.57 30.42 14.01
C ILE H 10 15.54 28.94 13.65
N ALA H 11 15.48 28.59 12.37
CA ALA H 11 15.44 27.21 11.91
C ALA H 11 16.71 26.40 12.17
N ASP H 12 17.80 27.05 12.57
CA ASP H 12 19.01 26.38 13.02
C ASP H 12 19.13 26.35 14.55
N VAL H 13 18.74 27.42 15.24
CA VAL H 13 18.92 27.53 16.70
C VAL H 13 17.69 27.10 17.50
N ALA H 14 16.49 27.41 17.01
CA ALA H 14 15.22 27.15 17.67
C ALA H 14 14.09 26.71 16.71
N PRO H 15 14.19 25.53 16.07
CA PRO H 15 13.08 24.94 15.32
C PRO H 15 11.86 24.63 16.18
N SER H 16 11.98 24.58 17.50
CA SER H 16 10.91 24.24 18.42
C SER H 16 9.74 25.21 18.36
N ALA H 17 9.98 26.51 18.12
CA ALA H 17 8.93 27.51 17.89
C ALA H 17 8.41 27.56 16.44
N ILE H 18 8.96 26.72 15.56
CA ILE H 18 8.50 26.53 14.18
C ILE H 18 7.53 25.35 14.17
N ARG H 19 6.28 25.60 13.83
CA ARG H 19 5.25 24.57 13.84
C ARG H 19 4.70 24.42 12.43
N GLU H 20 5.05 23.33 11.77
CA GLU H 20 4.43 22.96 10.52
C GLU H 20 3.03 22.41 10.83
N ASN H 21 2.00 22.97 10.20
CA ASN H 21 0.60 22.58 10.41
C ASN H 21 -0.19 22.64 9.09
N ASP H 22 -1.41 22.12 9.08
CA ASP H 22 -2.20 22.00 7.85
C ASP H 22 -3.46 22.84 7.86
N ILE H 23 -3.96 23.24 6.70
CA ILE H 23 -5.00 24.24 6.52
C ILE H 23 -6.22 24.13 7.44
N LYS H 24 -6.80 22.94 7.61
CA LYS H 24 -8.01 22.71 8.42
C LYS H 24 -7.76 22.86 9.92
N SER H 25 -6.51 22.95 10.37
CA SER H 25 -6.21 23.25 11.77
C SER H 25 -6.52 24.70 12.16
N TYR H 26 -6.78 25.60 11.21
CA TYR H 26 -7.02 27.03 11.46
C TYR H 26 -8.46 27.48 11.25
N PHE H 27 -9.42 26.58 11.44
CA PHE H 27 -10.83 26.92 11.42
C PHE H 27 -11.17 28.06 12.41
N GLY H 28 -12.24 28.78 12.08
CA GLY H 28 -12.73 29.94 12.85
C GLY H 28 -11.83 31.17 12.81
N ARG H 29 -10.56 31.04 12.42
CA ARG H 29 -9.57 32.09 12.64
C ARG H 29 -9.80 33.29 11.75
N LYS H 30 -9.93 34.47 12.35
CA LYS H 30 -9.66 35.73 11.68
C LYS H 30 -8.17 35.82 11.38
N VAL H 31 -7.80 36.27 10.17
CA VAL H 31 -6.39 36.43 9.76
C VAL H 31 -6.09 37.80 9.13
N ALA H 32 -5.13 38.56 9.66
CA ALA H 32 -4.76 39.88 9.15
C ALA H 32 -3.73 39.81 8.01
N ILE H 33 -4.24 39.92 6.79
CA ILE H 33 -3.47 39.78 5.56
C ILE H 33 -2.86 41.11 5.17
N ASP H 34 -1.56 41.15 4.96
CA ASP H 34 -0.95 42.27 4.26
C ASP H 34 -1.34 42.23 2.78
N ALA H 35 -2.07 43.23 2.30
CA ALA H 35 -2.52 43.27 0.92
C ALA H 35 -1.36 43.51 -0.07
N SER H 36 -0.33 44.27 0.31
CA SER H 36 0.76 44.66 -0.56
C SER H 36 1.60 43.49 -1.07
N MET H 37 2.17 42.67 -0.18
CA MET H 37 2.97 41.54 -0.63
C MET H 37 2.08 40.49 -1.32
N SER H 38 0.84 40.37 -0.86
CA SER H 38 -0.14 39.45 -1.43
C SER H 38 -0.49 39.82 -2.86
N ILE H 39 -0.86 41.07 -3.16
CA ILE H 39 -1.14 41.49 -4.54
C ILE H 39 0.13 41.47 -5.41
N TYR H 40 1.29 41.77 -4.83
CA TYR H 40 2.60 41.66 -5.48
C TYR H 40 2.83 40.23 -6.00
N GLN H 41 2.71 39.20 -5.15
CA GLN H 41 2.77 37.83 -5.66
C GLN H 41 1.61 37.51 -6.62
N PHE H 42 0.42 38.11 -6.48
CA PHE H 42 -0.70 37.87 -7.41
C PHE H 42 -0.41 38.37 -8.84
N LEU H 43 0.34 39.45 -8.98
CA LEU H 43 0.85 39.90 -10.29
C LEU H 43 1.84 38.91 -10.92
N ILE H 44 2.45 38.04 -10.11
CA ILE H 44 3.30 36.93 -10.54
C ILE H 44 2.61 35.58 -10.33
N THR H 60 -4.65 41.42 -18.23
CA THR H 60 -3.77 41.66 -17.08
C THR H 60 -4.47 41.45 -15.73
N THR H 61 -5.47 40.57 -15.71
CA THR H 61 -6.39 40.34 -14.58
C THR H 61 -5.83 39.36 -13.54
N SER H 62 -4.64 38.78 -13.73
CA SER H 62 -4.08 37.75 -12.82
C SER H 62 -4.00 38.20 -11.35
N HIS H 63 -3.73 39.47 -11.09
CA HIS H 63 -3.76 40.00 -9.74
C HIS H 63 -5.15 39.84 -9.09
N LEU H 64 -6.22 40.11 -9.85
CA LEU H 64 -7.59 39.80 -9.46
C LEU H 64 -7.89 38.30 -9.40
N MET H 65 -7.36 37.48 -10.31
CA MET H 65 -7.63 36.03 -10.31
C MET H 65 -7.14 35.37 -9.02
N GLY H 66 -5.91 35.66 -8.58
CA GLY H 66 -5.46 35.23 -7.25
C GLY H 66 -6.26 35.88 -6.12
N MET H 67 -6.52 37.19 -6.19
CA MET H 67 -7.37 37.89 -5.21
C MET H 67 -8.76 37.25 -5.02
N PHE H 68 -9.37 36.74 -6.08
CA PHE H 68 -10.58 35.94 -6.01
C PHE H 68 -10.30 34.54 -5.43
N TYR H 69 -9.55 33.69 -6.15
CA TYR H 69 -9.44 32.27 -5.80
C TYR H 69 -8.74 32.01 -4.46
N ARG H 70 -7.67 32.73 -4.10
CA ARG H 70 -7.00 32.54 -2.80
C ARG H 70 -7.94 32.92 -1.67
N THR H 71 -8.69 34.02 -1.82
CA THR H 71 -9.68 34.43 -0.81
C THR H 71 -10.74 33.34 -0.62
N ILE H 72 -11.24 32.75 -1.71
CA ILE H 72 -12.18 31.62 -1.64
C ILE H 72 -11.56 30.49 -0.83
N ARG H 73 -10.36 30.05 -1.20
CA ARG H 73 -9.67 28.93 -0.55
C ARG H 73 -9.53 29.14 0.96
N MET H 74 -9.19 30.34 1.41
CA MET H 74 -9.14 30.66 2.84
C MET H 74 -10.52 30.48 3.50
N MET H 75 -11.57 31.00 2.87
CA MET H 75 -12.92 30.95 3.43
C MET H 75 -13.43 29.52 3.64
N GLU H 76 -12.99 28.58 2.80
CA GLU H 76 -13.45 27.19 2.86
C GLU H 76 -13.16 26.47 4.18
N ASN H 77 -12.04 26.76 4.83
CA ASN H 77 -11.59 26.06 6.03
C ASN H 77 -11.73 26.90 7.30
N GLY H 78 -12.80 27.70 7.39
CA GLY H 78 -13.13 28.48 8.58
C GLY H 78 -12.31 29.76 8.73
N ILE H 79 -11.42 30.10 7.81
CA ILE H 79 -10.54 31.25 7.97
C ILE H 79 -11.24 32.51 7.44
N LYS H 80 -11.31 33.55 8.27
CA LYS H 80 -11.88 34.86 7.95
C LYS H 80 -10.76 35.86 7.62
N PRO H 81 -10.53 36.22 6.35
CA PRO H 81 -9.45 37.13 5.97
C PRO H 81 -9.75 38.60 6.28
N VAL H 82 -8.75 39.32 6.78
CA VAL H 82 -8.72 40.77 7.03
C VAL H 82 -7.67 41.44 6.14
N TYR H 83 -8.05 41.90 4.95
CA TYR H 83 -7.12 42.58 4.05
C TYR H 83 -6.76 43.98 4.56
N VAL H 84 -5.47 44.21 4.82
CA VAL H 84 -4.89 45.49 5.25
C VAL H 84 -4.03 46.06 4.13
N PHE H 85 -4.40 47.23 3.59
CA PHE H 85 -3.63 47.98 2.60
C PHE H 85 -2.60 48.94 3.21
N ASP H 86 -1.52 49.24 2.48
CA ASP H 86 -0.46 50.18 2.88
C ASP H 86 -0.90 51.66 2.88
N GLY H 87 -0.27 52.48 3.74
CA GLY H 87 -0.41 53.94 3.77
C GLY H 87 0.79 54.67 3.19
N LYS H 88 1.43 55.55 3.98
CA LYS H 88 2.72 56.18 3.64
C LYS H 88 3.86 55.21 4.00
N PRO H 89 4.61 54.67 3.02
CA PRO H 89 5.80 53.90 3.30
C PRO H 89 6.88 54.80 3.90
N PRO H 90 7.67 54.31 4.87
CA PRO H 90 8.74 55.08 5.50
C PRO H 90 9.95 55.25 4.56
N GLN H 91 11.01 55.84 5.09
CA GLN H 91 12.22 56.18 4.33
C GLN H 91 13.12 54.97 4.05
N LEU H 92 12.67 54.05 3.18
CA LEU H 92 13.41 52.84 2.77
C LEU H 92 14.81 53.18 2.24
N LYS H 93 15.81 52.35 2.50
CA LYS H 93 17.15 52.56 1.95
C LYS H 93 17.17 52.44 0.41
N SER H 94 16.46 51.45 -0.13
CA SER H 94 16.26 51.28 -1.58
C SER H 94 15.27 52.31 -2.13
N GLY H 95 14.05 52.38 -1.57
CA GLY H 95 12.98 53.24 -2.05
C GLY H 95 13.19 54.76 -1.91
N GLU H 96 14.03 55.21 -0.98
CA GLU H 96 14.45 56.61 -0.83
C GLU H 96 15.91 56.89 -1.21
N LEU H 97 16.60 55.93 -1.85
CA LEU H 97 17.96 56.09 -2.37
C LEU H 97 18.06 57.19 -3.43
N THR H 134 -0.75 54.66 -10.25
CA THR H 134 -0.14 53.40 -9.78
C THR H 134 -1.15 52.49 -9.07
N LYS H 135 -2.04 53.07 -8.27
CA LYS H 135 -3.02 52.31 -7.47
C LYS H 135 -4.22 51.85 -8.29
N GLN H 136 -4.15 51.89 -9.62
CA GLN H 136 -5.22 51.38 -10.48
C GLN H 136 -5.53 49.92 -10.09
N HIS H 137 -4.54 49.03 -10.17
CA HIS H 137 -4.67 47.63 -9.75
C HIS H 137 -4.81 47.46 -8.23
N ASN H 138 -4.36 48.42 -7.42
CA ASN H 138 -4.52 48.36 -5.96
C ASN H 138 -6.00 48.59 -5.57
N ASP H 139 -6.60 49.66 -6.05
CA ASP H 139 -8.02 49.96 -5.84
C ASP H 139 -8.93 48.99 -6.61
N GLU H 140 -8.45 48.38 -7.70
CA GLU H 140 -9.11 47.26 -8.37
C GLU H 140 -9.41 46.10 -7.41
N CYS H 141 -8.49 45.82 -6.47
CA CYS H 141 -8.71 44.87 -5.38
C CYS H 141 -9.74 45.38 -4.35
N LYS H 142 -9.68 46.66 -3.97
CA LYS H 142 -10.67 47.29 -3.08
C LYS H 142 -12.09 47.19 -3.63
N HIS H 143 -12.24 47.21 -4.96
CA HIS H 143 -13.52 47.09 -5.63
C HIS H 143 -14.25 45.80 -5.24
N LEU H 144 -13.64 44.64 -5.50
CA LEU H 144 -14.27 43.35 -5.24
C LEU H 144 -14.29 42.94 -3.76
N LEU H 145 -13.53 43.57 -2.84
CA LEU H 145 -13.70 43.32 -1.40
C LEU H 145 -15.13 43.59 -0.95
N SER H 146 -15.64 44.79 -1.22
CA SER H 146 -17.06 45.12 -0.97
C SER H 146 -18.00 44.27 -1.83
N LEU H 147 -17.65 44.01 -3.09
CA LEU H 147 -18.45 43.19 -3.99
C LEU H 147 -18.46 41.68 -3.66
N MET H 148 -17.59 41.20 -2.75
CA MET H 148 -17.57 39.83 -2.25
C MET H 148 -17.74 39.75 -0.71
N GLY H 149 -18.00 40.85 -0.04
CA GLY H 149 -18.31 40.87 1.38
C GLY H 149 -17.12 40.68 2.34
N ILE H 150 -15.92 41.08 1.93
CA ILE H 150 -14.68 40.99 2.72
C ILE H 150 -14.27 42.42 3.13
N PRO H 151 -13.82 42.67 4.36
CA PRO H 151 -13.46 44.01 4.80
C PRO H 151 -12.12 44.46 4.20
N TYR H 152 -12.00 45.77 4.00
CA TYR H 152 -10.75 46.44 3.65
C TYR H 152 -10.35 47.43 4.73
N LEU H 153 -9.17 47.26 5.32
CA LEU H 153 -8.52 48.26 6.15
C LEU H 153 -7.47 49.00 5.32
N ASP H 154 -7.23 50.29 5.59
CA ASP H 154 -6.07 51.02 5.07
C ASP H 154 -5.20 51.49 6.24
N ALA H 155 -4.00 50.91 6.35
CA ALA H 155 -3.02 51.26 7.36
C ALA H 155 -2.43 52.67 7.11
N PRO H 156 -2.00 53.40 8.14
CA PRO H 156 -1.29 54.66 7.97
C PRO H 156 0.10 54.51 7.34
N SER H 157 0.71 53.34 7.48
CA SER H 157 2.00 52.99 6.88
C SER H 157 2.00 51.53 6.42
N GLU H 158 3.16 50.87 6.39
CA GLU H 158 3.29 49.50 5.92
C GLU H 158 2.30 48.57 6.63
N ALA H 159 1.43 47.93 5.87
CA ALA H 159 0.29 47.20 6.43
C ALA H 159 0.70 46.07 7.38
N GLU H 160 1.88 45.48 7.21
CA GLU H 160 2.50 44.53 8.13
C GLU H 160 2.61 45.04 9.58
N ALA H 161 2.83 46.34 9.77
CA ALA H 161 2.79 46.94 11.10
C ALA H 161 1.37 46.96 11.66
N SER H 162 0.37 47.31 10.83
CA SER H 162 -1.03 47.36 11.27
C SER H 162 -1.63 45.97 11.47
N CYS H 163 -1.26 44.98 10.65
CA CYS H 163 -1.60 43.58 10.94
C CYS H 163 -1.01 43.11 12.27
N ALA H 164 0.25 43.46 12.57
CA ALA H 164 0.89 43.07 13.84
C ALA H 164 0.28 43.77 15.05
N ALA H 165 -0.10 45.04 14.93
CA ALA H 165 -0.84 45.77 15.94
C ALA H 165 -2.18 45.09 16.25
N LEU H 166 -2.90 44.64 15.22
CA LEU H 166 -4.16 43.92 15.36
C LEU H 166 -3.96 42.60 16.13
N VAL H 167 -2.92 41.83 15.79
CA VAL H 167 -2.63 40.54 16.44
C VAL H 167 -2.28 40.73 17.91
N LYS H 168 -1.34 41.63 18.21
CA LYS H 168 -0.87 41.89 19.57
C LYS H 168 -1.93 42.51 20.51
N ALA H 169 -3.11 42.86 19.99
CA ALA H 169 -4.25 43.41 20.72
C ALA H 169 -5.50 42.49 20.72
N GLY H 170 -5.39 41.23 20.31
CA GLY H 170 -6.43 40.22 20.52
C GLY H 170 -7.56 40.21 19.49
N LYS H 171 -7.68 41.25 18.66
CA LYS H 171 -8.73 41.35 17.63
C LYS H 171 -8.65 40.26 16.56
N VAL H 172 -7.46 39.66 16.37
CA VAL H 172 -7.17 38.66 15.32
C VAL H 172 -6.12 37.67 15.84
N TYR H 173 -6.21 36.39 15.49
CA TYR H 173 -5.31 35.37 16.05
C TYR H 173 -4.02 35.16 15.27
N ALA H 174 -4.08 35.35 13.95
CA ALA H 174 -2.95 35.16 13.06
C ALA H 174 -2.92 36.23 11.97
N ALA H 175 -1.77 36.40 11.33
CA ALA H 175 -1.60 37.23 10.15
C ALA H 175 -1.51 36.39 8.87
N ALA H 176 -1.42 37.01 7.70
CA ALA H 176 -1.06 36.32 6.47
C ALA H 176 -0.03 37.13 5.69
N THR H 177 1.23 36.72 5.78
CA THR H 177 2.37 37.31 5.08
C THR H 177 3.54 36.32 5.07
N GLU H 178 4.55 36.57 4.24
CA GLU H 178 5.80 35.80 4.25
C GLU H 178 6.92 36.49 5.04
N ASP H 179 6.83 37.80 5.31
CA ASP H 179 7.94 38.54 5.90
C ASP H 179 7.85 38.57 7.43
N MET H 180 8.97 38.30 8.08
CA MET H 180 9.11 38.26 9.54
C MET H 180 9.03 39.63 10.22
N ALA H 181 8.78 40.70 9.46
CA ALA H 181 8.62 42.03 10.00
C ALA H 181 7.53 42.07 11.08
N CYS H 182 6.41 41.36 10.86
CA CYS H 182 5.33 41.26 11.84
C CYS H 182 5.74 40.64 13.18
N LEU H 183 6.62 39.64 13.17
CA LEU H 183 7.17 39.09 14.41
C LEU H 183 8.02 40.16 15.11
N THR H 184 8.80 40.91 14.34
CA THR H 184 9.64 41.97 14.89
C THR H 184 8.82 43.16 15.37
N PHE H 185 7.65 43.41 14.77
CA PHE H 185 6.64 44.35 15.25
C PHE H 185 5.89 43.89 16.50
N GLY H 186 6.18 42.69 17.02
CA GLY H 186 5.64 42.22 18.29
C GLY H 186 4.49 41.21 18.19
N SER H 187 4.12 40.76 17.00
CA SER H 187 3.07 39.75 16.82
C SER H 187 3.49 38.39 17.41
N PRO H 188 2.81 37.85 18.43
CA PRO H 188 3.22 36.60 19.07
C PRO H 188 3.17 35.39 18.15
N VAL H 189 2.22 35.38 17.22
CA VAL H 189 1.98 34.30 16.26
C VAL H 189 2.11 34.87 14.86
N LEU H 190 2.92 34.24 14.00
CA LEU H 190 2.91 34.47 12.56
C LEU H 190 2.49 33.20 11.84
N MET H 191 1.55 33.31 10.92
CA MET H 191 1.13 32.23 10.03
C MET H 191 1.50 32.59 8.59
N ARG H 192 2.30 31.74 7.95
CA ARG H 192 2.91 32.00 6.63
C ARG H 192 2.66 30.87 5.64
N HIS H 193 2.80 31.21 4.37
CA HIS H 193 2.61 30.36 3.20
C HIS H 193 1.15 30.00 2.84
N LEU H 194 0.15 30.50 3.57
CA LEU H 194 -1.27 30.28 3.26
C LEU H 194 -1.67 30.73 1.85
N THR H 195 -1.16 31.89 1.43
CA THR H 195 -1.55 32.56 0.18
C THR H 195 -1.07 31.84 -1.09
N ALA H 196 -0.30 30.75 -0.99
CA ALA H 196 0.16 29.97 -2.12
C ALA H 196 -1.01 29.29 -2.87
N SER H 197 -0.82 29.02 -4.16
CA SER H 197 -1.84 28.33 -4.99
C SER H 197 -2.08 26.89 -4.53
N GLU H 198 -3.17 26.27 -4.98
CA GLU H 198 -3.62 24.93 -4.57
C GLU H 198 -2.63 23.80 -4.88
N ALA H 199 -1.88 23.91 -5.98
CA ALA H 199 -0.93 22.89 -6.41
C ALA H 199 0.40 22.96 -5.63
N LYS H 200 0.92 24.16 -5.42
CA LYS H 200 2.12 24.39 -4.61
C LYS H 200 1.83 24.02 -3.15
N LYS H 201 2.19 22.80 -2.76
CA LYS H 201 1.62 22.12 -1.58
C LYS H 201 1.58 22.97 -0.32
N LEU H 202 2.72 23.53 0.03
CA LEU H 202 2.97 24.46 1.12
C LEU H 202 1.99 24.28 2.30
N PRO H 203 2.20 23.24 3.13
CA PRO H 203 1.77 23.29 4.52
C PRO H 203 2.20 24.62 5.17
N ILE H 204 1.41 25.04 6.16
CA ILE H 204 1.39 26.40 6.69
C ILE H 204 2.27 26.47 7.93
N GLN H 205 3.21 27.38 7.92
CA GLN H 205 4.22 27.43 8.96
C GLN H 205 3.84 28.46 10.00
N GLU H 206 3.62 28.02 11.23
CA GLU H 206 3.60 28.92 12.36
C GLU H 206 5.01 29.28 12.81
N PHE H 207 5.15 30.50 13.27
CA PHE H 207 6.22 30.97 14.16
C PHE H 207 5.60 31.51 15.44
N HIS H 208 6.25 31.25 16.58
CA HIS H 208 5.82 31.70 17.90
C HIS H 208 6.87 32.59 18.54
N LEU H 209 6.67 33.90 18.44
CA LEU H 209 7.56 34.93 18.96
C LEU H 209 7.85 34.75 20.44
N SER H 210 6.82 34.41 21.23
CA SER H 210 6.94 34.17 22.67
C SER H 210 7.94 33.04 22.94
N ARG H 211 7.80 31.93 22.23
CA ARG H 211 8.67 30.77 22.39
C ARG H 211 10.09 31.08 21.95
N ILE H 212 10.27 31.78 20.84
CA ILE H 212 11.58 32.22 20.33
C ILE H 212 12.30 33.09 21.37
N LEU H 213 11.62 34.14 21.83
CA LEU H 213 12.11 35.07 22.85
C LEU H 213 12.44 34.36 24.15
N GLN H 214 11.60 33.41 24.58
CA GLN H 214 11.82 32.60 25.78
C GLN H 214 13.04 31.67 25.69
N GLU H 215 13.24 31.00 24.56
CA GLU H 215 14.29 29.98 24.39
C GLU H 215 15.70 30.59 24.37
N LEU H 216 15.88 31.73 23.70
CA LEU H 216 17.14 32.48 23.76
C LEU H 216 17.22 33.34 25.03
N GLY H 217 16.08 33.77 25.56
CA GLY H 217 15.96 34.71 26.68
C GLY H 217 16.02 36.19 26.29
N LEU H 218 16.06 36.50 24.99
CA LEU H 218 16.39 37.84 24.47
C LEU H 218 15.12 38.59 24.05
N ASN H 219 14.84 39.71 24.73
CA ASN H 219 13.62 40.49 24.63
C ASN H 219 13.29 41.10 23.26
N GLN H 220 12.13 41.74 23.13
CA GLN H 220 11.61 42.25 21.86
C GLN H 220 12.56 43.23 21.17
N GLU H 221 13.12 44.17 21.92
CA GLU H 221 14.13 45.09 21.44
C GLU H 221 15.40 44.33 21.04
N GLN H 222 15.73 43.28 21.81
CA GLN H 222 16.79 42.30 21.57
C GLN H 222 16.37 41.27 20.50
N PHE H 223 15.38 41.61 19.69
CA PHE H 223 14.92 40.87 18.52
C PHE H 223 14.76 41.82 17.33
N VAL H 224 14.31 43.03 17.59
CA VAL H 224 14.39 44.13 16.64
C VAL H 224 15.82 44.41 16.21
N ASP H 225 16.76 44.51 17.16
CA ASP H 225 18.16 44.72 16.82
C ASP H 225 18.72 43.57 15.98
N LEU H 226 18.36 42.31 16.27
CA LEU H 226 18.71 41.16 15.47
C LEU H 226 18.28 41.40 14.02
N CYS H 227 17.02 41.75 13.80
CA CYS H 227 16.48 41.93 12.45
C CYS H 227 17.18 43.01 11.65
N ILE H 228 17.42 44.14 12.30
CA ILE H 228 18.14 45.25 11.68
C ILE H 228 19.53 44.80 11.27
N LEU H 229 20.30 44.21 12.20
CA LEU H 229 21.67 43.77 11.95
C LEU H 229 21.71 42.64 10.92
N LEU H 230 20.71 41.77 10.90
CA LEU H 230 20.69 40.59 10.03
C LEU H 230 20.29 40.92 8.59
N GLY H 231 19.73 42.12 8.37
CA GLY H 231 19.63 42.73 7.05
C GLY H 231 18.20 43.09 6.69
N SER H 232 17.73 44.23 7.18
CA SER H 232 16.41 44.78 6.83
C SER H 232 16.40 45.51 5.48
N ASP H 233 15.20 45.82 4.96
CA ASP H 233 14.93 46.72 3.83
C ASP H 233 15.13 48.22 4.15
N TYR H 234 15.34 48.60 5.40
CA TYR H 234 15.55 50.01 5.79
C TYR H 234 16.98 50.54 5.61
N CYS H 235 18.01 49.69 5.69
CA CYS H 235 19.42 50.07 5.51
C CYS H 235 20.28 48.81 5.26
N GLU H 236 21.51 49.00 4.78
CA GLU H 236 22.51 47.93 4.83
C GLU H 236 22.91 47.62 6.30
N SER H 237 23.49 46.45 6.54
CA SER H 237 24.09 46.05 7.82
C SER H 237 25.57 45.69 7.67
N ILE H 238 26.24 45.23 8.74
CA ILE H 238 27.63 44.81 8.65
C ILE H 238 27.83 43.49 7.88
N ARG H 239 28.09 43.58 6.58
CA ARG H 239 28.34 42.44 5.70
C ARG H 239 29.61 41.64 6.05
N GLY H 240 30.42 42.13 6.98
CA GLY H 240 31.66 41.49 7.44
C GLY H 240 31.49 40.49 8.60
N ILE H 241 30.39 40.53 9.35
CA ILE H 241 30.12 39.56 10.41
C ILE H 241 28.95 38.63 10.04
N GLY H 242 29.14 37.33 10.23
CA GLY H 242 28.22 36.32 9.72
C GLY H 242 26.81 36.37 10.32
N PRO H 243 25.79 35.79 9.66
CA PRO H 243 24.42 35.81 10.16
C PRO H 243 24.26 35.01 11.45
N LYS H 244 25.05 33.95 11.62
CA LYS H 244 25.12 33.18 12.86
C LYS H 244 25.48 34.03 14.08
N ARG H 245 26.20 35.14 13.88
CA ARG H 245 26.63 36.05 14.95
C ARG H 245 25.47 36.62 15.72
N ALA H 246 24.30 36.80 15.09
CA ALA H 246 23.22 37.61 15.64
C ALA H 246 22.73 37.13 17.02
N VAL H 247 22.41 35.84 17.16
CA VAL H 247 21.96 35.35 18.46
C VAL H 247 23.03 35.53 19.56
N ASP H 248 24.27 35.19 19.25
CA ASP H 248 25.38 35.22 20.20
C ASP H 248 25.79 36.64 20.57
N LEU H 249 25.95 37.53 19.59
CA LEU H 249 26.18 38.94 19.87
C LEU H 249 25.02 39.52 20.63
N ILE H 250 23.76 39.22 20.33
CA ILE H 250 22.68 39.76 21.14
C ILE H 250 22.70 39.23 22.57
N GLN H 251 23.04 37.96 22.76
CA GLN H 251 23.22 37.39 24.09
C GLN H 251 24.32 38.09 24.88
N LYS H 252 25.38 38.52 24.19
CA LYS H 252 26.54 39.20 24.81
C LYS H 252 26.39 40.73 24.87
N HIS H 253 25.66 41.30 23.93
CA HIS H 253 25.41 42.73 23.66
C HIS H 253 24.00 42.91 23.08
N LYS H 254 23.00 42.98 23.96
CA LYS H 254 21.57 43.05 23.64
C LYS H 254 21.08 44.36 22.98
N SER H 255 21.93 45.06 22.25
CA SER H 255 21.54 46.19 21.40
C SER H 255 22.52 46.32 20.23
N ILE H 256 22.09 46.90 19.11
CA ILE H 256 23.01 47.24 18.03
C ILE H 256 24.05 48.28 18.47
N GLU H 257 23.64 49.28 19.26
CA GLU H 257 24.53 50.33 19.77
C GLU H 257 25.64 49.81 20.69
N GLU H 258 25.33 48.92 21.63
CA GLU H 258 26.36 48.24 22.43
C GLU H 258 27.17 47.27 21.55
N ILE H 259 26.53 46.62 20.58
CA ILE H 259 27.19 45.67 19.69
C ILE H 259 28.28 46.29 18.82
N VAL H 260 28.06 47.47 18.23
CA VAL H 260 29.07 48.10 17.38
C VAL H 260 30.24 48.70 18.17
N ARG H 261 30.00 49.38 19.31
CA ARG H 261 31.05 50.15 20.01
C ARG H 261 32.18 49.34 20.65
N ARG H 262 31.95 48.05 20.93
CA ARG H 262 32.96 47.19 21.56
C ARG H 262 34.10 46.82 20.59
N LEU H 263 33.77 46.55 19.32
CA LEU H 263 34.73 46.10 18.31
C LEU H 263 34.79 47.12 17.15
N ASP H 264 35.89 47.86 17.04
CA ASP H 264 36.09 48.93 16.04
C ASP H 264 37.25 48.71 15.03
N PRO H 265 37.47 47.50 14.48
CA PRO H 265 38.49 47.26 13.46
C PRO H 265 38.02 47.76 12.08
N ASN H 266 38.96 47.88 11.13
CA ASN H 266 38.64 48.15 9.73
C ASN H 266 37.88 46.98 9.04
N LYS H 267 37.97 45.76 9.58
CA LYS H 267 37.27 44.57 9.09
C LYS H 267 35.78 44.48 9.45
N TYR H 268 35.25 45.37 10.29
CA TYR H 268 33.84 45.37 10.71
C TYR H 268 33.05 46.50 10.02
N PRO H 269 32.40 46.24 8.87
CA PRO H 269 31.85 47.29 8.01
C PRO H 269 30.46 47.75 8.50
N VAL H 270 30.37 48.39 9.67
CA VAL H 270 29.10 49.01 10.11
C VAL H 270 28.58 50.01 9.05
N PRO H 271 27.26 50.10 8.85
CA PRO H 271 26.67 50.93 7.81
C PRO H 271 27.25 52.35 7.74
N GLU H 272 27.60 52.79 6.52
CA GLU H 272 28.25 54.07 6.24
C GLU H 272 27.43 55.27 6.73
N ASN H 273 26.12 55.21 6.56
CA ASN H 273 25.15 55.96 7.35
C ASN H 273 24.41 55.00 8.27
N TRP H 274 24.67 55.06 9.57
CA TRP H 274 24.29 53.99 10.50
C TRP H 274 22.82 54.07 10.95
N LEU H 275 21.90 53.72 10.04
CA LEU H 275 20.46 53.64 10.31
C LEU H 275 20.05 52.46 11.23
N HIS H 276 21.00 51.70 11.78
CA HIS H 276 20.69 50.70 12.79
C HIS H 276 20.05 51.26 14.07
N LYS H 277 20.05 52.59 14.27
CA LYS H 277 19.21 53.27 15.26
C LYS H 277 17.75 53.39 14.83
N GLU H 278 17.46 54.18 13.80
CA GLU H 278 16.10 54.66 13.51
C GLU H 278 15.06 53.55 13.30
N ALA H 279 15.47 52.45 12.66
CA ALA H 279 14.59 51.31 12.47
C ALA H 279 14.16 50.69 13.82
N HIS H 280 15.00 50.75 14.86
CA HIS H 280 14.67 50.19 16.16
C HIS H 280 13.45 50.89 16.76
N GLN H 281 13.43 52.22 16.72
CA GLN H 281 12.26 52.98 17.17
C GLN H 281 11.05 52.78 16.24
N LEU H 282 11.26 52.60 14.93
CA LEU H 282 10.17 52.30 14.00
C LEU H 282 9.48 50.97 14.37
N PHE H 283 10.24 49.88 14.47
CA PHE H 283 9.69 48.57 14.87
C PHE H 283 9.19 48.53 16.32
N LEU H 284 9.71 49.39 17.21
CA LEU H 284 9.15 49.61 18.54
C LEU H 284 7.72 50.19 18.50
N GLU H 285 7.50 51.25 17.72
CA GLU H 285 6.22 51.97 17.67
C GLU H 285 5.92 52.52 16.26
N PRO H 286 5.48 51.65 15.33
CA PRO H 286 5.27 52.03 13.94
C PRO H 286 3.98 52.82 13.78
N GLU H 287 3.84 53.50 12.64
CA GLU H 287 2.67 54.31 12.33
C GLU H 287 1.50 53.42 11.88
N VAL H 288 0.63 53.11 12.82
CA VAL H 288 -0.45 52.13 12.69
C VAL H 288 -1.79 52.75 13.09
N LEU H 289 -2.88 52.22 12.56
CA LEU H 289 -4.22 52.64 12.99
C LEU H 289 -4.62 52.02 14.33
N ASP H 290 -5.65 52.60 14.95
CA ASP H 290 -6.27 52.04 16.15
C ASP H 290 -7.03 50.76 15.79
N PRO H 291 -6.74 49.58 16.36
CA PRO H 291 -7.48 48.40 15.99
C PRO H 291 -8.98 48.48 16.30
N GLU H 292 -9.35 48.92 17.51
CA GLU H 292 -10.75 49.04 17.92
C GLU H 292 -11.49 50.16 17.20
N SER H 293 -10.80 51.00 16.44
CA SER H 293 -11.47 51.95 15.55
C SER H 293 -12.27 51.24 14.46
N VAL H 294 -11.94 49.99 14.15
CA VAL H 294 -12.61 49.18 13.15
C VAL H 294 -12.93 47.79 13.70
N GLU H 295 -14.18 47.63 14.11
CA GLU H 295 -14.74 46.35 14.50
C GLU H 295 -14.98 45.48 13.26
N LEU H 296 -14.17 44.44 13.07
CA LEU H 296 -14.26 43.55 11.92
C LEU H 296 -15.57 42.76 11.91
N LYS H 297 -16.23 42.75 10.76
CA LYS H 297 -17.44 41.99 10.51
C LYS H 297 -17.43 41.51 9.08
N TRP H 298 -17.79 40.24 8.86
CA TRP H 298 -17.80 39.62 7.55
C TRP H 298 -19.23 39.56 7.06
N SER H 299 -19.47 40.20 5.92
CA SER H 299 -20.81 40.46 5.42
C SER H 299 -21.30 39.32 4.52
N GLU H 300 -22.57 39.37 4.12
CA GLU H 300 -23.09 38.47 3.10
C GLU H 300 -22.40 38.77 1.74
N PRO H 301 -21.78 37.78 1.08
CA PRO H 301 -21.18 37.96 -0.24
C PRO H 301 -22.22 38.14 -1.35
N ASN H 302 -21.91 38.91 -2.40
CA ASN H 302 -22.82 39.08 -3.53
C ASN H 302 -22.86 37.81 -4.42
N GLU H 303 -24.05 37.33 -4.74
CA GLU H 303 -24.25 36.15 -5.59
C GLU H 303 -24.09 36.40 -7.10
N GLU H 304 -24.34 37.62 -7.58
CA GLU H 304 -24.31 37.97 -9.00
C GLU H 304 -23.54 39.26 -9.33
N GLU H 305 -23.44 40.21 -8.40
CA GLU H 305 -22.91 41.56 -8.70
C GLU H 305 -21.48 41.53 -9.25
N LEU H 306 -20.62 40.69 -8.67
CA LEU H 306 -19.27 40.50 -9.17
C LEU H 306 -19.24 39.87 -10.55
N ILE H 307 -19.97 38.76 -10.79
CA ILE H 307 -19.96 38.01 -12.06
C ILE H 307 -20.53 38.80 -13.24
N LYS H 308 -21.55 39.64 -13.02
CA LYS H 308 -22.11 40.52 -14.08
C LYS H 308 -21.06 41.46 -14.68
N PHE H 309 -20.08 41.90 -13.89
CA PHE H 309 -18.92 42.64 -14.39
C PHE H 309 -17.65 41.76 -14.60
N MET H 310 -17.46 40.66 -13.87
CA MET H 310 -16.23 39.84 -13.81
C MET H 310 -15.86 39.22 -15.15
N CYS H 311 -16.75 38.41 -15.73
CA CYS H 311 -16.59 37.94 -17.10
C CYS H 311 -16.65 39.10 -18.13
N GLY H 312 -17.24 40.25 -17.78
CA GLY H 312 -17.43 41.39 -18.69
C GLY H 312 -16.15 42.20 -18.96
N GLU H 313 -15.43 42.62 -17.92
CA GLU H 313 -14.16 43.36 -18.05
C GLU H 313 -12.96 42.44 -18.36
N LYS H 314 -13.03 41.17 -17.94
CA LYS H 314 -11.99 40.17 -18.19
C LYS H 314 -12.61 38.81 -18.48
N GLN H 315 -12.79 38.48 -19.77
CA GLN H 315 -13.45 37.25 -20.19
C GLN H 315 -12.74 36.01 -19.63
N PHE H 316 -13.45 35.25 -18.82
CA PHE H 316 -12.95 34.10 -18.09
C PHE H 316 -14.08 33.12 -17.79
N SER H 317 -13.73 31.88 -17.40
CA SER H 317 -14.70 30.80 -17.25
C SER H 317 -15.84 31.17 -16.28
N GLU H 318 -17.05 31.28 -16.82
CA GLU H 318 -18.26 31.54 -16.04
C GLU H 318 -18.42 30.54 -14.91
N GLU H 319 -18.21 29.25 -15.22
CA GLU H 319 -18.48 28.14 -14.31
C GLU H 319 -17.59 28.18 -13.06
N ARG H 320 -16.31 28.57 -13.21
CA ARG H 320 -15.32 28.67 -12.12
C ARG H 320 -15.71 29.77 -11.14
N ILE H 321 -16.06 30.94 -11.69
CA ILE H 321 -16.44 32.10 -10.89
C ILE H 321 -17.78 31.84 -10.19
N ARG H 322 -18.82 31.38 -10.91
CA ARG H 322 -20.13 31.11 -10.29
C ARG H 322 -20.07 30.02 -9.22
N SER H 323 -19.29 28.95 -9.46
CA SER H 323 -19.06 27.93 -8.44
C SER H 323 -18.26 28.50 -7.27
N GLY H 324 -17.28 29.37 -7.52
CA GLY H 324 -16.48 30.08 -6.50
C GLY H 324 -17.33 30.90 -5.54
N VAL H 325 -18.25 31.73 -6.07
CA VAL H 325 -19.13 32.53 -5.22
C VAL H 325 -20.14 31.67 -4.47
N LYS H 326 -20.57 30.54 -5.06
CA LYS H 326 -21.39 29.56 -4.36
C LYS H 326 -20.63 28.93 -3.19
N ARG H 327 -19.48 28.29 -3.44
CA ARG H 327 -18.66 27.59 -2.43
C ARG H 327 -18.24 28.49 -1.27
N LEU H 328 -17.75 29.71 -1.56
CA LEU H 328 -17.40 30.66 -0.50
C LEU H 328 -18.63 30.99 0.36
N SER H 329 -19.80 31.15 -0.25
CA SER H 329 -21.05 31.42 0.47
C SER H 329 -21.46 30.23 1.33
N LYS H 330 -21.29 28.99 0.85
CA LYS H 330 -21.65 27.78 1.61
C LYS H 330 -20.72 27.54 2.78
N SER H 331 -19.44 27.90 2.65
CA SER H 331 -18.48 27.86 3.76
C SER H 331 -18.88 28.74 4.95
N ARG H 332 -19.72 29.77 4.74
CA ARG H 332 -20.30 30.60 5.81
C ARG H 332 -21.36 29.87 6.66
N GLN H 333 -21.90 28.74 6.20
CA GLN H 333 -22.70 27.84 7.04
C GLN H 333 -21.85 27.07 8.06
N GLY H 334 -20.57 26.86 7.75
CA GLY H 334 -19.51 26.49 8.68
C GLY H 334 -18.93 27.71 9.39
N SER H 335 -17.60 27.78 9.55
CA SER H 335 -16.90 28.79 10.37
C SER H 335 -17.34 28.79 11.85
N THR H 336 -17.98 27.70 12.26
CA THR H 336 -18.79 27.60 13.46
C THR H 336 -18.05 27.04 14.67
N GLN H 337 -17.31 25.95 14.51
CA GLN H 337 -16.73 25.18 15.60
C GLN H 337 -15.70 26.01 16.36
N GLY H 338 -15.66 25.87 17.69
CA GLY H 338 -14.77 26.61 18.56
C GLY H 338 -13.84 25.69 19.37
N ARG H 339 -13.11 26.24 20.33
CA ARG H 339 -12.06 25.55 21.09
C ARG H 339 -12.16 25.79 22.60
N LEU H 340 -11.86 24.77 23.40
CA LEU H 340 -12.08 24.77 24.85
C LEU H 340 -11.35 25.87 25.62
N ASP H 341 -10.14 26.27 25.20
CA ASP H 341 -9.40 27.32 25.91
C ASP H 341 -10.15 28.67 25.94
N ASP H 342 -11.07 28.88 25.00
CA ASP H 342 -11.94 30.06 24.99
C ASP H 342 -12.99 30.00 26.11
N PHE H 343 -13.39 28.80 26.52
CA PHE H 343 -14.36 28.57 27.59
C PHE H 343 -13.68 28.45 28.95
N PHE H 344 -12.57 27.72 29.01
CA PHE H 344 -11.87 27.38 30.23
C PHE H 344 -10.42 27.80 30.17
N LYS H 345 -9.92 28.41 31.24
CA LYS H 345 -8.53 28.89 31.31
C LYS H 345 -7.56 27.72 31.40
N VAL H 346 -6.36 27.94 30.87
CA VAL H 346 -5.21 27.06 31.08
C VAL H 346 -4.70 27.23 32.51
N THR H 347 -4.84 26.19 33.35
CA THR H 347 -4.19 26.14 34.66
C THR H 347 -2.67 26.06 34.50
N GLY H 348 -2.20 25.35 33.47
CA GLY H 348 -0.80 25.33 33.04
C GLY H 348 -0.44 24.01 32.34
N SER H 349 0.84 23.68 32.37
CA SER H 349 1.40 22.42 31.91
C SER H 349 1.86 21.57 33.09
N LEU H 350 1.65 20.26 33.00
CA LEU H 350 2.12 19.31 33.99
C LEU H 350 3.21 18.43 33.37
N SER H 351 4.38 18.40 33.98
CA SER H 351 5.58 17.77 33.42
C SER H 351 5.90 16.48 34.17
N SER H 352 6.04 15.39 33.43
CA SER H 352 6.49 14.09 33.93
C SER H 352 7.97 14.15 34.33
N ALA H 353 8.35 13.37 35.34
CA ALA H 353 9.70 13.39 35.88
C ALA H 353 10.73 12.80 34.90
P AMP I . 22.01 4.26 -27.29
O1P AMP I . 21.01 3.70 -26.44
O2P AMP I . 23.24 3.44 -27.32
O3P AMP I . 22.27 5.67 -26.92
O5' AMP I . 21.44 4.35 -28.76
C5' AMP I . 20.82 3.22 -29.36
C4' AMP I . 19.34 3.43 -29.44
O4' AMP I . 19.04 4.51 -30.35
C3' AMP I . 18.51 2.28 -29.97
O3' AMP I . 18.34 1.24 -29.02
C2' AMP I . 17.21 2.96 -30.38
O2' AMP I . 16.37 3.17 -29.25
C1' AMP I . 17.72 4.34 -30.84
N9 AMP I . 17.74 4.45 -32.30
C8 AMP I . 17.02 5.49 -32.76
N7 AMP I . 17.13 5.48 -34.11
C5 AMP I . 17.88 4.45 -34.45
C6 AMP I . 18.28 4.00 -35.66
N6 AMP I . 18.05 4.45 -37.01
N1 AMP I . 19.06 2.94 -35.74
C2 AMP I . 19.45 2.30 -34.58
N3 AMP I . 19.04 2.74 -33.39
C4 AMP I . 18.28 3.81 -33.32
#